data_9BGE
#
_entry.id   9BGE
#
_cell.length_a   1.00
_cell.length_b   1.00
_cell.length_c   1.00
_cell.angle_alpha   90.00
_cell.angle_beta   90.00
_cell.angle_gamma   90.00
#
_symmetry.space_group_name_H-M   'P 1'
#
loop_
_entity.id
_entity.type
_entity.pdbx_description
1 polymer 426c.WITO.TM.SOSIP
2 polymer 'Fv domain of heavy chain of mAb 8-24'
3 polymer 'Fv domain of light chain of mAb 8-24'
4 branched 2-acetamido-2-deoxy-beta-D-glucopyranose-(1-4)-2-acetamido-2-deoxy-beta-D-glucopyranose
5 branched alpha-D-mannopyranose-(1-3)-[alpha-D-mannopyranose-(1-6)]beta-D-mannopyranose-(1-4)-2-acetamido-2-deoxy-beta-D-glucopyranose-(1-4)-2-acetamido-2-deoxy-beta-D-glucopyranose
6 branched alpha-D-mannopyranose-(1-2)-alpha-D-mannopyranose-(1-3)-beta-D-mannopyranose-(1-4)-2-acetamido-2-deoxy-beta-D-glucopyranose-(1-4)-2-acetamido-2-deoxy-beta-D-glucopyranose
7 branched alpha-D-mannopyranose-(1-3)-beta-D-mannopyranose-(1-4)-2-acetamido-2-deoxy-beta-D-glucopyranose-(1-4)-2-acetamido-2-deoxy-beta-D-glucopyranose
8 non-polymer 2-acetamido-2-deoxy-beta-D-glucopyranose
#
loop_
_entity_poly.entity_id
_entity_poly.type
_entity_poly.pdbx_seq_one_letter_code
_entity_poly.pdbx_strand_id
1 'polypeptide(L)'
;AENLWVTVYYGVPVWKEAKTTLFCASDAKAYEKEVHNVWATHACVPTDPNPQEVVLENVTENFNMWKNDMVDQMQEDVIS
IWDQSLKPCVKLTPLCVTLHCTNVTISSTNGSTANVTMREEMKNCSFNTTTVIRDKIQKEYALFYKLDIVPIEGKNTNTG
YRLINCNTSTCTQACPKVTFDPIPIHYCAPAGYAILKCNNKTFNGKGPCNNVSTVQCTHGIKPVVSTQLLLNGSLAEEEI
VIRSKNLADNAKIIIVQLNKSVEIVCTRPNNNTRRSIRIGPGQTFYATDIIGDIRQAYCNISGRNWSEAVNQVKKKLKEH
FPHKNISFQSSSGGDLEITTHSFNCGGEFFYCNTSGLFNDTISNATIMLPCRIKQIINMWQEVGKCIYAPPIKGNITCKS
DITGLLLLRDGGNTANNAEIFRPGGGDMRDNWRSELYKYKVVKIEPLGVAPTRCKRRVVGRRRRRRAVGIGAVFLVFLGA
AGSTMGAASMTLTVQARNLLSGIVQQQSNLLRAPEAQQHLLKLTVWGIKQLQARVLAVERYLRDQQLLGIWGCSGKLICC
TNVPWNSSWSNRNLSEIWDNMTWLQWDKEISNYTQIIYGLLEESQNQQEKNEQDLLALD
;
B,C,A
2 'polypeptide(L)'
;QVQLVQSGPEVKEPGASVRVSCKATGYTFTDHFIHWVRQAPGQGLDWMGWINPFRGGTNYPQKFQGRVTMTRDTSFTTAY
MELNRLRSDDTAVYFCARGKNSDYNWDFQHWGQGTLVTVSSASTKGPSVFPLAPSSKSTSGGTAALGCLVKDYFPEPVTV
SWNSGALTSGVHTFPAVLQSSGLYSLSSVVTVPSSSLGTQTYICNVNHKPSNTKVDKRVEPKSCDKTHHHHHH
;
D,F,H
3 'polypeptide(L)'
;DIVMSQSPSSLAVSLGERITLSCKSSLTLIYSYNGENYLAWYQQKPGQSPKLLIYSTSTRESGVPDRFTGSGSGTDFTLT
ISSVKAEDLAVYYCQQYEYFGGGTKLEIKRTVAAPSVFIFPPSDEQLKSGTASVVCLLNNFYPREAKVQWKVDNALQSGN
SQESVTEQDSKDSTYSLSSTLTLSKADYEKHKVYACEVTH
;
E,G,L
#
# COMPACT_ATOMS: atom_id res chain seq x y z
N ASN A 3 12.96 -38.23 44.67
CA ASN A 3 11.77 -38.14 43.76
C ASN A 3 12.18 -37.56 42.41
N LEU A 4 11.18 -37.25 41.59
CA LEU A 4 11.37 -36.57 40.33
C LEU A 4 10.92 -35.12 40.45
N TRP A 5 11.27 -34.34 39.44
CA TRP A 5 10.99 -32.91 39.48
C TRP A 5 10.69 -32.41 38.08
N VAL A 6 9.68 -31.56 37.97
CA VAL A 6 9.41 -30.87 36.72
C VAL A 6 10.69 -30.19 36.27
N THR A 7 11.00 -30.31 34.99
CA THR A 7 12.18 -29.66 34.46
C THR A 7 11.92 -29.26 33.03
N VAL A 8 12.40 -28.07 32.66
CA VAL A 8 12.17 -27.48 31.36
C VAL A 8 13.42 -27.61 30.52
N TYR A 9 13.22 -27.78 29.22
CA TYR A 9 14.31 -27.75 28.24
C TYR A 9 13.89 -26.86 27.11
N TYR A 10 14.79 -26.01 26.66
CA TYR A 10 14.49 -25.03 25.63
C TYR A 10 15.23 -25.38 24.36
N GLY A 11 14.50 -25.53 23.26
CA GLY A 11 15.06 -25.91 21.99
C GLY A 11 14.82 -27.33 21.57
N VAL A 12 13.94 -28.06 22.25
CA VAL A 12 13.75 -29.46 21.88
C VAL A 12 13.30 -29.52 20.43
N PRO A 13 13.77 -30.47 19.64
CA PRO A 13 13.36 -30.57 18.24
C PRO A 13 12.00 -31.25 18.05
N VAL A 14 10.93 -30.47 18.17
CA VAL A 14 9.60 -30.93 17.84
C VAL A 14 8.93 -29.87 16.96
N TRP A 15 7.92 -30.31 16.22
CA TRP A 15 7.28 -29.47 15.23
C TRP A 15 5.80 -29.78 15.18
N LYS A 16 5.07 -28.93 14.47
CA LYS A 16 3.66 -29.17 14.19
C LYS A 16 3.31 -28.47 12.89
N GLU A 17 2.63 -29.18 12.01
CA GLU A 17 2.14 -28.58 10.78
C GLU A 17 1.19 -27.44 11.09
N ALA A 18 1.14 -26.47 10.19
CA ALA A 18 0.24 -25.33 10.34
C ALA A 18 0.39 -24.43 9.13
N LYS A 19 -0.60 -23.57 8.92
CA LYS A 19 -0.54 -22.63 7.82
C LYS A 19 0.56 -21.61 8.08
N THR A 20 1.13 -21.09 7.00
CA THR A 20 2.13 -20.04 7.07
C THR A 20 2.13 -19.30 5.73
N THR A 21 3.17 -18.50 5.50
CA THR A 21 3.29 -17.78 4.24
C THR A 21 4.77 -17.75 3.86
N LEU A 22 5.16 -18.65 2.96
CA LEU A 22 6.52 -18.65 2.44
C LEU A 22 6.76 -17.37 1.64
N PHE A 23 7.96 -17.24 1.09
CA PHE A 23 8.28 -16.06 0.31
C PHE A 23 9.17 -16.44 -0.86
N CYS A 24 9.13 -15.61 -1.89
CA CYS A 24 9.85 -15.86 -3.12
C CYS A 24 11.35 -15.78 -2.90
N ALA A 25 12.09 -16.41 -3.81
CA ALA A 25 13.55 -16.33 -3.84
C ALA A 25 14.00 -16.60 -5.26
N SER A 26 14.67 -15.62 -5.86
CA SER A 26 15.16 -15.69 -7.23
C SER A 26 16.68 -15.59 -7.24
N ASP A 27 17.26 -15.66 -8.43
CA ASP A 27 18.70 -15.60 -8.61
C ASP A 27 19.28 -14.37 -7.89
N VAL A 35 17.28 -8.41 -18.01
CA VAL A 35 17.19 -7.79 -16.69
C VAL A 35 15.92 -6.98 -16.56
N HIS A 36 14.83 -7.49 -17.13
CA HIS A 36 13.55 -6.80 -17.09
C HIS A 36 12.38 -7.73 -16.80
N ASN A 37 12.61 -9.01 -16.56
CA ASN A 37 11.51 -9.94 -16.34
C ASN A 37 10.67 -9.47 -15.15
N VAL A 38 9.51 -10.11 -14.99
CA VAL A 38 8.53 -9.64 -14.02
C VAL A 38 8.92 -10.03 -12.60
N TRP A 39 9.04 -11.34 -12.33
CA TRP A 39 9.11 -11.80 -10.96
C TRP A 39 10.42 -11.35 -10.30
N ALA A 40 11.55 -11.60 -10.96
CA ALA A 40 12.83 -11.23 -10.37
C ALA A 40 12.90 -9.73 -10.14
N THR A 41 12.52 -8.94 -11.14
CA THR A 41 12.53 -7.50 -10.99
C THR A 41 11.52 -7.07 -9.94
N HIS A 42 11.94 -6.17 -9.05
CA HIS A 42 11.05 -5.57 -8.07
C HIS A 42 10.42 -6.62 -7.16
N ALA A 43 11.11 -7.72 -6.91
CA ALA A 43 10.59 -8.76 -6.04
C ALA A 43 11.62 -9.87 -5.90
N CYS A 44 11.43 -10.69 -4.86
CA CYS A 44 12.22 -11.90 -4.65
C CYS A 44 13.64 -11.56 -4.20
N VAL A 45 14.14 -12.29 -3.21
CA VAL A 45 15.48 -12.08 -2.68
C VAL A 45 16.44 -13.05 -3.37
N PRO A 46 17.74 -12.81 -3.35
CA PRO A 46 18.67 -13.77 -3.96
C PRO A 46 18.55 -15.14 -3.33
N THR A 47 18.62 -16.17 -4.16
CA THR A 47 18.48 -17.53 -3.68
C THR A 47 19.73 -17.97 -2.92
N ASP A 48 19.52 -18.90 -1.98
CA ASP A 48 20.65 -19.53 -1.33
C ASP A 48 21.43 -20.35 -2.35
N PRO A 49 22.75 -20.15 -2.48
CA PRO A 49 23.48 -20.92 -3.49
C PRO A 49 23.34 -22.43 -3.33
N ASN A 50 23.30 -22.92 -2.10
CA ASN A 50 23.25 -24.35 -1.86
C ASN A 50 22.16 -24.68 -0.86
N PRO A 51 21.55 -25.87 -0.97
CA PRO A 51 20.58 -26.29 0.05
C PRO A 51 21.30 -26.85 1.27
N GLN A 52 20.97 -26.30 2.44
CA GLN A 52 21.57 -26.81 3.67
C GLN A 52 20.83 -28.07 4.10
N GLU A 53 20.68 -29.01 3.17
CA GLU A 53 19.83 -30.17 3.44
C GLU A 53 20.41 -31.00 4.56
N VAL A 54 19.53 -31.65 5.31
CA VAL A 54 19.89 -32.47 6.45
C VAL A 54 19.04 -33.72 6.44
N VAL A 55 19.66 -34.86 6.71
CA VAL A 55 18.95 -36.13 6.73
C VAL A 55 18.58 -36.47 8.17
N LEU A 56 17.37 -36.98 8.35
CA LEU A 56 16.81 -37.26 9.67
C LEU A 56 16.38 -38.71 9.71
N GLU A 57 17.32 -39.61 10.04
CA GLU A 57 16.94 -41.00 10.20
C GLU A 57 16.18 -41.17 11.51
N ASN A 58 15.72 -42.40 11.75
CA ASN A 58 14.93 -42.71 12.92
C ASN A 58 13.72 -41.79 13.02
N VAL A 59 13.32 -41.21 11.90
CA VAL A 59 12.23 -40.24 11.83
C VAL A 59 11.26 -40.72 10.79
N THR A 60 10.02 -41.00 11.21
CA THR A 60 8.94 -41.36 10.31
C THR A 60 7.90 -40.24 10.34
N GLU A 61 7.19 -40.08 9.23
CA GLU A 61 6.29 -38.95 9.09
C GLU A 61 5.18 -39.34 8.12
N ASN A 62 4.35 -38.36 7.75
CA ASN A 62 3.32 -38.58 6.75
C ASN A 62 3.10 -37.29 5.99
N PHE A 63 2.49 -37.41 4.82
CA PHE A 63 2.22 -36.26 3.97
C PHE A 63 0.85 -36.41 3.33
N ASN A 64 0.27 -35.28 2.95
CA ASN A 64 -0.98 -35.23 2.19
C ASN A 64 -0.77 -34.16 1.12
N MET A 65 -0.26 -34.58 -0.04
CA MET A 65 0.02 -33.62 -1.10
C MET A 65 -1.26 -32.93 -1.55
N TRP A 66 -2.36 -33.65 -1.66
CA TRP A 66 -3.60 -33.05 -2.14
C TRP A 66 -4.03 -31.89 -1.25
N LYS A 67 -4.34 -32.18 0.00
CA LYS A 67 -4.73 -31.13 0.95
C LYS A 67 -3.45 -30.47 1.43
N ASN A 68 -3.02 -29.46 0.68
CA ASN A 68 -1.77 -28.76 0.94
C ASN A 68 -2.00 -27.25 0.83
N ASP A 69 -1.15 -26.48 1.50
CA ASP A 69 -1.26 -25.04 1.52
C ASP A 69 -0.30 -24.34 0.56
N MET A 70 0.88 -24.92 0.32
CA MET A 70 1.85 -24.24 -0.53
C MET A 70 1.30 -24.00 -1.92
N VAL A 71 0.72 -25.04 -2.52
CA VAL A 71 0.19 -24.91 -3.89
C VAL A 71 -0.79 -23.76 -3.95
N ASP A 72 -1.88 -23.87 -3.18
CA ASP A 72 -2.85 -22.78 -3.12
C ASP A 72 -2.17 -21.47 -2.79
N GLN A 73 -1.26 -21.45 -1.81
CA GLN A 73 -0.62 -20.19 -1.44
C GLN A 73 -0.03 -19.51 -2.65
N MET A 74 0.78 -20.23 -3.41
CA MET A 74 1.46 -19.63 -4.55
C MET A 74 0.51 -19.38 -5.71
N GLN A 75 -0.66 -20.01 -5.71
CA GLN A 75 -1.61 -19.77 -6.78
C GLN A 75 -1.92 -18.29 -6.92
N GLU A 76 -2.55 -17.71 -5.88
CA GLU A 76 -2.90 -16.30 -5.94
C GLU A 76 -1.66 -15.43 -6.04
N ASP A 77 -0.52 -15.92 -5.58
CA ASP A 77 0.71 -15.14 -5.73
C ASP A 77 1.06 -14.96 -7.20
N VAL A 78 1.02 -16.06 -7.97
CA VAL A 78 1.25 -15.96 -9.41
C VAL A 78 0.20 -15.05 -10.04
N ILE A 79 -1.05 -15.23 -9.64
CA ILE A 79 -2.11 -14.40 -10.21
C ILE A 79 -1.80 -12.93 -9.98
N SER A 80 -1.42 -12.59 -8.75
CA SER A 80 -1.24 -11.19 -8.39
C SER A 80 -0.03 -10.59 -9.10
N ILE A 81 1.07 -11.33 -9.15
CA ILE A 81 2.24 -10.81 -9.86
C ILE A 81 1.89 -10.58 -11.32
N TRP A 82 1.18 -11.53 -11.93
CA TRP A 82 0.74 -11.38 -13.31
C TRP A 82 -0.06 -10.11 -13.50
N ASP A 83 -1.10 -9.94 -12.68
CA ASP A 83 -1.98 -8.79 -12.85
C ASP A 83 -1.24 -7.49 -12.63
N GLN A 84 -0.43 -7.42 -11.57
CA GLN A 84 0.31 -6.19 -11.30
C GLN A 84 1.22 -5.84 -12.44
N SER A 85 1.95 -6.83 -12.96
CA SER A 85 2.81 -6.58 -14.12
C SER A 85 2.00 -6.04 -15.28
N LEU A 86 0.78 -6.54 -15.46
CA LEU A 86 -0.06 -6.04 -16.54
C LEU A 86 -0.70 -4.69 -16.21
N LYS A 87 -0.61 -4.24 -14.96
CA LYS A 87 -1.35 -3.04 -14.56
C LYS A 87 -0.96 -1.81 -15.38
N PRO A 88 0.32 -1.46 -15.55
CA PRO A 88 0.65 -0.18 -16.17
C PRO A 88 0.48 -0.13 -17.68
N CYS A 89 0.26 -1.26 -18.33
CA CYS A 89 0.21 -1.26 -19.78
C CYS A 89 -1.05 -0.57 -20.27
N VAL A 90 -1.06 -0.28 -21.58
CA VAL A 90 -2.10 0.53 -22.19
C VAL A 90 -3.38 -0.28 -22.33
N LYS A 91 -4.50 0.33 -21.98
CA LYS A 91 -5.80 -0.29 -22.22
C LYS A 91 -6.24 -0.06 -23.66
N LEU A 92 -6.77 -1.09 -24.29
CA LEU A 92 -7.17 -1.06 -25.69
C LEU A 92 -8.65 -0.70 -25.86
N THR A 93 -9.21 0.05 -24.94
CA THR A 93 -10.65 0.32 -24.91
C THR A 93 -11.20 0.85 -26.23
N PRO A 94 -10.61 1.90 -26.81
CA PRO A 94 -11.27 2.55 -27.96
C PRO A 94 -11.43 1.64 -29.16
N LEU A 95 -10.70 0.54 -29.22
CA LEU A 95 -10.72 -0.30 -30.42
C LEU A 95 -12.06 -0.99 -30.62
N CYS A 96 -12.96 -0.97 -29.65
CA CYS A 96 -14.23 -1.65 -29.79
C CYS A 96 -15.11 -0.90 -30.77
N VAL A 97 -14.72 -0.89 -32.04
CA VAL A 97 -15.41 -0.12 -33.08
C VAL A 97 -15.70 -1.05 -34.25
N THR A 98 -16.69 -0.66 -35.04
CA THR A 98 -17.08 -1.45 -36.20
C THR A 98 -15.85 -1.91 -36.96
N LEU A 99 -15.93 -3.12 -37.52
CA LEU A 99 -14.80 -3.75 -38.21
C LEU A 99 -15.26 -4.21 -39.58
N HIS A 100 -14.98 -3.41 -40.60
CA HIS A 100 -15.33 -3.79 -41.97
C HIS A 100 -14.24 -4.71 -42.51
N CYS A 101 -14.58 -5.97 -42.74
CA CYS A 101 -13.58 -7.01 -42.94
C CYS A 101 -13.76 -7.70 -44.27
N THR A 102 -12.68 -8.33 -44.73
CA THR A 102 -12.65 -9.11 -45.95
C THR A 102 -11.69 -10.27 -45.75
N ASN A 103 -11.47 -11.03 -46.83
CA ASN A 103 -10.61 -12.20 -46.77
C ASN A 103 -9.15 -11.80 -46.92
N VAL A 104 -8.29 -12.49 -46.18
CA VAL A 104 -6.87 -12.15 -46.11
C VAL A 104 -6.17 -12.52 -47.41
N THR A 105 -4.92 -12.10 -47.55
CA THR A 105 -4.04 -12.53 -48.63
C THR A 105 -4.23 -11.67 -49.87
N ILE A 106 -3.20 -11.64 -50.72
CA ILE A 106 -3.27 -10.95 -52.00
C ILE A 106 -2.76 -11.88 -53.10
N SER A 107 -2.17 -13.01 -52.70
CA SER A 107 -1.64 -13.97 -53.67
C SER A 107 -1.53 -15.36 -53.04
N MET A 118 -10.16 -19.63 -49.25
CA MET A 118 -10.40 -18.30 -48.69
C MET A 118 -9.64 -18.15 -47.37
N ARG A 119 -9.10 -19.26 -46.86
CA ARG A 119 -8.24 -19.24 -45.69
C ARG A 119 -8.91 -18.51 -44.53
N GLU A 120 -10.00 -19.09 -44.05
CA GLU A 120 -10.79 -18.48 -42.98
C GLU A 120 -10.08 -18.54 -41.64
N GLU A 121 -8.83 -19.02 -41.63
CA GLU A 121 -8.05 -19.02 -40.40
C GLU A 121 -7.79 -17.59 -39.92
N MET A 122 -7.71 -16.64 -40.85
CA MET A 122 -7.50 -15.24 -40.51
C MET A 122 -8.28 -14.37 -41.47
N LYS A 123 -8.79 -13.26 -40.96
CA LYS A 123 -9.53 -12.29 -41.76
C LYS A 123 -8.84 -10.94 -41.71
N ASN A 124 -8.84 -10.24 -42.83
CA ASN A 124 -8.32 -8.89 -42.89
C ASN A 124 -9.45 -7.93 -42.56
N CYS A 125 -9.09 -6.76 -42.02
CA CYS A 125 -10.12 -5.81 -41.60
C CYS A 125 -9.60 -4.39 -41.72
N SER A 126 -10.54 -3.46 -41.75
CA SER A 126 -10.25 -2.03 -41.74
C SER A 126 -11.37 -1.33 -40.99
N PHE A 127 -11.07 -0.11 -40.55
CA PHE A 127 -11.98 0.54 -39.61
C PHE A 127 -11.54 1.98 -39.40
N ASN A 128 -12.52 2.83 -39.10
CA ASN A 128 -12.23 4.16 -38.62
C ASN A 128 -11.64 4.08 -37.21
N THR A 129 -10.92 5.13 -36.82
CA THR A 129 -10.37 5.18 -35.48
C THR A 129 -9.83 6.57 -35.23
N THR A 130 -9.36 6.78 -33.99
CA THR A 130 -8.95 8.08 -33.51
C THR A 130 -7.46 8.28 -33.63
N THR A 131 -7.08 9.47 -34.10
CA THR A 131 -5.68 9.87 -34.20
C THR A 131 -5.24 10.41 -32.85
N VAL A 132 -4.10 11.10 -32.84
CA VAL A 132 -3.70 11.85 -31.67
C VAL A 132 -4.72 12.93 -31.36
N ILE A 133 -5.24 13.58 -32.39
CA ILE A 133 -6.21 14.66 -32.21
C ILE A 133 -7.60 14.08 -32.09
N ARG A 134 -8.40 14.65 -31.20
CA ARG A 134 -9.75 14.13 -30.96
C ARG A 134 -10.57 14.17 -32.24
N ASP A 135 -10.56 15.31 -32.93
CA ASP A 135 -11.46 15.50 -34.06
C ASP A 135 -10.88 15.02 -35.37
N LYS A 136 -9.67 14.46 -35.36
CA LYS A 136 -9.08 13.86 -36.55
C LYS A 136 -9.27 12.34 -36.47
N ILE A 137 -9.96 11.79 -37.45
CA ILE A 137 -10.25 10.36 -37.51
C ILE A 137 -9.63 9.80 -38.78
N GLN A 138 -9.02 8.63 -38.67
CA GLN A 138 -8.35 8.02 -39.81
C GLN A 138 -8.79 6.56 -39.95
N LYS A 139 -8.82 6.10 -41.19
CA LYS A 139 -9.01 4.69 -41.46
C LYS A 139 -7.72 3.93 -41.20
N GLU A 140 -7.85 2.64 -40.91
CA GLU A 140 -6.69 1.83 -40.56
C GLU A 140 -7.07 0.36 -40.68
N TYR A 141 -6.14 -0.44 -41.20
CA TYR A 141 -6.36 -1.86 -41.42
C TYR A 141 -5.51 -2.70 -40.47
N ALA A 142 -5.87 -3.96 -40.38
CA ALA A 142 -5.16 -4.93 -39.54
C ALA A 142 -5.71 -6.32 -39.84
N LEU A 143 -4.84 -7.31 -39.69
CA LEU A 143 -5.20 -8.71 -39.88
C LEU A 143 -5.40 -9.37 -38.53
N PHE A 144 -6.38 -10.27 -38.45
CA PHE A 144 -6.69 -10.94 -37.20
C PHE A 144 -6.90 -12.42 -37.47
N TYR A 145 -6.66 -13.23 -36.44
CA TYR A 145 -7.11 -14.61 -36.47
C TYR A 145 -8.61 -14.64 -36.27
N LYS A 146 -9.28 -15.53 -36.99
CA LYS A 146 -10.74 -15.53 -36.98
C LYS A 146 -11.29 -15.70 -35.57
N LEU A 147 -10.48 -16.20 -34.63
CA LEU A 147 -10.98 -16.47 -33.29
C LEU A 147 -11.53 -15.22 -32.63
N ASP A 148 -10.68 -14.22 -32.40
CA ASP A 148 -11.11 -13.08 -31.59
C ASP A 148 -12.18 -12.24 -32.28
N ILE A 149 -12.32 -12.36 -33.60
CA ILE A 149 -13.33 -11.58 -34.31
C ILE A 149 -14.68 -12.28 -34.20
N VAL A 150 -15.74 -11.48 -34.23
CA VAL A 150 -17.10 -12.02 -34.22
C VAL A 150 -17.97 -11.17 -35.11
N PRO A 151 -19.03 -11.75 -35.67
CA PRO A 151 -20.00 -10.92 -36.38
C PRO A 151 -20.56 -9.84 -35.47
N ILE A 152 -20.75 -8.65 -36.04
CA ILE A 152 -21.30 -7.54 -35.26
C ILE A 152 -22.61 -7.94 -34.62
N GLU A 153 -23.48 -8.57 -35.41
CA GLU A 153 -24.74 -9.11 -34.92
C GLU A 153 -25.20 -10.18 -35.91
N GLY A 154 -26.35 -10.77 -35.62
CA GLY A 154 -27.03 -11.59 -36.59
C GLY A 154 -27.79 -10.71 -37.55
N LYS A 155 -27.09 -9.80 -38.21
CA LYS A 155 -27.69 -8.76 -39.02
C LYS A 155 -26.94 -8.69 -40.34
N ASN A 156 -27.42 -7.83 -41.25
CA ASN A 156 -26.80 -7.64 -42.54
C ASN A 156 -25.42 -6.99 -42.36
N THR A 157 -24.77 -6.65 -43.47
CA THR A 157 -23.39 -6.17 -43.44
C THR A 157 -22.46 -7.25 -42.90
N ASN A 158 -22.39 -8.35 -43.65
CA ASN A 158 -21.52 -9.45 -43.27
C ASN A 158 -20.09 -9.00 -43.08
N THR A 159 -19.68 -7.94 -43.78
CA THR A 159 -18.38 -7.35 -43.52
C THR A 159 -18.26 -6.83 -42.09
N GLY A 160 -19.38 -6.55 -41.44
CA GLY A 160 -19.38 -6.03 -40.09
C GLY A 160 -18.94 -7.04 -39.05
N TYR A 161 -18.04 -6.63 -38.16
CA TYR A 161 -17.59 -7.49 -37.09
C TYR A 161 -17.13 -6.63 -35.92
N ARG A 162 -16.98 -7.29 -34.77
CA ARG A 162 -16.51 -6.65 -33.56
C ARG A 162 -15.59 -7.62 -32.83
N LEU A 163 -14.73 -7.07 -31.98
CA LEU A 163 -13.90 -7.93 -31.15
C LEU A 163 -14.77 -8.73 -30.19
N ILE A 164 -14.29 -9.92 -29.83
CA ILE A 164 -15.09 -10.82 -29.01
C ILE A 164 -15.42 -10.19 -27.67
N ASN A 165 -14.42 -9.63 -27.01
CA ASN A 165 -14.57 -9.24 -25.62
C ASN A 165 -15.55 -8.08 -25.45
N CYS A 166 -15.66 -7.21 -26.45
CA CYS A 166 -16.32 -5.93 -26.27
C CYS A 166 -17.71 -6.09 -25.66
N ASN A 167 -18.51 -7.01 -26.18
CA ASN A 167 -19.82 -7.23 -25.60
C ASN A 167 -19.73 -7.86 -24.22
N THR A 168 -18.54 -8.28 -23.79
CA THR A 168 -18.33 -8.86 -22.48
C THR A 168 -17.53 -7.93 -21.57
N SER A 169 -16.37 -7.48 -22.02
CA SER A 169 -15.53 -6.61 -21.20
C SER A 169 -14.36 -6.14 -22.05
N THR A 170 -13.54 -5.27 -21.47
CA THR A 170 -12.36 -4.77 -22.15
C THR A 170 -11.17 -5.69 -21.90
N CYS A 171 -10.05 -5.36 -22.54
CA CYS A 171 -8.82 -6.12 -22.38
C CYS A 171 -7.66 -5.13 -22.39
N THR A 172 -6.44 -5.64 -22.36
CA THR A 172 -5.26 -4.81 -22.27
C THR A 172 -4.17 -5.34 -23.18
N GLN A 173 -3.44 -4.43 -23.80
CA GLN A 173 -2.25 -4.79 -24.56
C GLN A 173 -1.06 -4.84 -23.61
N ALA A 174 -0.50 -6.03 -23.43
CA ALA A 174 0.62 -6.19 -22.51
C ALA A 174 1.77 -5.29 -22.92
N CYS A 175 2.48 -4.77 -21.93
CA CYS A 175 3.65 -3.94 -22.19
C CYS A 175 4.62 -4.74 -23.04
N PRO A 176 5.04 -4.25 -24.20
CA PRO A 176 5.84 -5.10 -25.09
C PRO A 176 7.09 -5.66 -24.44
N LYS A 177 7.73 -4.89 -23.57
CA LYS A 177 9.04 -5.30 -23.05
C LYS A 177 8.93 -6.55 -22.19
N VAL A 178 7.89 -6.65 -21.36
CA VAL A 178 7.80 -7.77 -20.43
C VAL A 178 7.72 -9.09 -21.19
N THR A 179 8.21 -10.14 -20.55
CA THR A 179 8.20 -11.49 -21.12
C THR A 179 7.73 -12.47 -20.06
N PHE A 180 7.42 -13.69 -20.51
CA PHE A 180 6.80 -14.70 -19.67
C PHE A 180 7.68 -15.92 -19.45
N ASP A 181 8.95 -15.84 -19.80
CA ASP A 181 9.84 -16.97 -19.61
C ASP A 181 9.82 -17.40 -18.15
N PRO A 182 9.21 -18.53 -17.81
CA PRO A 182 9.10 -18.92 -16.41
C PRO A 182 10.44 -19.11 -15.73
N ILE A 183 10.74 -18.27 -14.75
CA ILE A 183 11.97 -18.35 -13.99
C ILE A 183 11.86 -19.49 -12.99
N PRO A 184 12.92 -20.26 -12.73
CA PRO A 184 12.82 -21.34 -11.73
C PRO A 184 12.75 -20.80 -10.32
N ILE A 185 11.57 -20.30 -9.94
CA ILE A 185 11.42 -19.65 -8.64
C ILE A 185 11.69 -20.63 -7.52
N HIS A 186 12.23 -20.11 -6.42
CA HIS A 186 12.38 -20.85 -5.19
C HIS A 186 11.47 -20.27 -4.12
N TYR A 187 11.08 -21.09 -3.16
CA TYR A 187 10.31 -20.64 -2.02
C TYR A 187 11.08 -20.93 -0.74
N CYS A 188 11.11 -19.94 0.14
CA CYS A 188 11.81 -20.06 1.41
C CYS A 188 10.84 -19.78 2.54
N ALA A 189 10.97 -20.53 3.62
CA ALA A 189 10.11 -20.40 4.77
C ALA A 189 10.68 -19.40 5.76
N PRO A 190 9.84 -18.84 6.62
CA PRO A 190 10.32 -17.92 7.65
C PRO A 190 10.86 -18.67 8.87
N ALA A 191 11.69 -17.95 9.63
CA ALA A 191 12.31 -18.54 10.80
C ALA A 191 11.26 -19.15 11.71
N GLY A 192 11.66 -20.17 12.47
CA GLY A 192 10.74 -20.93 13.27
C GLY A 192 9.91 -21.92 12.48
N TYR A 193 10.21 -22.11 11.20
CA TYR A 193 9.49 -23.04 10.36
C TYR A 193 10.48 -23.80 9.50
N ALA A 194 10.12 -25.03 9.15
CA ALA A 194 10.99 -25.93 8.43
C ALA A 194 10.23 -26.57 7.28
N ILE A 195 10.98 -26.85 6.21
CA ILE A 195 10.47 -27.44 4.99
C ILE A 195 11.04 -28.84 4.86
N LEU A 196 10.17 -29.82 4.69
CA LEU A 196 10.55 -31.22 4.71
C LEU A 196 10.32 -31.85 3.34
N LYS A 197 11.22 -32.76 2.96
CA LYS A 197 11.11 -33.51 1.72
C LYS A 197 11.09 -34.99 2.03
N CYS A 198 10.13 -35.71 1.44
CA CYS A 198 10.10 -37.16 1.52
C CYS A 198 11.05 -37.72 0.47
N ASN A 199 12.16 -38.31 0.92
CA ASN A 199 13.19 -38.77 0.01
C ASN A 199 12.69 -39.92 -0.86
N ASN A 200 11.87 -40.80 -0.30
CA ASN A 200 11.34 -41.93 -1.05
C ASN A 200 10.84 -41.48 -2.41
N LYS A 201 11.34 -42.11 -3.46
CA LYS A 201 11.01 -41.71 -4.82
C LYS A 201 9.78 -42.42 -5.37
N THR A 202 9.08 -43.19 -4.55
CA THR A 202 7.86 -43.87 -4.97
C THR A 202 6.73 -43.59 -4.00
N PHE A 203 6.64 -42.34 -3.54
CA PHE A 203 5.59 -41.94 -2.62
C PHE A 203 4.33 -41.58 -3.40
N ASN A 204 3.21 -42.18 -3.00
CA ASN A 204 1.96 -41.96 -3.72
C ASN A 204 1.52 -40.51 -3.68
N GLY A 205 2.03 -39.72 -2.73
CA GLY A 205 1.61 -38.36 -2.54
C GLY A 205 0.69 -38.15 -1.36
N LYS A 206 0.08 -39.21 -0.85
CA LYS A 206 -0.72 -39.15 0.37
C LYS A 206 -0.44 -40.42 1.16
N GLY A 207 0.33 -40.29 2.24
CA GLY A 207 0.64 -41.43 3.05
C GLY A 207 1.91 -41.25 3.87
N PRO A 208 2.32 -42.31 4.57
CA PRO A 208 3.53 -42.24 5.37
C PRO A 208 4.80 -42.17 4.54
N CYS A 209 5.84 -41.66 5.17
CA CYS A 209 7.18 -41.60 4.59
C CYS A 209 8.19 -41.92 5.69
N ASN A 210 9.33 -42.48 5.27
CA ASN A 210 10.32 -42.94 6.24
C ASN A 210 11.67 -42.26 6.05
N ASN A 211 12.10 -42.06 4.80
CA ASN A 211 13.34 -41.37 4.52
C ASN A 211 13.00 -39.91 4.25
N VAL A 212 13.31 -39.05 5.21
CA VAL A 212 12.91 -37.64 5.18
C VAL A 212 14.13 -36.77 5.38
N SER A 213 14.19 -35.67 4.64
CA SER A 213 15.22 -34.66 4.81
C SER A 213 14.56 -33.30 5.01
N THR A 214 15.37 -32.31 5.33
CA THR A 214 14.85 -30.97 5.62
C THR A 214 15.75 -29.94 4.96
N VAL A 215 15.13 -28.96 4.31
CA VAL A 215 15.85 -27.88 3.65
C VAL A 215 15.20 -26.57 4.01
N GLN A 216 15.86 -25.47 3.62
CA GLN A 216 15.39 -24.14 3.95
C GLN A 216 14.64 -23.48 2.80
N CYS A 217 15.01 -23.78 1.56
CA CYS A 217 14.37 -23.17 0.40
C CYS A 217 14.03 -24.24 -0.62
N THR A 218 12.91 -24.05 -1.31
CA THR A 218 12.46 -24.97 -2.32
C THR A 218 13.33 -24.86 -3.56
N HIS A 219 13.52 -25.99 -4.25
CA HIS A 219 14.30 -25.98 -5.47
C HIS A 219 13.61 -25.13 -6.53
N GLY A 220 14.38 -24.52 -7.41
CA GLY A 220 13.82 -23.65 -8.43
C GLY A 220 12.72 -24.31 -9.23
N ILE A 221 11.49 -23.85 -9.05
CA ILE A 221 10.34 -24.36 -9.78
C ILE A 221 9.89 -23.28 -10.76
N LYS A 222 9.68 -23.66 -12.01
CA LYS A 222 9.25 -22.66 -12.97
C LYS A 222 7.73 -22.49 -12.91
N PRO A 223 7.23 -21.27 -12.88
CA PRO A 223 5.77 -21.07 -12.91
C PRO A 223 5.22 -21.25 -14.32
N VAL A 224 5.09 -22.51 -14.72
CA VAL A 224 4.66 -22.85 -16.07
C VAL A 224 3.17 -23.13 -16.07
N VAL A 225 2.54 -22.92 -17.22
CA VAL A 225 1.12 -23.12 -17.40
C VAL A 225 0.91 -23.98 -18.64
N SER A 226 0.03 -24.97 -18.53
CA SER A 226 -0.29 -25.81 -19.67
C SER A 226 -1.52 -26.64 -19.36
N THR A 227 -2.10 -27.21 -20.40
CA THR A 227 -3.26 -28.10 -20.29
C THR A 227 -2.95 -29.39 -21.02
N GLN A 228 -3.18 -30.53 -20.36
CA GLN A 228 -2.96 -31.86 -20.90
C GLN A 228 -1.49 -32.22 -20.96
N LEU A 229 -0.59 -31.28 -20.68
CA LEU A 229 0.84 -31.55 -20.77
C LEU A 229 1.55 -30.83 -19.63
N LEU A 230 2.72 -31.37 -19.27
CA LEU A 230 3.59 -30.80 -18.24
C LEU A 230 4.91 -30.48 -18.91
N LEU A 231 5.01 -29.32 -19.53
CA LEU A 231 6.21 -28.98 -20.27
C LEU A 231 7.36 -28.73 -19.31
N ASN A 232 8.50 -29.34 -19.59
CA ASN A 232 9.66 -29.25 -18.71
C ASN A 232 9.21 -29.77 -17.34
N GLY A 233 9.66 -29.18 -16.26
CA GLY A 233 9.36 -29.71 -14.93
C GLY A 233 10.44 -30.68 -14.45
N SER A 234 10.11 -31.96 -14.38
CA SER A 234 11.11 -32.95 -13.99
C SER A 234 10.51 -34.35 -14.13
N LEU A 235 11.39 -35.33 -14.30
CA LEU A 235 11.00 -36.73 -14.36
C LEU A 235 11.02 -37.35 -12.97
N ALA A 236 10.51 -38.57 -12.89
CA ALA A 236 10.63 -39.39 -11.69
C ALA A 236 11.69 -40.44 -11.97
N GLU A 237 12.90 -40.21 -11.46
CA GLU A 237 14.05 -41.03 -11.84
C GLU A 237 13.78 -42.51 -11.60
N GLU A 238 12.96 -42.84 -10.61
CA GLU A 238 12.74 -44.24 -10.28
C GLU A 238 11.98 -44.96 -11.38
N GLU A 239 10.74 -44.55 -11.64
CA GLU A 239 9.91 -45.19 -12.64
C GLU A 239 8.78 -44.24 -13.03
N ILE A 240 7.80 -44.75 -13.77
CA ILE A 240 6.59 -43.99 -14.02
C ILE A 240 5.78 -43.91 -12.73
N VAL A 241 5.27 -42.72 -12.43
CA VAL A 241 4.57 -42.47 -11.19
C VAL A 241 3.11 -42.16 -11.51
N ILE A 242 2.20 -42.69 -10.69
CA ILE A 242 0.78 -42.41 -10.80
C ILE A 242 0.29 -41.96 -9.43
N ARG A 243 -0.46 -40.86 -9.39
CA ARG A 243 -1.01 -40.45 -8.10
C ARG A 243 -2.32 -39.69 -8.30
N SER A 244 -3.23 -39.89 -7.35
CA SER A 244 -4.54 -39.27 -7.35
C SER A 244 -5.03 -39.20 -5.92
N LYS A 245 -5.90 -38.23 -5.64
CA LYS A 245 -6.53 -38.18 -4.34
C LYS A 245 -7.24 -39.49 -4.05
N ASN A 246 -7.98 -39.99 -5.03
CA ASN A 246 -8.53 -41.34 -4.94
C ASN A 246 -8.89 -41.79 -6.35
N LEU A 247 -8.09 -42.69 -6.91
CA LEU A 247 -8.35 -43.14 -8.27
C LEU A 247 -9.70 -43.83 -8.40
N ALA A 248 -10.28 -44.29 -7.29
CA ALA A 248 -11.61 -44.89 -7.37
C ALA A 248 -12.64 -43.86 -7.82
N ASP A 249 -12.53 -42.64 -7.33
CA ASP A 249 -13.52 -41.60 -7.61
C ASP A 249 -13.19 -41.00 -8.96
N ASN A 250 -13.91 -41.43 -9.99
CA ASN A 250 -13.56 -41.04 -11.35
C ASN A 250 -13.39 -39.53 -11.45
N ALA A 251 -14.24 -38.78 -10.76
CA ALA A 251 -14.20 -37.33 -10.87
C ALA A 251 -12.83 -36.80 -10.48
N LYS A 252 -12.28 -37.27 -9.38
CA LYS A 252 -11.00 -36.76 -8.91
C LYS A 252 -9.94 -36.95 -9.98
N ILE A 253 -9.11 -35.92 -10.16
CA ILE A 253 -8.12 -35.93 -11.22
C ILE A 253 -7.05 -36.97 -10.94
N ILE A 254 -6.43 -37.46 -12.01
CA ILE A 254 -5.28 -38.35 -11.93
C ILE A 254 -4.10 -37.64 -12.57
N ILE A 255 -2.91 -37.81 -12.00
CA ILE A 255 -1.70 -37.25 -12.58
C ILE A 255 -0.69 -38.37 -12.74
N VAL A 256 -0.04 -38.41 -13.91
CA VAL A 256 0.95 -39.44 -14.19
C VAL A 256 2.23 -38.74 -14.64
N GLN A 257 3.33 -39.08 -13.98
CA GLN A 257 4.63 -38.51 -14.27
C GLN A 257 5.51 -39.54 -14.96
N LEU A 258 6.14 -39.12 -16.04
CA LEU A 258 7.02 -39.97 -16.83
C LEU A 258 8.41 -39.99 -16.23
N ASN A 259 9.13 -41.09 -16.47
CA ASN A 259 10.54 -41.17 -16.11
C ASN A 259 11.45 -41.15 -17.33
N LYS A 260 10.93 -40.65 -18.46
CA LYS A 260 11.73 -40.53 -19.68
C LYS A 260 11.14 -39.37 -20.47
N SER A 261 11.75 -38.20 -20.35
CA SER A 261 11.20 -37.01 -20.97
C SER A 261 11.15 -37.18 -22.48
N VAL A 262 10.05 -36.72 -23.08
CA VAL A 262 9.82 -36.91 -24.51
C VAL A 262 9.93 -35.55 -25.19
N GLU A 263 10.84 -35.45 -26.15
CA GLU A 263 11.04 -34.20 -26.85
C GLU A 263 9.82 -33.88 -27.71
N ILE A 264 9.64 -32.60 -27.99
CA ILE A 264 8.57 -32.12 -28.86
C ILE A 264 8.95 -30.71 -29.29
N VAL A 265 8.43 -30.30 -30.46
CA VAL A 265 8.69 -28.95 -30.95
C VAL A 265 7.42 -28.41 -31.57
N CYS A 266 7.35 -27.08 -31.64
CA CYS A 266 6.24 -26.42 -32.31
C CYS A 266 6.76 -25.12 -32.88
N THR A 267 6.08 -24.62 -33.91
CA THR A 267 6.54 -23.41 -34.56
C THR A 267 5.40 -22.77 -35.33
N ARG A 268 5.59 -21.47 -35.60
CA ARG A 268 4.71 -20.67 -36.44
C ARG A 268 5.46 -20.32 -37.72
N PRO A 269 5.29 -21.09 -38.80
CA PRO A 269 6.05 -20.83 -40.03
C PRO A 269 5.49 -19.65 -40.80
N ASN A 270 5.71 -18.45 -40.26
CA ASN A 270 5.25 -17.23 -40.89
C ASN A 270 6.21 -16.10 -40.54
N ASN A 271 6.27 -15.11 -41.42
CA ASN A 271 7.12 -13.95 -41.23
C ASN A 271 6.22 -12.76 -40.90
N ASN A 272 6.20 -12.37 -39.63
CA ASN A 272 5.24 -11.40 -39.13
C ASN A 272 5.95 -10.14 -38.65
N THR A 273 5.17 -9.06 -38.55
CA THR A 273 5.68 -7.79 -38.08
C THR A 273 4.49 -6.90 -37.73
N ARG A 274 4.75 -5.95 -36.84
CA ARG A 274 3.69 -5.16 -36.23
C ARG A 274 3.68 -3.74 -36.77
N ARG A 275 2.47 -3.24 -36.97
CA ARG A 275 2.22 -1.86 -37.39
C ARG A 275 1.71 -1.11 -36.16
N SER A 276 2.48 -0.14 -35.70
CA SER A 276 2.08 0.63 -34.53
C SER A 276 1.11 1.73 -34.94
N ILE A 277 0.04 1.86 -34.17
CA ILE A 277 -1.02 2.82 -34.46
C ILE A 277 -1.23 3.64 -33.20
N ARG A 278 -0.99 4.94 -33.27
CA ARG A 278 -1.21 5.80 -32.13
C ARG A 278 -2.71 5.99 -31.96
N ILE A 279 -3.34 5.14 -31.14
CA ILE A 279 -4.77 5.27 -30.94
C ILE A 279 -5.07 6.58 -30.22
N GLY A 280 -4.26 6.93 -29.23
CA GLY A 280 -4.45 8.14 -28.45
C GLY A 280 -3.14 8.85 -28.22
N PRO A 281 -3.18 9.91 -27.44
CA PRO A 281 -1.96 10.71 -27.20
C PRO A 281 -0.97 10.00 -26.29
N GLY A 282 -0.15 9.15 -26.88
CA GLY A 282 0.83 8.39 -26.15
C GLY A 282 0.48 6.93 -25.96
N GLN A 283 -0.55 6.43 -26.64
CA GLN A 283 -1.04 5.07 -26.44
C GLN A 283 -1.11 4.41 -27.80
N THR A 284 -0.31 3.36 -27.99
CA THR A 284 -0.07 2.81 -29.31
C THR A 284 -0.45 1.33 -29.33
N PHE A 285 -1.39 0.99 -30.20
CA PHE A 285 -1.73 -0.39 -30.47
C PHE A 285 -0.73 -0.96 -31.48
N TYR A 286 -0.65 -2.30 -31.51
CA TYR A 286 0.31 -3.01 -32.36
C TYR A 286 -0.43 -4.01 -33.23
N ALA A 287 -0.90 -3.56 -34.39
CA ALA A 287 -1.64 -4.43 -35.29
C ALA A 287 -0.71 -5.45 -35.94
N THR A 288 -1.26 -6.63 -36.20
CA THR A 288 -0.51 -7.70 -36.84
C THR A 288 -0.40 -7.46 -38.34
N ASP A 289 0.69 -7.93 -38.93
CA ASP A 289 0.82 -7.93 -40.37
C ASP A 289 1.81 -8.99 -40.78
N ILE A 290 1.71 -9.41 -42.05
CA ILE A 290 2.48 -10.52 -42.57
C ILE A 290 3.29 -10.03 -43.76
N ILE A 291 4.41 -10.69 -44.01
CA ILE A 291 5.26 -10.36 -45.15
C ILE A 291 4.93 -11.30 -46.30
N GLY A 292 5.15 -12.60 -46.10
CA GLY A 292 5.00 -13.59 -47.14
C GLY A 292 3.64 -14.25 -47.12
N ASP A 293 3.62 -15.52 -47.53
CA ASP A 293 2.38 -16.29 -47.51
C ASP A 293 2.01 -16.64 -46.07
N ILE A 294 0.94 -17.40 -45.91
CA ILE A 294 0.40 -17.72 -44.58
C ILE A 294 0.30 -19.23 -44.45
N ARG A 295 0.96 -19.78 -43.44
CA ARG A 295 0.93 -21.21 -43.16
C ARG A 295 0.64 -21.41 -41.67
N GLN A 296 -0.46 -22.09 -41.38
CA GLN A 296 -0.86 -22.31 -39.99
C GLN A 296 0.24 -23.02 -39.22
N ALA A 297 0.43 -22.60 -37.97
CA ALA A 297 1.45 -23.17 -37.11
C ALA A 297 1.22 -24.67 -36.95
N TYR A 298 2.22 -25.35 -36.38
CA TYR A 298 2.13 -26.80 -36.23
C TYR A 298 3.22 -27.25 -35.26
N CYS A 299 3.38 -28.57 -35.15
CA CYS A 299 4.31 -29.17 -34.20
C CYS A 299 4.95 -30.40 -34.83
N ASN A 300 5.88 -30.99 -34.07
CA ASN A 300 6.55 -32.23 -34.43
C ASN A 300 6.84 -33.00 -33.16
N ILE A 301 6.69 -34.33 -33.24
CA ILE A 301 6.97 -35.21 -32.11
C ILE A 301 7.33 -36.58 -32.66
N SER A 302 8.24 -37.26 -31.97
CA SER A 302 8.72 -38.60 -32.36
C SER A 302 7.82 -39.64 -31.74
N GLY A 303 6.69 -39.92 -32.41
CA GLY A 303 5.76 -40.89 -31.87
C GLY A 303 6.41 -42.23 -31.59
N ARG A 304 7.44 -42.58 -32.35
CA ARG A 304 8.20 -43.78 -32.06
C ARG A 304 8.61 -43.79 -30.59
N ASN A 305 9.12 -42.65 -30.10
CA ASN A 305 9.40 -42.51 -28.68
C ASN A 305 8.11 -42.67 -27.88
N TRP A 306 7.04 -42.06 -28.36
CA TRP A 306 5.80 -41.97 -27.57
C TRP A 306 5.29 -43.35 -27.20
N SER A 307 5.32 -44.28 -28.15
CA SER A 307 4.67 -45.57 -27.94
C SER A 307 5.25 -46.29 -26.73
N GLU A 308 6.56 -46.18 -26.52
CA GLU A 308 7.18 -46.92 -25.43
C GLU A 308 6.63 -46.49 -24.08
N ALA A 309 6.65 -45.19 -23.81
CA ALA A 309 6.09 -44.70 -22.56
C ALA A 309 4.61 -45.02 -22.47
N VAL A 310 3.90 -44.95 -23.60
CA VAL A 310 2.48 -45.27 -23.59
C VAL A 310 2.27 -46.69 -23.09
N ASN A 311 3.01 -47.63 -23.66
CA ASN A 311 2.84 -49.03 -23.28
C ASN A 311 3.21 -49.24 -21.82
N GLN A 312 4.30 -48.61 -21.38
CA GLN A 312 4.71 -48.78 -19.99
C GLN A 312 3.63 -48.27 -19.04
N VAL A 313 3.10 -47.09 -19.31
CA VAL A 313 2.07 -46.55 -18.44
C VAL A 313 0.80 -47.39 -18.55
N LYS A 314 0.53 -47.96 -19.72
CA LYS A 314 -0.61 -48.86 -19.83
C LYS A 314 -0.46 -50.05 -18.91
N LYS A 315 0.74 -50.61 -18.85
CA LYS A 315 0.98 -51.73 -17.93
C LYS A 315 0.83 -51.28 -16.49
N LYS A 316 1.33 -50.10 -16.16
CA LYS A 316 1.17 -49.59 -14.81
C LYS A 316 -0.31 -49.43 -14.45
N LEU A 317 -1.10 -48.95 -15.40
CA LEU A 317 -2.54 -48.82 -15.16
C LEU A 317 -3.17 -50.19 -14.96
N LYS A 318 -2.83 -51.15 -15.83
CA LYS A 318 -3.33 -52.50 -15.66
C LYS A 318 -3.01 -53.02 -14.28
N GLU A 319 -1.85 -52.65 -13.74
CA GLU A 319 -1.50 -53.08 -12.39
C GLU A 319 -2.59 -52.70 -11.39
N HIS A 320 -3.11 -51.48 -11.51
CA HIS A 320 -4.22 -51.07 -10.66
C HIS A 320 -5.56 -51.60 -11.15
N PHE A 321 -5.65 -52.07 -12.39
CA PHE A 321 -6.89 -52.58 -12.96
C PHE A 321 -6.59 -53.90 -13.66
N PRO A 322 -6.46 -54.97 -12.90
CA PRO A 322 -5.99 -56.25 -13.48
C PRO A 322 -6.97 -56.90 -14.43
N HIS A 323 -8.15 -56.32 -14.67
CA HIS A 323 -9.16 -56.96 -15.49
C HIS A 323 -9.82 -55.97 -16.43
N LYS A 324 -9.03 -55.08 -17.02
CA LYS A 324 -9.55 -54.08 -17.93
C LYS A 324 -8.52 -53.81 -19.02
N ASN A 325 -8.98 -53.23 -20.12
CA ASN A 325 -8.07 -52.74 -21.14
C ASN A 325 -7.72 -51.27 -20.86
N ILE A 326 -6.83 -50.73 -21.68
CA ILE A 326 -6.33 -49.38 -21.51
C ILE A 326 -6.30 -48.68 -22.86
N SER A 327 -6.73 -47.43 -22.89
CA SER A 327 -6.76 -46.67 -24.13
C SER A 327 -6.87 -45.18 -23.78
N PHE A 328 -6.75 -44.36 -24.81
CA PHE A 328 -6.91 -42.92 -24.68
C PHE A 328 -7.63 -42.38 -25.89
N GLN A 329 -8.53 -41.43 -25.66
CA GLN A 329 -9.25 -40.74 -26.72
C GLN A 329 -9.00 -39.25 -26.59
N SER A 330 -9.44 -38.51 -27.60
CA SER A 330 -9.29 -37.07 -27.54
C SER A 330 -10.03 -36.51 -26.34
N SER A 331 -9.81 -35.23 -26.08
CA SER A 331 -10.55 -34.55 -25.03
C SER A 331 -12.04 -34.70 -25.27
N SER A 332 -12.79 -34.89 -24.19
CA SER A 332 -14.21 -35.18 -24.31
C SER A 332 -14.98 -34.06 -24.98
N GLY A 333 -14.51 -32.82 -24.89
CA GLY A 333 -15.18 -31.70 -25.52
C GLY A 333 -15.56 -30.62 -24.52
N GLY A 334 -15.45 -29.37 -24.93
CA GLY A 334 -15.74 -28.25 -24.05
C GLY A 334 -14.97 -27.03 -24.50
N ASP A 335 -14.61 -26.21 -23.50
CA ASP A 335 -13.90 -24.97 -23.78
C ASP A 335 -12.64 -25.25 -24.57
N LEU A 336 -12.28 -24.31 -25.46
CA LEU A 336 -11.15 -24.51 -26.35
C LEU A 336 -9.92 -25.01 -25.59
N GLU A 337 -9.50 -24.25 -24.58
CA GLU A 337 -8.24 -24.58 -23.92
C GLU A 337 -8.28 -25.98 -23.33
N ILE A 338 -9.39 -26.36 -22.70
CA ILE A 338 -9.49 -27.71 -22.17
C ILE A 338 -9.41 -28.73 -23.28
N THR A 339 -10.19 -28.52 -24.35
CA THR A 339 -10.28 -29.52 -25.40
C THR A 339 -8.91 -29.87 -25.94
N THR A 340 -8.15 -28.87 -26.35
CA THR A 340 -6.85 -29.09 -26.97
C THR A 340 -5.76 -28.86 -25.93
N HIS A 341 -4.51 -28.99 -26.38
CA HIS A 341 -3.38 -28.64 -25.53
C HIS A 341 -3.03 -27.19 -25.78
N SER A 342 -3.17 -26.37 -24.75
CA SER A 342 -2.81 -24.96 -24.84
C SER A 342 -1.51 -24.74 -24.09
N PHE A 343 -0.76 -23.75 -24.53
CA PHE A 343 0.48 -23.40 -23.83
C PHE A 343 0.99 -22.08 -24.39
N ASN A 344 2.12 -21.64 -23.86
CA ASN A 344 2.80 -20.45 -24.33
C ASN A 344 4.15 -20.83 -24.89
N CYS A 345 4.59 -20.06 -25.88
CA CYS A 345 5.89 -20.23 -26.52
C CYS A 345 6.49 -18.84 -26.67
N GLY A 346 7.43 -18.50 -25.80
CA GLY A 346 8.05 -17.19 -25.87
C GLY A 346 7.04 -16.06 -25.88
N GLY A 347 5.98 -16.20 -25.10
CA GLY A 347 4.95 -15.19 -25.06
C GLY A 347 3.95 -15.24 -26.18
N GLU A 348 3.81 -16.37 -26.86
CA GLU A 348 2.80 -16.54 -27.88
C GLU A 348 1.92 -17.74 -27.54
N PHE A 349 0.62 -17.52 -27.52
CA PHE A 349 -0.31 -18.55 -27.07
C PHE A 349 -0.63 -19.50 -28.21
N PHE A 350 -0.50 -20.79 -27.94
CA PHE A 350 -0.74 -21.82 -28.94
C PHE A 350 -1.75 -22.82 -28.41
N TYR A 351 -2.54 -23.35 -29.34
CA TYR A 351 -3.53 -24.37 -29.04
C TYR A 351 -3.40 -25.43 -30.12
N CYS A 352 -2.96 -26.61 -29.72
CA CYS A 352 -2.70 -27.72 -30.63
C CYS A 352 -3.74 -28.80 -30.38
N ASN A 353 -4.47 -29.15 -31.42
CA ASN A 353 -5.40 -30.26 -31.39
C ASN A 353 -4.64 -31.54 -31.10
N THR A 354 -4.97 -32.21 -30.00
CA THR A 354 -4.20 -33.36 -29.54
C THR A 354 -4.82 -34.69 -29.91
N SER A 355 -5.78 -34.70 -30.83
CA SER A 355 -6.35 -35.98 -31.25
C SER A 355 -5.28 -36.91 -31.78
N GLY A 356 -4.17 -36.37 -32.28
CA GLY A 356 -3.13 -37.20 -32.85
C GLY A 356 -2.40 -38.05 -31.85
N LEU A 357 -2.45 -37.70 -30.57
CA LEU A 357 -1.71 -38.42 -29.53
C LEU A 357 -2.55 -39.50 -28.86
N PHE A 358 -3.62 -39.10 -28.20
CA PHE A 358 -4.34 -40.01 -27.32
C PHE A 358 -5.19 -40.95 -28.15
N ASN A 359 -4.54 -41.94 -28.77
CA ASN A 359 -5.20 -42.85 -29.67
C ASN A 359 -4.69 -44.25 -29.44
N ASP A 360 -5.49 -45.22 -29.88
CA ASP A 360 -5.10 -46.62 -29.79
C ASP A 360 -4.16 -47.04 -30.89
N THR A 361 -3.51 -46.08 -31.56
CA THR A 361 -2.64 -46.39 -32.68
C THR A 361 -1.81 -45.16 -33.02
N ILE A 362 -0.50 -45.36 -33.14
CA ILE A 362 0.40 -44.32 -33.65
C ILE A 362 1.25 -44.94 -34.75
N SER A 363 2.21 -44.17 -35.27
CA SER A 363 3.10 -44.64 -36.32
C SER A 363 4.50 -44.76 -35.76
N ASN A 364 5.41 -45.32 -36.56
CA ASN A 364 6.82 -45.33 -36.23
C ASN A 364 7.53 -44.06 -36.67
N ALA A 365 6.82 -43.14 -37.30
CA ALA A 365 7.41 -41.94 -37.86
C ALA A 365 7.08 -40.72 -37.00
N THR A 366 7.76 -39.62 -37.30
CA THR A 366 7.48 -38.37 -36.61
C THR A 366 6.02 -38.00 -36.81
N ILE A 367 5.45 -37.36 -35.79
CA ILE A 367 4.06 -36.92 -35.82
C ILE A 367 4.03 -35.40 -35.70
N MET A 368 3.23 -34.77 -36.55
CA MET A 368 3.06 -33.33 -36.55
C MET A 368 1.60 -33.01 -36.26
N LEU A 369 1.37 -31.87 -35.61
CA LEU A 369 0.05 -31.50 -35.15
C LEU A 369 -0.34 -30.13 -35.67
N PRO A 370 -1.59 -29.94 -36.08
CA PRO A 370 -2.06 -28.60 -36.43
C PRO A 370 -2.55 -27.86 -35.21
N CYS A 371 -2.05 -26.65 -35.02
CA CYS A 371 -2.42 -25.81 -33.90
C CYS A 371 -3.10 -24.56 -34.42
N ARG A 372 -3.61 -23.75 -33.50
CA ARG A 372 -4.20 -22.47 -33.85
C ARG A 372 -3.79 -21.44 -32.82
N ILE A 373 -3.81 -20.19 -33.24
CA ILE A 373 -3.25 -19.09 -32.47
C ILE A 373 -4.33 -18.07 -32.18
N LYS A 374 -4.43 -17.66 -30.91
CA LYS A 374 -5.35 -16.62 -30.49
C LYS A 374 -4.55 -15.41 -30.02
N GLN A 375 -5.17 -14.23 -30.14
CA GLN A 375 -4.54 -12.99 -29.71
C GLN A 375 -5.20 -12.37 -28.50
N ILE A 376 -6.47 -12.66 -28.24
CA ILE A 376 -7.15 -12.26 -27.02
C ILE A 376 -7.22 -13.47 -26.12
N ILE A 377 -6.80 -13.31 -24.87
CA ILE A 377 -6.61 -14.42 -23.96
C ILE A 377 -7.36 -14.15 -22.68
N ASN A 378 -8.10 -15.15 -22.22
CA ASN A 378 -8.70 -15.13 -20.88
C ASN A 378 -7.80 -15.99 -19.99
N MET A 379 -6.76 -15.35 -19.45
CA MET A 379 -5.75 -16.08 -18.70
C MET A 379 -6.37 -16.96 -17.63
N TRP A 380 -7.42 -16.47 -16.98
CA TRP A 380 -8.20 -17.27 -16.06
C TRP A 380 -9.67 -16.85 -16.20
N GLN A 381 -10.55 -17.76 -15.77
CA GLN A 381 -11.94 -17.71 -16.24
C GLN A 381 -12.55 -16.34 -16.03
N GLU A 382 -12.29 -15.70 -14.89
CA GLU A 382 -12.78 -14.35 -14.68
C GLU A 382 -12.31 -13.45 -15.82
N VAL A 383 -13.24 -12.70 -16.40
CA VAL A 383 -12.94 -11.97 -17.63
C VAL A 383 -12.31 -10.60 -17.38
N GLY A 384 -12.40 -10.07 -16.16
CA GLY A 384 -11.86 -8.76 -15.90
C GLY A 384 -10.39 -8.61 -16.27
N LYS A 385 -9.66 -9.72 -16.34
CA LYS A 385 -8.23 -9.70 -16.65
C LYS A 385 -7.97 -10.02 -18.12
N CYS A 386 -8.95 -9.86 -18.98
CA CYS A 386 -8.76 -10.23 -20.38
C CYS A 386 -7.56 -9.51 -20.96
N ILE A 387 -6.70 -10.26 -21.63
CA ILE A 387 -5.44 -9.73 -22.15
C ILE A 387 -5.46 -9.85 -23.66
N TYR A 388 -4.75 -8.92 -24.30
CA TYR A 388 -4.46 -8.99 -25.72
C TYR A 388 -2.98 -9.24 -25.93
N ALA A 389 -2.66 -10.28 -26.68
CA ALA A 389 -1.27 -10.61 -26.95
C ALA A 389 -0.78 -9.78 -28.12
N PRO A 390 0.28 -8.98 -27.95
CA PRO A 390 0.80 -8.24 -29.10
C PRO A 390 1.53 -9.17 -30.05
N PRO A 391 1.45 -8.92 -31.35
CA PRO A 391 2.15 -9.78 -32.31
C PRO A 391 3.65 -9.66 -32.12
N ILE A 392 4.35 -10.74 -32.47
CA ILE A 392 5.80 -10.82 -32.37
C ILE A 392 6.39 -10.90 -33.78
N LYS A 393 7.43 -10.11 -34.01
CA LYS A 393 8.01 -10.02 -35.34
C LYS A 393 8.63 -11.35 -35.76
N GLY A 394 8.51 -11.65 -37.04
CA GLY A 394 9.16 -12.81 -37.63
C GLY A 394 8.65 -14.14 -37.13
N ASN A 395 9.01 -15.23 -37.80
CA ASN A 395 8.59 -16.54 -37.35
C ASN A 395 9.13 -16.82 -35.97
N ILE A 396 8.61 -17.87 -35.35
CA ILE A 396 9.00 -18.27 -34.01
C ILE A 396 8.89 -19.77 -33.88
N THR A 397 9.69 -20.33 -32.98
CA THR A 397 9.72 -21.77 -32.79
C THR A 397 10.18 -22.07 -31.36
N CYS A 398 9.49 -22.98 -30.71
CA CYS A 398 9.83 -23.43 -29.36
C CYS A 398 9.99 -24.94 -29.36
N LYS A 399 11.10 -25.40 -28.80
CA LYS A 399 11.34 -26.81 -28.54
C LYS A 399 11.30 -27.04 -27.04
N SER A 400 10.69 -28.14 -26.62
CA SER A 400 10.57 -28.45 -25.21
C SER A 400 10.38 -29.95 -25.06
N ASP A 401 9.97 -30.38 -23.88
CA ASP A 401 9.80 -31.80 -23.61
C ASP A 401 8.64 -31.99 -22.64
N ILE A 402 8.11 -33.20 -22.65
CA ILE A 402 7.01 -33.61 -21.79
C ILE A 402 7.59 -34.49 -20.69
N THR A 403 7.16 -34.24 -19.45
CA THR A 403 7.52 -35.05 -18.30
C THR A 403 6.33 -35.74 -17.68
N GLY A 404 5.14 -35.17 -17.75
CA GLY A 404 3.96 -35.77 -17.15
C GLY A 404 2.72 -35.26 -17.83
N LEU A 405 1.59 -35.79 -17.41
CA LEU A 405 0.32 -35.42 -18.01
C LEU A 405 -0.81 -35.77 -17.07
N LEU A 406 -1.93 -35.08 -17.27
CA LEU A 406 -3.12 -35.23 -16.44
C LEU A 406 -4.13 -36.09 -17.16
N LEU A 407 -4.73 -37.03 -16.43
CA LEU A 407 -5.70 -37.95 -16.99
C LEU A 407 -6.93 -37.98 -16.12
N LEU A 408 -8.07 -38.26 -16.76
CA LEU A 408 -9.34 -38.38 -16.09
C LEU A 408 -10.05 -39.62 -16.62
N ARG A 409 -10.59 -40.43 -15.72
CA ARG A 409 -11.19 -41.69 -16.09
C ARG A 409 -12.62 -41.49 -16.58
N ASP A 410 -13.10 -42.45 -17.38
CA ASP A 410 -14.44 -42.32 -17.94
C ASP A 410 -15.50 -42.34 -16.85
N GLY A 411 -15.48 -43.36 -15.99
CA GLY A 411 -16.41 -43.43 -14.88
C GLY A 411 -17.58 -44.36 -15.05
N GLY A 412 -17.59 -45.18 -16.10
CA GLY A 412 -18.65 -46.16 -16.28
C GLY A 412 -18.08 -47.53 -16.55
N ASN A 413 -18.37 -48.49 -15.67
CA ASN A 413 -17.78 -49.81 -15.78
C ASN A 413 -18.38 -50.51 -16.98
N THR A 414 -17.66 -50.47 -18.10
CA THR A 414 -18.10 -51.19 -19.28
C THR A 414 -18.06 -52.69 -19.01
N ALA A 415 -19.12 -53.39 -19.41
CA ALA A 415 -19.06 -54.84 -19.37
C ALA A 415 -17.83 -55.35 -20.13
N ASN A 416 -17.47 -54.66 -21.21
CA ASN A 416 -16.29 -55.06 -21.97
C ASN A 416 -15.00 -54.77 -21.22
N ASN A 417 -15.08 -54.04 -20.11
CA ASN A 417 -13.91 -53.75 -19.28
C ASN A 417 -12.88 -52.93 -20.01
N ALA A 418 -13.28 -52.28 -21.10
CA ALA A 418 -12.37 -51.43 -21.87
C ALA A 418 -12.21 -50.10 -21.12
N GLU A 419 -11.43 -50.15 -20.05
CA GLU A 419 -11.18 -48.94 -19.28
C GLU A 419 -10.41 -47.94 -20.11
N ILE A 420 -10.80 -46.66 -20.02
CA ILE A 420 -10.20 -45.61 -20.82
C ILE A 420 -9.94 -44.42 -19.92
N PHE A 421 -9.00 -43.57 -20.36
CA PHE A 421 -8.77 -42.28 -19.75
C PHE A 421 -8.67 -41.24 -20.85
N ARG A 422 -8.97 -40.00 -20.49
CA ARG A 422 -8.93 -38.89 -21.43
C ARG A 422 -8.14 -37.75 -20.82
N PRO A 423 -7.58 -36.87 -21.65
CA PRO A 423 -6.91 -35.69 -21.12
C PRO A 423 -7.92 -34.73 -20.51
N GLY A 424 -7.46 -33.97 -19.52
CA GLY A 424 -8.29 -32.99 -18.87
C GLY A 424 -7.48 -31.79 -18.42
N GLY A 425 -7.71 -31.34 -17.18
CA GLY A 425 -6.92 -30.28 -16.59
C GLY A 425 -7.76 -29.04 -16.30
N GLY A 426 -7.14 -27.88 -16.48
CA GLY A 426 -7.78 -26.61 -16.24
C GLY A 426 -7.68 -26.12 -14.82
N ASP A 427 -7.31 -26.99 -13.88
CA ASP A 427 -7.15 -26.60 -12.49
C ASP A 427 -5.68 -26.24 -12.30
N MET A 428 -5.37 -24.96 -12.45
CA MET A 428 -3.97 -24.56 -12.46
C MET A 428 -3.22 -25.03 -11.22
N ARG A 429 -3.93 -25.16 -10.11
CA ARG A 429 -3.28 -25.64 -8.89
C ARG A 429 -2.62 -27.00 -9.12
N ASP A 430 -3.27 -27.87 -9.88
CA ASP A 430 -2.72 -29.21 -10.09
C ASP A 430 -1.35 -29.16 -10.73
N ASN A 431 -1.13 -28.21 -11.65
CA ASN A 431 0.17 -28.14 -12.31
C ASN A 431 1.28 -28.01 -11.29
N TRP A 432 1.17 -27.02 -10.40
CA TRP A 432 2.19 -26.84 -9.38
C TRP A 432 2.19 -28.00 -8.41
N ARG A 433 1.02 -28.53 -8.08
CA ARG A 433 0.94 -29.70 -7.22
C ARG A 433 1.85 -30.79 -7.74
N SER A 434 1.87 -30.98 -9.07
CA SER A 434 2.62 -32.06 -9.68
C SER A 434 4.04 -32.15 -9.16
N GLU A 435 4.60 -31.05 -8.71
CA GLU A 435 5.95 -31.01 -8.15
C GLU A 435 5.94 -30.75 -6.65
N LEU A 436 5.10 -29.83 -6.20
CA LEU A 436 5.10 -29.47 -4.79
C LEU A 436 4.72 -30.64 -3.91
N TYR A 437 4.12 -31.69 -4.47
CA TYR A 437 3.75 -32.84 -3.66
C TYR A 437 4.87 -33.28 -2.72
N LYS A 438 6.13 -33.07 -3.14
CA LYS A 438 7.25 -33.50 -2.30
C LYS A 438 7.30 -32.72 -1.00
N TYR A 439 7.16 -31.39 -1.06
CA TYR A 439 7.48 -30.55 0.08
C TYR A 439 6.38 -30.64 1.15
N LYS A 440 6.62 -29.96 2.26
CA LYS A 440 5.69 -29.86 3.37
C LYS A 440 6.29 -28.90 4.40
N VAL A 441 5.44 -28.26 5.19
CA VAL A 441 5.83 -27.16 6.05
C VAL A 441 5.39 -27.43 7.47
N VAL A 442 6.28 -27.16 8.43
CA VAL A 442 5.93 -27.26 9.85
C VAL A 442 6.55 -26.11 10.62
N LYS A 443 6.05 -25.89 11.83
CA LYS A 443 6.58 -24.90 12.75
C LYS A 443 7.32 -25.59 13.89
N ILE A 444 7.77 -24.81 14.86
CA ILE A 444 8.60 -25.31 15.95
C ILE A 444 8.04 -24.84 17.28
N GLU A 445 8.09 -25.73 18.28
CA GLU A 445 7.63 -25.42 19.63
C GLU A 445 8.69 -25.91 20.60
N PRO A 446 9.77 -25.15 20.77
CA PRO A 446 10.98 -25.67 21.40
C PRO A 446 10.92 -25.85 22.91
N LEU A 447 9.75 -25.79 23.54
CA LEU A 447 9.64 -25.85 24.99
C LEU A 447 9.21 -27.26 25.39
N GLY A 448 10.14 -28.05 25.91
CA GLY A 448 9.85 -29.38 26.38
C GLY A 448 9.88 -29.45 27.89
N VAL A 449 9.14 -30.41 28.43
CA VAL A 449 9.04 -30.61 29.87
C VAL A 449 9.21 -32.09 30.16
N ALA A 450 9.93 -32.41 31.25
CA ALA A 450 10.19 -33.79 31.59
C ALA A 450 10.50 -33.88 33.07
N PRO A 451 10.35 -35.06 33.67
CA PRO A 451 10.76 -35.24 35.06
C PRO A 451 12.26 -35.43 35.19
N THR A 452 12.78 -35.06 36.35
CA THR A 452 14.18 -35.27 36.67
C THR A 452 14.34 -35.32 38.19
N ARG A 453 15.45 -35.92 38.64
CA ARG A 453 15.71 -36.03 40.07
C ARG A 453 16.17 -34.70 40.66
N CYS A 454 16.73 -33.82 39.84
CA CYS A 454 17.25 -32.55 40.34
C CYS A 454 16.14 -31.72 40.95
N LYS A 455 16.51 -30.88 41.91
CA LYS A 455 15.63 -29.85 42.42
C LYS A 455 16.41 -28.54 42.50
N ARG A 456 15.87 -27.49 41.90
CA ARG A 456 16.58 -26.22 41.88
C ARG A 456 16.87 -25.75 43.29
N ARG A 457 18.13 -25.38 43.53
CA ARG A 457 18.57 -24.99 44.86
C ARG A 457 18.22 -26.05 45.89
N LEU A 475 25.13 -25.29 11.00
CA LEU A 475 25.14 -26.60 11.65
C LEU A 475 24.08 -27.51 11.03
N VAL A 476 23.89 -28.69 11.61
CA VAL A 476 22.87 -29.64 11.13
C VAL A 476 21.58 -29.26 11.85
N PHE A 477 20.86 -28.31 11.27
CA PHE A 477 19.69 -27.73 11.91
C PHE A 477 18.60 -28.77 12.12
N LEU A 478 18.32 -29.09 13.37
CA LEU A 478 17.27 -30.00 13.79
C LEU A 478 17.67 -31.46 13.61
N GLY A 479 18.92 -31.75 13.24
CA GLY A 479 19.29 -33.12 12.96
C GLY A 479 19.10 -34.05 14.14
N ALA A 480 19.54 -33.61 15.32
CA ALA A 480 19.54 -34.48 16.49
C ALA A 480 18.18 -35.12 16.74
N ALA A 481 17.12 -34.61 16.11
CA ALA A 481 15.81 -35.24 16.24
C ALA A 481 15.88 -36.74 15.99
N GLY A 482 16.92 -37.22 15.33
CA GLY A 482 17.05 -38.63 15.06
C GLY A 482 17.37 -39.50 16.26
N SER A 483 17.55 -38.93 17.44
CA SER A 483 17.90 -39.68 18.64
C SER A 483 16.87 -39.46 19.74
N THR A 484 17.18 -39.97 20.93
CA THR A 484 16.28 -39.85 22.06
C THR A 484 16.57 -38.59 22.87
N MET A 485 15.64 -38.26 23.77
CA MET A 485 15.64 -36.96 24.41
C MET A 485 16.92 -36.70 25.19
N GLY A 486 17.27 -37.63 26.08
CA GLY A 486 18.47 -37.43 26.87
C GLY A 486 19.70 -37.24 25.99
N ALA A 487 19.83 -38.07 24.96
CA ALA A 487 20.97 -37.94 24.05
C ALA A 487 20.85 -36.69 23.20
N ALA A 488 19.66 -36.45 22.62
CA ALA A 488 19.51 -35.34 21.70
C ALA A 488 19.69 -33.99 22.38
N SER A 489 19.57 -33.94 23.71
CA SER A 489 19.57 -32.66 24.41
C SER A 489 20.86 -31.87 24.21
N MET A 490 21.94 -32.51 23.77
CA MET A 490 23.23 -31.86 23.78
C MET A 490 23.24 -30.61 22.89
N THR A 491 22.67 -30.70 21.70
CA THR A 491 22.85 -29.67 20.68
C THR A 491 21.69 -28.68 20.63
N LEU A 492 20.95 -28.53 21.71
CA LEU A 492 19.79 -27.65 21.69
C LEU A 492 20.16 -26.24 21.28
N THR A 493 21.39 -25.82 21.58
CA THR A 493 21.79 -24.45 21.28
C THR A 493 21.72 -24.17 19.78
N VAL A 494 22.00 -25.18 18.96
CA VAL A 494 21.95 -24.98 17.51
C VAL A 494 20.55 -24.58 17.08
N GLN A 495 19.55 -25.33 17.54
CA GLN A 495 18.18 -25.00 17.19
C GLN A 495 17.81 -23.64 17.76
N ALA A 496 18.25 -23.35 18.99
CA ALA A 496 17.93 -22.08 19.60
C ALA A 496 18.44 -20.92 18.76
N ARG A 497 19.70 -20.97 18.36
CA ARG A 497 20.31 -19.85 17.65
C ARG A 497 19.79 -19.75 16.22
N ASN A 498 19.63 -20.90 15.55
CA ASN A 498 19.23 -20.87 14.14
C ASN A 498 17.85 -20.25 13.97
N LEU A 499 16.91 -20.58 14.84
CA LEU A 499 15.51 -20.28 14.60
C LEU A 499 15.17 -18.79 14.65
N LEU A 500 16.06 -17.80 14.64
CA LEU A 500 15.65 -16.42 14.86
C LEU A 500 15.58 -15.59 13.57
N SER A 501 16.74 -15.30 12.98
CA SER A 501 16.85 -14.29 11.93
C SER A 501 17.69 -14.78 10.77
N GLY A 502 17.66 -16.09 10.50
CA GLY A 502 18.52 -16.62 9.47
C GLY A 502 18.21 -16.09 8.10
N ILE A 503 17.06 -15.44 7.92
CA ILE A 503 16.66 -14.98 6.59
C ILE A 503 17.71 -14.02 6.03
N VAL A 504 18.16 -13.08 6.85
CA VAL A 504 19.15 -12.10 6.42
C VAL A 504 20.22 -11.94 7.49
N VAL A 525 1.86 -5.19 -1.97
CA VAL A 525 1.70 -6.39 -2.79
C VAL A 525 2.76 -7.41 -2.41
N TRP A 526 3.97 -6.93 -2.14
CA TRP A 526 5.09 -7.79 -1.76
C TRP A 526 5.54 -7.53 -0.32
N GLY A 527 5.86 -6.28 0.01
CA GLY A 527 6.39 -6.00 1.33
C GLY A 527 5.51 -6.55 2.44
N ILE A 528 4.22 -6.28 2.35
CA ILE A 528 3.26 -6.68 3.37
C ILE A 528 3.53 -8.11 3.82
N LYS A 529 3.77 -9.01 2.87
CA LYS A 529 3.93 -10.42 3.20
C LYS A 529 5.13 -10.63 4.13
N GLN A 530 6.33 -10.27 3.65
CA GLN A 530 7.53 -10.52 4.44
C GLN A 530 7.51 -9.72 5.74
N LEU A 531 6.94 -8.52 5.73
CA LEU A 531 6.83 -7.75 6.96
C LEU A 531 5.98 -8.51 7.98
N GLN A 532 4.83 -9.02 7.55
CA GLN A 532 4.02 -9.83 8.43
C GLN A 532 4.82 -11.01 8.96
N ALA A 533 5.54 -11.68 8.07
CA ALA A 533 6.29 -12.87 8.48
C ALA A 533 7.29 -12.53 9.57
N ARG A 534 8.13 -11.52 9.32
CA ARG A 534 9.16 -11.16 10.27
C ARG A 534 8.55 -10.73 11.60
N VAL A 535 7.53 -9.88 11.54
CA VAL A 535 6.93 -9.38 12.78
C VAL A 535 6.35 -10.53 13.58
N LEU A 536 5.65 -11.44 12.91
CA LEU A 536 5.01 -12.54 13.62
C LEU A 536 6.06 -13.47 14.24
N ALA A 537 7.11 -13.78 13.50
CA ALA A 537 8.16 -14.62 14.07
C ALA A 537 8.78 -13.95 15.29
N VAL A 538 9.06 -12.64 15.18
CA VAL A 538 9.66 -11.93 16.29
C VAL A 538 8.74 -11.96 17.50
N GLU A 539 7.44 -11.74 17.26
CA GLU A 539 6.48 -11.78 18.36
C GLU A 539 6.49 -13.14 19.03
N ARG A 540 6.49 -14.21 18.23
CA ARG A 540 6.51 -15.54 18.81
C ARG A 540 7.75 -15.74 19.66
N TYR A 541 8.90 -15.33 19.13
CA TYR A 541 10.15 -15.53 19.86
C TYR A 541 10.14 -14.74 21.17
N LEU A 542 9.66 -13.50 21.12
CA LEU A 542 9.59 -12.72 22.34
C LEU A 542 8.65 -13.36 23.35
N ARG A 543 7.52 -13.89 22.88
CA ARG A 543 6.61 -14.57 23.78
C ARG A 543 7.33 -15.70 24.50
N ASP A 544 8.05 -16.52 23.74
CA ASP A 544 8.74 -17.65 24.36
C ASP A 544 9.80 -17.18 25.34
N GLN A 545 10.57 -16.16 24.97
CA GLN A 545 11.58 -15.65 25.87
C GLN A 545 10.96 -15.16 27.16
N GLN A 546 9.86 -14.42 27.06
CA GLN A 546 9.20 -13.90 28.24
C GLN A 546 8.68 -15.03 29.11
N LEU A 547 8.11 -16.06 28.49
CA LEU A 547 7.64 -17.21 29.26
C LEU A 547 8.80 -17.85 30.00
N LEU A 548 9.95 -17.95 29.36
CA LEU A 548 11.13 -18.47 30.04
C LEU A 548 11.50 -17.57 31.22
N GLY A 549 11.42 -16.26 31.03
CA GLY A 549 11.80 -15.35 32.09
C GLY A 549 10.90 -15.46 33.30
N ILE A 550 9.58 -15.47 33.07
CA ILE A 550 8.66 -15.56 34.19
C ILE A 550 8.93 -16.81 34.99
N TRP A 551 9.24 -17.91 34.32
CA TRP A 551 9.65 -19.13 35.00
C TRP A 551 11.01 -19.01 35.62
N GLY A 552 11.60 -17.82 35.61
CA GLY A 552 12.88 -17.62 36.26
C GLY A 552 13.99 -18.44 35.65
N CYS A 553 13.78 -18.98 34.46
CA CYS A 553 14.77 -19.84 33.81
C CYS A 553 15.47 -19.12 32.66
N SER A 554 15.39 -17.79 32.62
CA SER A 554 16.07 -17.02 31.58
C SER A 554 17.56 -17.32 31.61
N GLY A 555 18.24 -17.14 30.47
CA GLY A 555 19.66 -17.41 30.42
C GLY A 555 20.01 -18.84 30.80
N LYS A 556 19.21 -19.81 30.37
CA LYS A 556 19.45 -21.20 30.69
C LYS A 556 18.82 -22.07 29.62
N LEU A 557 19.21 -23.34 29.62
CA LEU A 557 18.64 -24.31 28.68
C LEU A 557 18.20 -25.62 29.32
N ILE A 558 18.72 -25.97 30.50
CA ILE A 558 18.33 -27.20 31.18
C ILE A 558 17.91 -26.83 32.60
N CYS A 559 17.33 -25.65 32.74
CA CYS A 559 16.89 -25.12 34.02
C CYS A 559 16.12 -26.16 34.82
N CYS A 560 16.65 -26.52 35.99
CA CYS A 560 15.88 -27.23 37.00
C CYS A 560 15.02 -26.24 37.76
N THR A 561 13.99 -26.74 38.44
CA THR A 561 13.08 -25.89 39.18
C THR A 561 12.70 -26.57 40.48
N ASN A 562 11.64 -26.05 41.13
CA ASN A 562 11.26 -26.47 42.46
C ASN A 562 9.84 -27.00 42.52
N VAL A 563 9.31 -27.52 41.41
CA VAL A 563 7.99 -28.15 41.39
C VAL A 563 8.20 -29.64 41.17
N PRO A 564 7.88 -30.51 42.14
CA PRO A 564 8.07 -31.94 41.93
C PRO A 564 7.13 -32.46 40.86
N TRP A 565 7.58 -33.49 40.15
CA TRP A 565 6.77 -34.11 39.12
C TRP A 565 5.55 -34.79 39.75
N ASN A 566 4.44 -34.76 39.02
CA ASN A 566 3.18 -35.36 39.48
C ASN A 566 2.95 -36.68 38.76
N SER A 567 2.55 -37.70 39.51
CA SER A 567 2.34 -39.02 38.92
C SER A 567 1.22 -39.00 37.89
N SER A 568 0.15 -38.26 38.18
CA SER A 568 -1.03 -38.30 37.33
C SER A 568 -0.68 -38.01 35.87
N TRP A 569 0.28 -37.12 35.65
CA TRP A 569 0.62 -36.73 34.28
C TRP A 569 1.07 -37.93 33.46
N SER A 570 1.94 -38.76 34.03
CA SER A 570 2.35 -40.01 33.40
C SER A 570 3.30 -40.73 34.37
N ASN A 571 3.48 -42.03 34.13
CA ASN A 571 4.33 -42.87 34.97
C ASN A 571 5.16 -43.80 34.11
N ARG A 572 5.73 -43.29 33.02
CA ARG A 572 6.58 -44.09 32.16
C ARG A 572 7.90 -44.37 32.85
N ASN A 573 8.58 -45.42 32.38
CA ASN A 573 9.92 -45.73 32.84
C ASN A 573 10.86 -44.58 32.49
N LEU A 574 11.32 -43.84 33.50
CA LEU A 574 12.17 -42.67 33.25
C LEU A 574 13.36 -43.05 32.39
N SER A 575 13.90 -44.25 32.59
CA SER A 575 15.03 -44.70 31.78
C SER A 575 14.65 -44.69 30.31
N GLU A 576 13.49 -45.26 29.98
CA GLU A 576 13.02 -45.20 28.61
C GLU A 576 12.81 -43.76 28.16
N ILE A 577 12.24 -42.94 29.04
CA ILE A 577 11.91 -41.57 28.67
C ILE A 577 13.18 -40.84 28.25
N TRP A 578 14.28 -41.07 28.95
CA TRP A 578 15.52 -40.36 28.68
C TRP A 578 16.42 -41.05 27.68
N ASP A 579 16.17 -42.33 27.35
CA ASP A 579 17.03 -43.06 26.45
C ASP A 579 16.30 -43.83 25.37
N ASN A 580 15.02 -44.12 25.53
CA ASN A 580 14.26 -44.91 24.57
C ASN A 580 13.21 -44.08 23.83
N MET A 581 12.98 -42.84 24.25
CA MET A 581 11.87 -42.04 23.75
C MET A 581 12.41 -40.90 22.91
N THR A 582 11.54 -40.34 22.07
CA THR A 582 11.87 -39.17 21.27
C THR A 582 10.80 -38.10 21.49
N TRP A 583 11.22 -36.84 21.42
CA TRP A 583 10.36 -35.72 21.81
C TRP A 583 9.05 -35.74 21.04
N LEU A 584 9.12 -35.97 19.73
CA LEU A 584 7.91 -35.95 18.92
C LEU A 584 6.84 -36.86 19.49
N GLN A 585 7.26 -37.94 20.15
CA GLN A 585 6.34 -38.84 20.81
C GLN A 585 6.14 -38.49 22.27
N TRP A 586 7.16 -37.92 22.91
CA TRP A 586 7.04 -37.57 24.31
C TRP A 586 5.96 -36.53 24.53
N ASP A 587 5.89 -35.54 23.65
CA ASP A 587 5.02 -34.40 23.87
C ASP A 587 3.54 -34.79 23.85
N LYS A 588 3.20 -35.90 23.20
CA LYS A 588 1.81 -36.16 22.87
C LYS A 588 0.94 -36.18 24.12
N GLU A 589 1.28 -37.01 25.11
CA GLU A 589 0.47 -37.11 26.31
C GLU A 589 0.70 -35.91 27.23
N ILE A 590 1.93 -35.41 27.26
CA ILE A 590 2.23 -34.28 28.14
C ILE A 590 1.36 -33.09 27.78
N SER A 591 0.98 -32.97 26.51
CA SER A 591 0.14 -31.88 26.04
C SER A 591 -1.03 -31.63 27.00
N ASN A 592 -1.55 -32.72 27.58
CA ASN A 592 -2.76 -32.61 28.40
C ASN A 592 -2.55 -31.63 29.55
N TYR A 593 -1.48 -31.81 30.32
CA TYR A 593 -1.31 -31.12 31.59
C TYR A 593 -0.43 -29.89 31.48
N THR A 594 -0.28 -29.35 30.27
CA THR A 594 0.65 -28.26 30.04
C THR A 594 0.27 -27.03 30.86
N GLN A 595 -1.02 -26.70 30.88
CA GLN A 595 -1.44 -25.47 31.56
C GLN A 595 -1.32 -25.61 33.07
N ILE A 596 -1.67 -26.78 33.60
CA ILE A 596 -1.47 -27.03 35.03
C ILE A 596 0.01 -26.86 35.36
N ILE A 597 0.88 -27.41 34.52
CA ILE A 597 2.31 -27.30 34.76
C ILE A 597 2.74 -25.85 34.75
N TYR A 598 2.24 -25.07 33.78
CA TYR A 598 2.64 -23.67 33.69
C TYR A 598 2.20 -22.90 34.93
N GLY A 599 0.97 -23.14 35.39
CA GLY A 599 0.52 -22.49 36.59
C GLY A 599 1.37 -22.84 37.79
N LEU A 600 1.70 -24.13 37.93
CA LEU A 600 2.53 -24.56 39.06
C LEU A 600 3.88 -23.88 39.02
N LEU A 601 4.50 -23.84 37.84
CA LEU A 601 5.81 -23.20 37.73
C LEU A 601 5.72 -21.72 38.06
N GLU A 602 4.70 -21.04 37.56
CA GLU A 602 4.58 -19.62 37.82
C GLU A 602 4.41 -19.36 39.31
N GLU A 603 3.58 -20.17 39.97
CA GLU A 603 3.43 -20.02 41.41
C GLU A 603 4.76 -20.24 42.11
N SER A 604 5.51 -21.25 41.67
CA SER A 604 6.80 -21.52 42.27
C SER A 604 7.69 -20.29 42.19
N GLN A 605 7.77 -19.69 41.01
CA GLN A 605 8.60 -18.50 40.86
C GLN A 605 8.11 -17.37 41.75
N ASN A 606 6.81 -17.15 41.77
CA ASN A 606 6.27 -16.05 42.56
C ASN A 606 6.60 -16.23 44.04
N GLN A 607 6.36 -17.42 44.57
CA GLN A 607 6.63 -17.64 45.97
C GLN A 607 8.11 -17.54 46.27
N GLN A 608 8.96 -18.06 45.37
CA GLN A 608 10.40 -17.93 45.57
C GLN A 608 10.78 -16.45 45.70
N GLU A 609 10.34 -15.64 44.75
CA GLU A 609 10.72 -14.23 44.74
C GLU A 609 10.21 -13.53 46.00
N LYS A 610 8.94 -13.73 46.33
CA LYS A 610 8.37 -13.02 47.46
C LYS A 610 9.06 -13.44 48.75
N ASN A 611 9.31 -14.73 48.94
CA ASN A 611 9.99 -15.18 50.15
C ASN A 611 11.39 -14.61 50.22
N GLU A 612 12.11 -14.59 49.10
CA GLU A 612 13.43 -13.99 49.09
C GLU A 612 13.37 -12.55 49.58
N GLN A 613 12.44 -11.77 49.01
CA GLN A 613 12.34 -10.37 49.42
C GLN A 613 11.99 -10.25 50.89
N ASP A 614 11.07 -11.10 51.37
CA ASP A 614 10.68 -11.03 52.77
C ASP A 614 11.88 -11.27 53.68
N LEU A 615 12.60 -12.37 53.45
CA LEU A 615 13.77 -12.66 54.28
C LEU A 615 14.82 -11.57 54.15
N LEU A 616 14.86 -10.89 53.00
CA LEU A 616 15.71 -9.73 52.81
C LEU A 616 14.93 -8.43 52.86
N ALA A 617 13.75 -8.44 53.51
CA ALA A 617 12.95 -7.23 53.60
C ALA A 617 13.71 -6.11 54.29
N LEU A 618 14.38 -6.43 55.39
CA LEU A 618 15.19 -5.45 56.10
C LEU A 618 16.39 -5.05 55.24
N ASN B 3 18.27 2.28 57.30
CA ASN B 3 17.71 3.34 56.42
C ASN B 3 16.75 2.74 55.39
N LEU B 4 16.37 3.55 54.41
CA LEU B 4 15.57 3.09 53.29
C LEU B 4 16.43 3.01 52.04
N TRP B 5 15.89 2.38 51.01
CA TRP B 5 16.65 2.15 49.79
C TRP B 5 15.73 2.22 48.59
N VAL B 6 16.21 2.88 47.53
CA VAL B 6 15.49 2.86 46.27
C VAL B 6 15.26 1.42 45.87
N THR B 7 14.03 1.11 45.47
CA THR B 7 13.71 -0.23 45.05
C THR B 7 12.70 -0.15 43.91
N VAL B 8 12.88 -1.03 42.93
CA VAL B 8 12.07 -1.04 41.72
C VAL B 8 11.09 -2.19 41.80
N TYR B 9 9.90 -1.97 41.25
CA TYR B 9 8.92 -3.02 41.07
C TYR B 9 8.42 -2.95 39.64
N TYR B 10 8.31 -4.10 39.00
CA TYR B 10 7.94 -4.16 37.60
C TYR B 10 6.58 -4.82 37.45
N GLY B 11 5.65 -4.10 36.82
CA GLY B 11 4.30 -4.57 36.65
C GLY B 11 3.27 -3.84 37.49
N VAL B 12 3.63 -2.75 38.15
CA VAL B 12 2.66 -2.08 39.02
C VAL B 12 1.45 -1.68 38.20
N PRO B 13 0.24 -1.80 38.73
CA PRO B 13 -0.97 -1.41 37.99
C PRO B 13 -1.23 0.09 38.02
N VAL B 14 -0.59 0.81 37.11
CA VAL B 14 -0.89 2.23 36.88
C VAL B 14 -1.05 2.45 35.38
N TRP B 15 -1.72 3.54 35.05
CA TRP B 15 -2.08 3.83 33.67
C TRP B 15 -2.04 5.32 33.43
N LYS B 16 -2.13 5.69 32.17
CA LYS B 16 -2.28 7.08 31.78
C LYS B 16 -3.01 7.14 30.46
N GLU B 17 -4.03 7.99 30.37
CA GLU B 17 -4.73 8.21 29.12
C GLU B 17 -3.77 8.71 28.05
N ALA B 18 -4.06 8.38 26.81
CA ALA B 18 -3.24 8.82 25.68
C ALA B 18 -3.88 8.33 24.40
N LYS B 19 -3.51 8.98 23.30
CA LYS B 19 -4.01 8.56 21.99
C LYS B 19 -3.47 7.18 21.64
N THR B 20 -4.24 6.45 20.85
CA THR B 20 -3.82 5.14 20.36
C THR B 20 -4.63 4.86 19.09
N THR B 21 -4.60 3.60 18.65
CA THR B 21 -5.35 3.20 17.47
C THR B 21 -5.90 1.81 17.71
N LEU B 22 -7.16 1.73 18.12
CA LEU B 22 -7.82 0.44 18.28
C LEU B 22 -7.94 -0.25 16.92
N PHE B 23 -8.53 -1.44 16.93
CA PHE B 23 -8.69 -2.18 15.68
C PHE B 23 -10.03 -2.91 15.68
N CYS B 24 -10.50 -3.19 14.48
CA CYS B 24 -11.81 -3.80 14.31
C CYS B 24 -11.81 -5.24 14.82
N ALA B 25 -13.01 -5.73 15.09
CA ALA B 25 -13.23 -7.12 15.47
C ALA B 25 -14.66 -7.49 15.11
N SER B 26 -14.81 -8.46 14.22
CA SER B 26 -16.10 -8.93 13.76
C SER B 26 -16.30 -10.39 14.15
N ASP B 27 -17.45 -10.93 13.77
CA ASP B 27 -17.79 -12.32 14.09
C ASP B 27 -16.68 -13.26 13.65
N VAL B 35 -22.25 -13.72 3.15
CA VAL B 35 -20.80 -13.82 3.29
C VAL B 35 -20.11 -12.90 2.28
N HIS B 36 -20.69 -11.72 2.07
CA HIS B 36 -20.13 -10.76 1.13
C HIS B 36 -20.13 -9.33 1.65
N ASN B 37 -20.58 -9.10 2.88
CA ASN B 37 -20.67 -7.73 3.39
C ASN B 37 -19.29 -7.08 3.36
N VAL B 38 -19.28 -5.77 3.59
CA VAL B 38 -18.07 -4.98 3.40
C VAL B 38 -17.08 -5.18 4.54
N TRP B 39 -17.50 -4.83 5.77
CA TRP B 39 -16.55 -4.72 6.86
C TRP B 39 -15.96 -6.07 7.23
N ALA B 40 -16.82 -7.07 7.45
CA ALA B 40 -16.34 -8.38 7.85
C ALA B 40 -15.43 -8.96 6.78
N THR B 41 -15.85 -8.88 5.52
CA THR B 41 -15.03 -9.40 4.43
C THR B 41 -13.76 -8.58 4.30
N HIS B 42 -12.63 -9.27 4.15
CA HIS B 42 -11.35 -8.62 3.89
C HIS B 42 -10.97 -7.63 4.99
N ALA B 43 -11.39 -7.91 6.22
CA ALA B 43 -11.04 -7.02 7.34
C ALA B 43 -11.61 -7.60 8.62
N CYS B 44 -11.09 -7.11 9.74
CA CYS B 44 -11.61 -7.43 11.07
C CYS B 44 -11.27 -8.86 11.46
N VAL B 45 -10.84 -9.04 12.70
CA VAL B 45 -10.49 -10.36 13.23
C VAL B 45 -11.70 -10.93 13.97
N PRO B 46 -11.77 -12.23 14.19
CA PRO B 46 -12.90 -12.78 14.94
C PRO B 46 -12.99 -12.17 16.33
N THR B 47 -14.21 -11.91 16.76
CA THR B 47 -14.43 -11.30 18.07
C THR B 47 -14.17 -12.30 19.19
N ASP B 48 -13.78 -11.76 20.33
CA ASP B 48 -13.69 -12.59 21.53
C ASP B 48 -15.09 -13.05 21.92
N PRO B 49 -15.31 -14.36 22.10
CA PRO B 49 -16.67 -14.80 22.45
C PRO B 49 -17.22 -14.15 23.70
N ASN B 50 -16.40 -13.90 24.71
CA ASN B 50 -16.86 -13.36 25.96
C ASN B 50 -15.99 -12.20 26.39
N PRO B 51 -16.55 -11.22 27.10
CA PRO B 51 -15.73 -10.14 27.65
C PRO B 51 -15.05 -10.59 28.93
N GLN B 52 -13.73 -10.43 29.00
CA GLN B 52 -13.01 -10.78 30.21
C GLN B 52 -13.12 -9.64 31.21
N GLU B 53 -14.36 -9.19 31.45
CA GLU B 53 -14.55 -8.00 32.25
C GLU B 53 -14.08 -8.21 33.67
N VAL B 54 -13.58 -7.15 34.28
CA VAL B 54 -13.05 -7.19 35.63
C VAL B 54 -13.53 -5.95 36.37
N VAL B 55 -13.94 -6.13 37.62
CA VAL B 55 -14.42 -5.03 38.43
C VAL B 55 -13.29 -4.53 39.32
N LEU B 56 -13.18 -3.21 39.43
CA LEU B 56 -12.08 -2.55 40.14
C LEU B 56 -12.68 -1.64 41.21
N GLU B 57 -12.98 -2.19 42.37
CA GLU B 57 -13.43 -1.35 43.46
C GLU B 57 -12.27 -0.55 44.02
N ASN B 58 -12.59 0.32 44.98
CA ASN B 58 -11.59 1.21 45.57
C ASN B 58 -10.88 2.02 44.51
N VAL B 59 -11.50 2.15 43.33
CA VAL B 59 -10.92 2.81 42.19
C VAL B 59 -11.90 3.88 41.72
N THR B 60 -11.50 5.14 41.82
CA THR B 60 -12.27 6.26 41.30
C THR B 60 -11.56 6.82 40.09
N GLU B 61 -12.32 7.42 39.17
CA GLU B 61 -11.76 7.87 37.91
C GLU B 61 -12.61 9.03 37.39
N ASN B 62 -12.35 9.44 36.16
CA ASN B 62 -13.17 10.47 35.53
C ASN B 62 -13.15 10.21 34.02
N PHE B 63 -14.13 10.80 33.35
CA PHE B 63 -14.27 10.63 31.91
C PHE B 63 -14.69 11.96 31.29
N ASN B 64 -14.38 12.10 30.00
CA ASN B 64 -14.83 13.23 29.18
C ASN B 64 -15.27 12.63 27.86
N MET B 65 -16.55 12.29 27.76
CA MET B 65 -17.06 11.66 26.54
C MET B 65 -16.93 12.60 25.35
N TRP B 66 -17.18 13.90 25.55
CA TRP B 66 -17.13 14.83 24.45
C TRP B 66 -15.74 14.86 23.81
N LYS B 67 -14.74 15.28 24.58
CA LYS B 67 -13.37 15.30 24.09
C LYS B 67 -12.83 13.87 24.19
N ASN B 68 -13.07 13.09 23.14
CA ASN B 68 -12.69 11.69 23.10
C ASN B 68 -12.05 11.39 21.76
N ASP B 69 -11.21 10.34 21.74
CA ASP B 69 -10.49 9.95 20.54
C ASP B 69 -11.11 8.78 19.80
N MET B 70 -11.78 7.87 20.51
CA MET B 70 -12.34 6.69 19.85
C MET B 70 -13.35 7.10 18.78
N VAL B 71 -14.26 8.00 19.12
CA VAL B 71 -15.31 8.40 18.18
C VAL B 71 -14.67 8.93 16.90
N ASP B 72 -13.89 10.00 17.03
CA ASP B 72 -13.16 10.52 15.89
C ASP B 72 -12.36 9.44 15.20
N GLN B 73 -11.65 8.62 15.97
CA GLN B 73 -10.81 7.59 15.35
C GLN B 73 -11.62 6.75 14.37
N MET B 74 -12.77 6.24 14.82
CA MET B 74 -13.56 5.37 13.98
C MET B 74 -14.31 6.14 12.89
N GLN B 75 -14.43 7.45 13.04
CA GLN B 75 -15.10 8.23 12.01
C GLN B 75 -14.44 8.00 10.65
N GLU B 76 -13.18 8.41 10.52
CA GLU B 76 -12.50 8.25 9.24
C GLU B 76 -12.36 6.78 8.87
N ASP B 77 -12.38 5.88 9.85
CA ASP B 77 -12.32 4.46 9.54
C ASP B 77 -13.56 4.04 8.77
N VAL B 78 -14.74 4.45 9.25
CA VAL B 78 -15.97 4.16 8.53
C VAL B 78 -15.93 4.81 7.15
N ILE B 79 -15.47 6.05 7.10
CA ILE B 79 -15.40 6.74 5.81
C ILE B 79 -14.54 5.95 4.83
N SER B 80 -13.37 5.50 5.29
CA SER B 80 -12.41 4.85 4.42
C SER B 80 -12.94 3.50 3.95
N ILE B 81 -13.51 2.72 4.86
CA ILE B 81 -14.05 1.43 4.46
C ILE B 81 -15.16 1.64 3.42
N TRP B 82 -16.02 2.63 3.66
CA TRP B 82 -17.07 2.95 2.71
C TRP B 82 -16.49 3.25 1.33
N ASP B 83 -15.55 4.18 1.29
CA ASP B 83 -15.00 4.60 0.01
C ASP B 83 -14.31 3.44 -0.70
N GLN B 84 -13.48 2.69 0.02
CA GLN B 84 -12.77 1.59 -0.59
C GLN B 84 -13.74 0.57 -1.16
N SER B 85 -14.78 0.22 -0.39
CA SER B 85 -15.78 -0.70 -0.89
C SER B 85 -16.40 -0.18 -2.17
N LEU B 86 -16.61 1.13 -2.25
CA LEU B 86 -17.16 1.72 -3.47
C LEU B 86 -16.14 1.84 -4.59
N LYS B 87 -14.86 1.66 -4.30
CA LYS B 87 -13.82 1.93 -5.30
C LYS B 87 -14.01 1.12 -6.58
N PRO B 88 -14.19 -0.20 -6.53
CA PRO B 88 -14.17 -0.99 -7.77
C PRO B 88 -15.43 -0.88 -8.61
N CYS B 89 -16.50 -0.29 -8.10
CA CYS B 89 -17.74 -0.28 -8.85
C CYS B 89 -17.63 0.65 -10.05
N VAL B 90 -18.63 0.56 -10.92
CA VAL B 90 -18.60 1.23 -12.22
C VAL B 90 -18.91 2.70 -12.04
N LYS B 91 -18.15 3.56 -12.72
CA LYS B 91 -18.45 4.98 -12.76
C LYS B 91 -19.52 5.26 -13.80
N LEU B 92 -20.48 6.10 -13.44
CA LEU B 92 -21.62 6.42 -14.30
C LEU B 92 -21.37 7.67 -15.14
N THR B 93 -20.12 7.98 -15.44
CA THR B 93 -19.75 9.23 -16.09
C THR B 93 -20.55 9.52 -17.35
N PRO B 94 -20.63 8.60 -18.31
CA PRO B 94 -21.19 8.95 -19.62
C PRO B 94 -22.64 9.39 -19.56
N LEU B 95 -23.34 9.09 -18.47
CA LEU B 95 -24.76 9.39 -18.41
C LEU B 95 -25.07 10.88 -18.39
N CYS B 96 -24.07 11.73 -18.19
CA CYS B 96 -24.32 13.16 -18.11
C CYS B 96 -24.68 13.70 -19.49
N VAL B 97 -25.83 13.30 -20.01
CA VAL B 97 -26.26 13.67 -21.35
C VAL B 97 -27.67 14.22 -21.28
N THR B 98 -28.02 15.00 -22.31
CA THR B 98 -29.34 15.61 -22.36
C THR B 98 -30.41 14.60 -21.99
N LEU B 99 -31.45 15.07 -21.31
CA LEU B 99 -32.53 14.22 -20.79
C LEU B 99 -33.86 14.80 -21.27
N HIS B 100 -34.41 14.22 -22.34
CA HIS B 100 -35.71 14.64 -22.82
C HIS B 100 -36.78 13.93 -22.02
N CYS B 101 -37.54 14.68 -21.22
CA CYS B 101 -38.36 14.08 -20.18
C CYS B 101 -39.82 14.47 -20.33
N THR B 102 -40.67 13.65 -19.73
CA THR B 102 -42.11 13.85 -19.72
C THR B 102 -42.65 13.35 -18.38
N ASN B 103 -43.97 13.40 -18.24
CA ASN B 103 -44.61 13.00 -17.00
C ASN B 103 -44.78 11.49 -16.94
N VAL B 104 -44.60 10.94 -15.74
CA VAL B 104 -44.60 9.49 -15.52
C VAL B 104 -46.02 8.95 -15.65
N THR B 105 -46.12 7.61 -15.68
CA THR B 105 -47.40 6.92 -15.60
C THR B 105 -48.05 6.77 -16.97
N ILE B 106 -48.92 5.78 -17.11
CA ILE B 106 -49.68 5.57 -18.32
C ILE B 106 -51.15 5.40 -17.97
N SER B 107 -51.44 5.21 -16.69
CA SER B 107 -52.81 5.01 -16.24
C SER B 107 -52.96 5.42 -14.77
N MET B 118 -50.42 15.20 -12.06
CA MET B 118 -49.30 14.94 -12.96
C MET B 118 -48.17 14.23 -12.20
N ARG B 119 -48.34 14.09 -10.89
CA ARG B 119 -47.44 13.30 -10.06
C ARG B 119 -45.98 13.71 -10.28
N GLU B 120 -45.68 14.94 -9.89
CA GLU B 120 -44.34 15.50 -10.08
C GLU B 120 -43.33 14.89 -9.11
N GLU B 121 -43.74 13.86 -8.37
CA GLU B 121 -42.79 13.15 -7.51
C GLU B 121 -41.73 12.44 -8.34
N MET B 122 -42.10 11.97 -9.53
CA MET B 122 -41.16 11.31 -10.41
C MET B 122 -41.44 11.73 -11.86
N LYS B 123 -40.38 11.82 -12.65
CA LYS B 123 -40.51 12.16 -14.06
C LYS B 123 -39.91 11.04 -14.90
N ASN B 124 -40.55 10.76 -16.03
CA ASN B 124 -40.02 9.81 -16.99
C ASN B 124 -39.10 10.54 -17.94
N CYS B 125 -38.12 9.83 -18.50
CA CYS B 125 -37.15 10.47 -19.37
C CYS B 125 -36.67 9.49 -20.43
N SER B 126 -36.10 10.05 -21.48
CA SER B 126 -35.47 9.28 -22.54
C SER B 126 -34.31 10.10 -23.08
N PHE B 127 -33.39 9.41 -23.75
CA PHE B 127 -32.14 10.06 -24.10
C PHE B 127 -31.32 9.14 -25.01
N ASN B 128 -30.51 9.77 -25.85
CA ASN B 128 -29.49 9.03 -26.59
C ASN B 128 -28.41 8.54 -25.63
N THR B 129 -27.68 7.52 -26.05
CA THR B 129 -26.58 7.02 -25.26
C THR B 129 -25.77 6.04 -26.09
N THR B 130 -24.70 5.53 -25.47
CA THR B 130 -23.72 4.72 -26.16
C THR B 130 -23.95 3.23 -25.91
N THR B 131 -23.86 2.46 -26.99
CA THR B 131 -23.95 1.01 -26.94
C THR B 131 -22.60 0.44 -26.56
N VAL B 132 -22.44 -0.87 -26.75
CA VAL B 132 -21.11 -1.48 -26.64
C VAL B 132 -20.18 -0.88 -27.68
N ILE B 133 -20.68 -0.62 -28.87
CA ILE B 133 -19.86 -0.09 -29.95
C ILE B 133 -19.82 1.43 -29.86
N ARG B 134 -18.64 2.00 -30.11
CA ARG B 134 -18.49 3.45 -30.00
C ARG B 134 -19.44 4.17 -30.93
N ASP B 135 -19.49 3.76 -32.19
CA ASP B 135 -20.23 4.49 -33.20
C ASP B 135 -21.69 4.09 -33.28
N LYS B 136 -22.13 3.13 -32.46
CA LYS B 136 -23.54 2.77 -32.39
C LYS B 136 -24.16 3.47 -31.19
N ILE B 137 -25.18 4.29 -31.44
CA ILE B 137 -25.87 5.06 -30.41
C ILE B 137 -27.33 4.63 -30.41
N GLN B 138 -27.89 4.47 -29.22
CA GLN B 138 -29.27 4.03 -29.08
C GLN B 138 -30.02 4.93 -28.11
N LYS B 139 -31.31 5.09 -28.37
CA LYS B 139 -32.18 5.76 -27.42
C LYS B 139 -32.52 4.82 -26.27
N GLU B 140 -32.87 5.42 -25.13
CA GLU B 140 -33.14 4.63 -23.95
C GLU B 140 -33.90 5.48 -22.95
N TYR B 141 -34.87 4.88 -22.27
CA TYR B 141 -35.71 5.56 -21.30
C TYR B 141 -35.43 5.07 -19.90
N ALA B 142 -35.88 5.88 -18.93
CA ALA B 142 -35.73 5.58 -17.51
C ALA B 142 -36.56 6.55 -16.70
N LEU B 143 -37.04 6.09 -15.56
CA LEU B 143 -37.82 6.92 -14.65
C LEU B 143 -36.94 7.36 -13.50
N PHE B 144 -37.15 8.59 -13.04
CA PHE B 144 -36.35 9.14 -11.96
C PHE B 144 -37.26 9.85 -10.96
N TYR B 145 -36.80 9.94 -9.73
CA TYR B 145 -37.42 10.83 -8.78
C TYR B 145 -37.02 12.27 -9.10
N LYS B 146 -37.97 13.19 -8.96
CA LYS B 146 -37.74 14.55 -9.41
C LYS B 146 -36.51 15.16 -8.75
N LEU B 147 -36.05 14.60 -7.63
CA LEU B 147 -34.95 15.19 -6.90
C LEU B 147 -33.69 15.28 -7.75
N ASP B 148 -33.14 14.14 -8.17
CA ASP B 148 -31.84 14.17 -8.83
C ASP B 148 -31.87 14.85 -10.18
N ILE B 149 -33.04 14.95 -10.80
CA ILE B 149 -33.14 15.63 -12.10
C ILE B 149 -33.16 17.13 -11.89
N VAL B 150 -32.67 17.86 -12.90
CA VAL B 150 -32.69 19.32 -12.87
C VAL B 150 -32.92 19.83 -14.27
N PRO B 151 -33.51 21.02 -14.40
CA PRO B 151 -33.58 21.64 -15.72
C PRO B 151 -32.19 21.79 -16.31
N ILE B 152 -32.09 21.54 -17.62
CA ILE B 152 -30.80 21.68 -18.30
C ILE B 152 -30.24 23.07 -18.07
N GLU B 153 -31.08 24.07 -18.24
CA GLU B 153 -30.72 25.46 -17.97
C GLU B 153 -32.00 26.24 -17.76
N GLY B 154 -31.86 27.53 -17.48
CA GLY B 154 -32.99 28.43 -17.51
C GLY B 154 -33.29 28.83 -18.94
N LYS B 155 -33.54 27.83 -19.78
CA LYS B 155 -33.66 28.01 -21.22
C LYS B 155 -34.88 27.24 -21.71
N ASN B 156 -35.17 27.39 -23.00
CA ASN B 156 -36.28 26.69 -23.62
C ASN B 156 -36.04 25.19 -23.61
N THR B 157 -36.93 24.43 -24.24
CA THR B 157 -36.88 22.97 -24.19
C THR B 157 -37.09 22.48 -22.75
N ASN B 158 -38.27 22.79 -22.22
CA ASN B 158 -38.61 22.38 -20.86
C ASN B 158 -38.45 20.88 -20.68
N THR B 159 -38.61 20.11 -21.76
CA THR B 159 -38.29 18.68 -21.69
C THR B 159 -36.83 18.44 -21.35
N GLY B 160 -35.96 19.41 -21.60
CA GLY B 160 -34.54 19.26 -21.34
C GLY B 160 -34.20 19.22 -19.87
N TYR B 161 -33.38 18.25 -19.48
CA TYR B 161 -32.94 18.14 -18.10
C TYR B 161 -31.59 17.45 -18.07
N ARG B 162 -30.94 17.54 -16.91
CA ARG B 162 -29.65 16.91 -16.66
C ARG B 162 -29.62 16.41 -15.23
N LEU B 163 -28.76 15.43 -14.98
CA LEU B 163 -28.58 14.96 -13.61
C LEU B 163 -27.98 16.09 -12.77
N ILE B 164 -28.33 16.08 -11.48
CA ILE B 164 -27.95 17.17 -10.59
C ILE B 164 -26.42 17.29 -10.52
N ASN B 165 -25.74 16.17 -10.32
CA ASN B 165 -24.32 16.22 -9.99
C ASN B 165 -23.47 16.73 -11.14
N CYS B 166 -23.91 16.51 -12.37
CA CYS B 166 -23.02 16.68 -13.53
C CYS B 166 -22.36 18.06 -13.52
N ASN B 167 -23.14 19.11 -13.30
CA ASN B 167 -22.53 20.44 -13.24
C ASN B 167 -21.65 20.61 -12.01
N THR B 168 -21.68 19.65 -11.08
CA THR B 168 -20.85 19.70 -9.88
C THR B 168 -19.74 18.66 -9.91
N SER B 169 -20.08 17.39 -10.18
CA SER B 169 -19.09 16.34 -10.20
C SER B 169 -19.79 15.05 -10.63
N THR B 170 -18.99 14.00 -10.80
CA THR B 170 -19.52 12.69 -11.18
C THR B 170 -19.93 11.91 -9.93
N CYS B 171 -20.49 10.73 -10.16
CA CYS B 171 -20.90 9.84 -9.08
C CYS B 171 -20.60 8.41 -9.52
N THR B 172 -21.03 7.46 -8.70
CA THR B 172 -20.72 6.05 -8.95
C THR B 172 -21.94 5.20 -8.64
N GLN B 173 -22.17 4.18 -9.46
CA GLN B 173 -23.17 3.17 -9.17
C GLN B 173 -22.55 2.11 -8.29
N ALA B 174 -23.06 1.97 -7.07
CA ALA B 174 -22.50 1.01 -6.14
C ALA B 174 -22.59 -0.40 -6.72
N CYS B 175 -21.60 -1.21 -6.40
CA CYS B 175 -21.63 -2.60 -6.83
C CYS B 175 -22.90 -3.25 -6.30
N PRO B 176 -23.73 -3.84 -7.15
CA PRO B 176 -25.04 -4.31 -6.65
C PRO B 176 -24.94 -5.27 -5.49
N LYS B 177 -23.92 -6.13 -5.48
CA LYS B 177 -23.87 -7.19 -4.48
C LYS B 177 -23.70 -6.64 -3.07
N VAL B 178 -22.86 -5.62 -2.90
CA VAL B 178 -22.58 -5.12 -1.57
C VAL B 178 -23.85 -4.60 -0.91
N THR B 179 -23.88 -4.67 0.43
CA THR B 179 -25.02 -4.21 1.21
C THR B 179 -24.50 -3.39 2.40
N PHE B 180 -25.43 -2.70 3.06
CA PHE B 180 -25.09 -1.75 4.10
C PHE B 180 -25.63 -2.14 5.46
N ASP B 181 -26.10 -3.38 5.62
CA ASP B 181 -26.62 -3.81 6.91
C ASP B 181 -25.55 -3.60 7.98
N PRO B 182 -25.71 -2.63 8.86
CA PRO B 182 -24.65 -2.35 9.84
C PRO B 182 -24.36 -3.53 10.75
N ILE B 183 -23.15 -4.08 10.64
CA ILE B 183 -22.72 -5.19 11.49
C ILE B 183 -22.40 -4.64 12.88
N PRO B 184 -22.70 -5.37 13.96
CA PRO B 184 -22.34 -4.87 15.28
C PRO B 184 -20.84 -4.97 15.54
N ILE B 185 -20.08 -4.02 15.00
CA ILE B 185 -18.63 -4.10 15.07
C ILE B 185 -18.17 -3.98 16.51
N HIS B 186 -17.05 -4.64 16.81
CA HIS B 186 -16.36 -4.49 18.07
C HIS B 186 -15.03 -3.81 17.85
N TYR B 187 -14.53 -3.13 18.88
CA TYR B 187 -13.21 -2.52 18.85
C TYR B 187 -12.38 -3.11 19.96
N CYS B 188 -11.15 -3.46 19.62
CA CYS B 188 -10.21 -4.05 20.57
C CYS B 188 -8.95 -3.20 20.61
N ALA B 189 -8.40 -3.05 21.80
CA ALA B 189 -7.21 -2.25 22.00
C ALA B 189 -5.96 -3.12 21.87
N PRO B 190 -4.83 -2.50 21.58
CA PRO B 190 -3.57 -3.25 21.51
C PRO B 190 -2.96 -3.47 22.89
N ALA B 191 -2.08 -4.48 22.95
CA ALA B 191 -1.45 -4.84 24.22
C ALA B 191 -0.80 -3.62 24.85
N GLY B 192 -0.69 -3.63 26.16
CA GLY B 192 -0.24 -2.48 26.89
C GLY B 192 -1.25 -1.39 27.04
N TYR B 193 -2.49 -1.63 26.64
CA TYR B 193 -3.56 -0.65 26.74
C TYR B 193 -4.83 -1.32 27.24
N ALA B 194 -5.65 -0.55 27.93
CA ALA B 194 -6.84 -1.07 28.58
C ALA B 194 -8.02 -0.17 28.28
N ILE B 195 -9.20 -0.79 28.21
CA ILE B 195 -10.45 -0.13 27.90
C ILE B 195 -11.32 -0.18 29.15
N LEU B 196 -11.81 0.97 29.58
CA LEU B 196 -12.52 1.11 30.84
C LEU B 196 -13.96 1.49 30.59
N LYS B 197 -14.87 0.97 31.41
CA LYS B 197 -16.28 1.29 31.36
C LYS B 197 -16.72 1.85 32.70
N CYS B 198 -17.42 2.97 32.68
CA CYS B 198 -18.05 3.50 33.89
C CYS B 198 -19.37 2.77 34.11
N ASN B 199 -19.44 1.96 35.15
CA ASN B 199 -20.61 1.13 35.37
C ASN B 199 -21.84 1.97 35.71
N ASN B 200 -21.65 3.07 36.44
CA ASN B 200 -22.75 3.93 36.81
C ASN B 200 -23.63 4.22 35.60
N LYS B 201 -24.92 3.94 35.74
CA LYS B 201 -25.84 4.08 34.62
C LYS B 201 -26.47 5.46 34.54
N THR B 202 -26.03 6.42 35.36
CA THR B 202 -26.52 7.78 35.31
C THR B 202 -25.37 8.77 35.20
N PHE B 203 -24.35 8.41 34.43
CA PHE B 203 -23.20 9.28 34.23
C PHE B 203 -23.52 10.32 33.17
N ASN B 204 -23.29 11.60 33.50
CA ASN B 204 -23.62 12.67 32.56
C ASN B 204 -22.82 12.58 31.27
N GLY B 205 -21.70 11.85 31.28
CA GLY B 205 -20.82 11.77 30.14
C GLY B 205 -19.56 12.60 30.27
N LYS B 206 -19.53 13.55 31.20
CA LYS B 206 -18.33 14.31 31.51
C LYS B 206 -18.29 14.51 33.01
N GLY B 207 -17.41 13.78 33.69
CA GLY B 207 -17.29 13.91 35.13
C GLY B 207 -16.68 12.69 35.79
N PRO B 208 -16.64 12.70 37.11
CA PRO B 208 -16.09 11.56 37.85
C PRO B 208 -16.99 10.34 37.78
N CYS B 209 -16.36 9.18 37.99
CA CYS B 209 -17.05 7.90 38.06
C CYS B 209 -16.43 7.08 39.18
N ASN B 210 -17.24 6.23 39.80
CA ASN B 210 -16.81 5.44 40.95
C ASN B 210 -16.89 3.94 40.77
N ASN B 211 -17.89 3.43 40.04
CA ASN B 211 -17.98 2.01 39.76
C ASN B 211 -17.46 1.79 38.34
N VAL B 212 -16.25 1.25 38.24
CA VAL B 212 -15.54 1.13 36.98
C VAL B 212 -15.15 -0.33 36.76
N SER B 213 -15.27 -0.79 35.52
CA SER B 213 -14.81 -2.10 35.11
C SER B 213 -13.88 -1.94 33.91
N THR B 214 -13.25 -3.04 33.52
CA THR B 214 -12.28 -3.00 32.44
C THR B 214 -12.48 -4.22 31.55
N VAL B 215 -12.48 -4.00 30.24
CA VAL B 215 -12.65 -5.06 29.26
C VAL B 215 -11.60 -4.89 28.17
N GLN B 216 -11.52 -5.90 27.32
CA GLN B 216 -10.52 -5.92 26.25
C GLN B 216 -11.08 -5.48 24.91
N CYS B 217 -12.36 -5.73 24.64
CA CYS B 217 -12.96 -5.37 23.37
C CYS B 217 -14.31 -4.71 23.61
N THR B 218 -14.64 -3.75 22.76
CA THR B 218 -15.90 -3.03 22.86
C THR B 218 -17.04 -3.92 22.41
N HIS B 219 -18.20 -3.72 23.03
CA HIS B 219 -19.38 -4.50 22.65
C HIS B 219 -19.77 -4.18 21.22
N GLY B 220 -20.37 -5.13 20.53
CA GLY B 220 -20.75 -4.94 19.14
C GLY B 220 -21.57 -3.69 18.92
N ILE B 221 -21.02 -2.70 18.25
CA ILE B 221 -21.71 -1.46 17.93
C ILE B 221 -21.97 -1.45 16.43
N LYS B 222 -23.20 -1.14 16.05
CA LYS B 222 -23.50 -1.10 14.63
C LYS B 222 -23.15 0.26 14.05
N PRO B 223 -22.44 0.32 12.92
CA PRO B 223 -22.15 1.61 12.30
C PRO B 223 -23.37 2.16 11.56
N VAL B 224 -24.29 2.74 12.31
CA VAL B 224 -25.56 3.21 11.77
C VAL B 224 -25.47 4.71 11.52
N VAL B 225 -26.26 5.18 10.56
CA VAL B 225 -26.32 6.58 10.18
C VAL B 225 -27.75 7.04 10.22
N SER B 226 -27.99 8.22 10.78
CA SER B 226 -29.33 8.78 10.82
C SER B 226 -29.25 10.24 11.24
N THR B 227 -30.35 10.95 11.04
CA THR B 227 -30.49 12.33 11.44
C THR B 227 -31.80 12.48 12.21
N GLN B 228 -31.72 13.10 13.38
CA GLN B 228 -32.87 13.34 14.26
C GLN B 228 -33.32 12.08 14.97
N LEU B 229 -32.76 10.92 14.65
CA LEU B 229 -33.17 9.66 15.25
C LEU B 229 -31.97 8.78 15.47
N LEU B 230 -32.08 7.88 16.44
CA LEU B 230 -31.05 6.89 16.77
C LEU B 230 -31.69 5.52 16.61
N LEU B 231 -31.69 5.02 15.38
CA LEU B 231 -32.35 3.75 15.11
C LEU B 231 -31.58 2.62 15.75
N ASN B 232 -32.30 1.75 16.46
CA ASN B 232 -31.66 0.65 17.19
C ASN B 232 -30.66 1.30 18.15
N GLY B 233 -29.50 0.70 18.36
CA GLY B 233 -28.56 1.20 19.36
C GLY B 233 -28.77 0.53 20.72
N SER B 234 -29.27 1.29 21.69
CA SER B 234 -29.57 0.72 22.99
C SER B 234 -30.27 1.76 23.85
N LEU B 235 -31.02 1.27 24.84
CA LEU B 235 -31.68 2.11 25.81
C LEU B 235 -30.79 2.34 27.02
N ALA B 236 -31.22 3.25 27.89
CA ALA B 236 -30.60 3.46 29.19
C ALA B 236 -31.51 2.81 30.23
N GLU B 237 -31.13 1.62 30.69
CA GLU B 237 -32.02 0.81 31.51
C GLU B 237 -32.49 1.56 32.75
N GLU B 238 -31.68 2.52 33.22
CA GLU B 238 -32.04 3.21 34.46
C GLU B 238 -33.23 4.15 34.24
N GLU B 239 -33.06 5.17 33.40
CA GLU B 239 -34.10 6.15 33.17
C GLU B 239 -33.81 6.85 31.85
N ILE B 240 -34.54 7.94 31.59
CA ILE B 240 -34.20 8.81 30.47
C ILE B 240 -32.92 9.56 30.80
N VAL B 241 -32.01 9.63 29.84
CA VAL B 241 -30.70 10.23 30.03
C VAL B 241 -30.61 11.48 29.17
N ILE B 242 -30.02 12.53 29.72
CA ILE B 242 -29.76 13.76 29.00
C ILE B 242 -28.29 14.09 29.17
N ARG B 243 -27.60 14.43 28.08
CA ARG B 243 -26.22 14.84 28.21
C ARG B 243 -25.83 15.79 27.09
N SER B 244 -24.96 16.73 27.44
CA SER B 244 -24.45 17.74 26.54
C SER B 244 -23.11 18.21 27.04
N LYS B 245 -22.27 18.69 26.12
CA LYS B 245 -21.02 19.30 26.55
C LYS B 245 -21.29 20.44 27.52
N ASN B 246 -22.27 21.28 27.21
CA ASN B 246 -22.76 22.26 28.17
C ASN B 246 -24.13 22.72 27.71
N LEU B 247 -25.18 22.28 28.40
CA LEU B 247 -26.52 22.65 28.00
C LEU B 247 -26.75 24.14 28.07
N ALA B 248 -25.92 24.87 28.82
CA ALA B 248 -26.06 26.32 28.84
C ALA B 248 -25.81 26.92 27.47
N ASP B 249 -24.81 26.41 26.76
CA ASP B 249 -24.40 26.96 25.46
C ASP B 249 -25.35 26.39 24.40
N ASN B 250 -26.34 27.20 24.01
CA ASN B 250 -27.37 26.70 23.12
C ASN B 250 -26.77 26.00 21.91
N ALA B 251 -25.67 26.56 21.39
CA ALA B 251 -25.09 26.01 20.17
C ALA B 251 -24.70 24.54 20.36
N LYS B 252 -24.05 24.23 21.48
CA LYS B 252 -23.60 22.87 21.70
C LYS B 252 -24.77 21.90 21.65
N ILE B 253 -24.57 20.78 20.96
CA ILE B 253 -25.64 19.83 20.75
C ILE B 253 -26.06 19.19 22.07
N ILE B 254 -27.32 18.76 22.12
CA ILE B 254 -27.85 18.00 23.24
C ILE B 254 -28.25 16.63 22.72
N ILE B 255 -28.03 15.60 23.52
CA ILE B 255 -28.45 14.25 23.17
C ILE B 255 -29.29 13.70 24.30
N VAL B 256 -30.40 13.07 23.95
CA VAL B 256 -31.29 12.48 24.95
C VAL B 256 -31.54 11.04 24.57
N GLN B 257 -31.28 10.14 25.51
CA GLN B 257 -31.47 8.71 25.30
C GLN B 257 -32.69 8.23 26.07
N LEU B 258 -33.54 7.47 25.39
CA LEU B 258 -34.76 6.94 25.96
C LEU B 258 -34.47 5.64 26.72
N ASN B 259 -35.32 5.34 27.68
CA ASN B 259 -35.26 4.06 28.39
C ASN B 259 -36.45 3.17 28.03
N LYS B 260 -37.11 3.45 26.91
CA LYS B 260 -38.23 2.63 26.45
C LYS B 260 -38.27 2.75 24.94
N SER B 261 -37.71 1.75 24.25
CA SER B 261 -37.59 1.82 22.81
C SER B 261 -38.97 1.93 22.17
N VAL B 262 -39.08 2.77 21.15
CA VAL B 262 -40.36 3.04 20.50
C VAL B 262 -40.32 2.43 19.11
N GLU B 263 -41.24 1.52 18.84
CA GLU B 263 -41.29 0.89 17.53
C GLU B 263 -41.68 1.91 16.47
N ILE B 264 -41.28 1.61 15.23
CA ILE B 264 -41.64 2.43 14.07
C ILE B 264 -41.42 1.57 12.84
N VAL B 265 -42.14 1.88 11.76
CA VAL B 265 -41.97 1.16 10.51
C VAL B 265 -42.05 2.15 9.36
N CYS B 266 -41.46 1.76 8.23
CA CYS B 266 -41.54 2.54 7.02
C CYS B 266 -41.50 1.58 5.84
N THR B 267 -42.04 2.03 4.72
CA THR B 267 -42.09 1.16 3.55
C THR B 267 -42.27 1.98 2.28
N ARG B 268 -41.91 1.35 1.16
CA ARG B 268 -42.12 1.87 -0.18
C ARG B 268 -43.18 1.00 -0.86
N PRO B 269 -44.45 1.41 -0.85
CA PRO B 269 -45.50 0.58 -1.44
C PRO B 269 -45.53 0.66 -2.96
N ASN B 270 -44.52 0.04 -3.58
CA ASN B 270 -44.43 0.03 -5.03
C ASN B 270 -43.72 -1.25 -5.46
N ASN B 271 -44.00 -1.66 -6.68
CA ASN B 271 -43.40 -2.86 -7.25
C ASN B 271 -42.42 -2.43 -8.33
N ASN B 272 -41.13 -2.52 -8.02
CA ASN B 272 -40.09 -1.95 -8.86
C ASN B 272 -39.18 -3.05 -9.41
N THR B 273 -38.45 -2.69 -10.47
CA THR B 273 -37.52 -3.59 -11.10
C THR B 273 -36.59 -2.78 -11.99
N ARG B 274 -35.41 -3.33 -12.23
CA ARG B 274 -34.35 -2.59 -12.89
C ARG B 274 -34.12 -3.09 -14.30
N ARG B 275 -33.89 -2.13 -15.20
CA ARG B 275 -33.55 -2.38 -16.59
C ARG B 275 -32.05 -2.13 -16.72
N SER B 276 -31.31 -3.18 -17.06
CA SER B 276 -29.87 -3.05 -17.22
C SER B 276 -29.54 -2.54 -18.61
N ILE B 277 -28.64 -1.56 -18.66
CA ILE B 277 -28.27 -0.91 -19.91
C ILE B 277 -26.75 -0.96 -20.00
N ARG B 278 -26.24 -1.64 -21.02
CA ARG B 278 -24.80 -1.70 -21.21
C ARG B 278 -24.33 -0.36 -21.74
N ILE B 279 -23.93 0.54 -20.85
CA ILE B 279 -23.48 1.85 -21.30
C ILE B 279 -22.17 1.71 -22.08
N GLY B 280 -21.27 0.87 -21.59
CA GLY B 280 -19.99 0.64 -22.23
C GLY B 280 -19.66 -0.83 -22.29
N PRO B 281 -18.46 -1.15 -22.76
CA PRO B 281 -18.06 -2.54 -22.92
C PRO B 281 -17.78 -3.23 -21.59
N GLY B 282 -18.83 -3.72 -20.94
CA GLY B 282 -18.72 -4.36 -19.67
C GLY B 282 -19.20 -3.53 -18.50
N GLN B 283 -19.86 -2.40 -18.75
CA GLN B 283 -20.26 -1.47 -17.71
C GLN B 283 -21.74 -1.21 -17.87
N THR B 284 -22.53 -1.61 -16.87
CA THR B 284 -23.98 -1.67 -17.01
C THR B 284 -24.65 -0.79 -15.96
N PHE B 285 -25.42 0.19 -16.41
CA PHE B 285 -26.26 0.98 -15.54
C PHE B 285 -27.56 0.23 -15.26
N TYR B 286 -28.23 0.62 -14.19
CA TYR B 286 -29.46 -0.04 -13.74
C TYR B 286 -30.57 0.99 -13.61
N ALA B 287 -31.28 1.24 -14.70
CA ALA B 287 -32.36 2.20 -14.67
C ALA B 287 -33.56 1.66 -13.90
N THR B 288 -34.26 2.57 -13.22
CA THR B 288 -35.44 2.24 -12.45
C THR B 288 -36.63 2.00 -13.37
N ASP B 289 -37.54 1.13 -12.94
CA ASP B 289 -38.79 0.98 -13.65
C ASP B 289 -39.82 0.40 -12.68
N ILE B 290 -41.09 0.62 -13.00
CA ILE B 290 -42.20 0.27 -12.14
C ILE B 290 -43.12 -0.69 -12.88
N ILE B 291 -43.84 -1.50 -12.11
CA ILE B 291 -44.80 -2.43 -12.68
C ILE B 291 -46.19 -1.83 -12.61
N GLY B 292 -46.67 -1.59 -11.40
CA GLY B 292 -48.03 -1.13 -11.16
C GLY B 292 -48.13 0.38 -11.04
N ASP B 293 -49.08 0.83 -10.24
CA ASP B 293 -49.24 2.25 -9.98
C ASP B 293 -48.10 2.75 -9.10
N ILE B 294 -48.15 4.03 -8.74
CA ILE B 294 -47.08 4.68 -7.99
C ILE B 294 -47.67 5.30 -6.74
N ARG B 295 -47.16 4.90 -5.58
CA ARG B 295 -47.60 5.43 -4.30
C ARG B 295 -46.37 5.80 -3.48
N GLN B 296 -46.28 7.08 -3.12
CA GLN B 296 -45.13 7.57 -2.37
C GLN B 296 -44.96 6.80 -1.07
N ALA B 297 -43.71 6.51 -0.72
CA ALA B 297 -43.40 5.78 0.49
C ALA B 297 -43.94 6.51 1.72
N TYR B 298 -43.94 5.82 2.85
CA TYR B 298 -44.49 6.40 4.07
C TYR B 298 -44.05 5.58 5.26
N CYS B 299 -44.61 5.88 6.43
CA CYS B 299 -44.22 5.26 7.68
C CYS B 299 -45.45 5.06 8.57
N ASN B 300 -45.21 4.41 9.71
CA ASN B 300 -46.22 4.21 10.74
C ASN B 300 -45.53 4.23 12.09
N ILE B 301 -46.20 4.84 13.06
CA ILE B 301 -45.69 4.93 14.43
C ILE B 301 -46.88 5.07 15.37
N SER B 302 -46.73 4.49 16.56
CA SER B 302 -47.78 4.52 17.58
C SER B 302 -47.61 5.76 18.45
N GLY B 303 -48.16 6.88 17.98
CA GLY B 303 -48.03 8.11 18.73
C GLY B 303 -48.55 7.99 20.15
N ARG B 304 -49.54 7.11 20.36
CA ARG B 304 -49.97 6.81 21.70
C ARG B 304 -48.77 6.45 22.57
N ASN B 305 -47.90 5.59 22.04
CA ASN B 305 -46.64 5.29 22.72
C ASN B 305 -45.81 6.56 22.88
N TRP B 306 -45.76 7.36 21.82
CA TRP B 306 -44.83 8.49 21.77
C TRP B 306 -45.09 9.46 22.92
N SER B 307 -46.36 9.74 23.18
CA SER B 307 -46.70 10.80 24.14
C SER B 307 -46.09 10.53 25.51
N GLU B 308 -46.05 9.27 25.93
CA GLU B 308 -45.56 8.97 27.27
C GLU B 308 -44.10 9.38 27.43
N ALA B 309 -43.24 8.90 26.52
CA ALA B 309 -41.85 9.29 26.59
C ALA B 309 -41.70 10.80 26.43
N VAL B 310 -42.53 11.40 25.59
CA VAL B 310 -42.46 12.86 25.41
C VAL B 310 -42.68 13.55 26.74
N ASN B 311 -43.74 13.16 27.45
CA ASN B 311 -44.05 13.81 28.71
C ASN B 311 -42.93 13.57 29.72
N GLN B 312 -42.42 12.35 29.78
CA GLN B 312 -41.36 12.05 30.74
C GLN B 312 -40.14 12.93 30.47
N VAL B 313 -39.72 13.00 29.21
CA VAL B 313 -38.55 13.81 28.88
C VAL B 313 -38.85 15.27 29.12
N LYS B 314 -40.10 15.71 28.91
CA LYS B 314 -40.45 17.08 29.21
C LYS B 314 -40.24 17.38 30.69
N LYS B 315 -40.65 16.45 31.56
CA LYS B 315 -40.43 16.64 32.98
C LYS B 315 -38.94 16.67 33.31
N LYS B 316 -38.17 15.78 32.68
CA LYS B 316 -36.73 15.79 32.89
C LYS B 316 -36.13 17.13 32.49
N LEU B 317 -36.57 17.69 31.37
CA LEU B 317 -36.09 18.99 30.95
C LEU B 317 -36.48 20.07 31.95
N LYS B 318 -37.74 20.06 32.38
CA LYS B 318 -38.17 21.00 33.40
C LYS B 318 -37.27 20.91 34.62
N GLU B 319 -36.80 19.71 34.95
CA GLU B 319 -35.90 19.57 36.09
C GLU B 319 -34.69 20.47 35.94
N HIS B 320 -34.12 20.54 34.73
CA HIS B 320 -33.02 21.45 34.48
C HIS B 320 -33.50 22.89 34.24
N PHE B 321 -34.77 23.09 33.97
CA PHE B 321 -35.32 24.42 33.70
C PHE B 321 -36.61 24.58 34.49
N PRO B 322 -36.49 24.86 35.79
CA PRO B 322 -37.68 24.83 36.66
C PRO B 322 -38.66 25.97 36.43
N HIS B 323 -38.40 26.86 35.48
CA HIS B 323 -39.27 28.02 35.26
C HIS B 323 -39.50 28.27 33.78
N LYS B 324 -39.71 27.21 33.03
CA LYS B 324 -39.93 27.32 31.60
C LYS B 324 -40.91 26.24 31.15
N ASN B 325 -41.51 26.44 29.98
CA ASN B 325 -42.29 25.39 29.36
C ASN B 325 -41.40 24.57 28.43
N ILE B 326 -42.00 23.53 27.85
CA ILE B 326 -41.27 22.58 27.01
C ILE B 326 -42.11 22.28 25.78
N SER B 327 -41.46 22.27 24.61
CA SER B 327 -42.15 22.01 23.36
C SER B 327 -41.12 21.59 22.31
N PHE B 328 -41.64 21.18 21.16
CA PHE B 328 -40.79 20.83 20.04
C PHE B 328 -41.46 21.28 18.75
N GLN B 329 -40.66 21.80 17.82
CA GLN B 329 -41.12 22.21 16.51
C GLN B 329 -40.34 21.47 15.45
N SER B 330 -40.81 21.58 14.21
CA SER B 330 -40.10 20.92 13.12
C SER B 330 -38.69 21.48 13.04
N SER B 331 -37.87 20.80 12.25
CA SER B 331 -36.52 21.29 11.98
C SER B 331 -36.59 22.74 11.52
N SER B 332 -35.61 23.53 11.95
CA SER B 332 -35.65 24.96 11.68
C SER B 332 -35.58 25.28 10.20
N GLY B 333 -34.99 24.40 9.40
CA GLY B 333 -34.90 24.63 7.97
C GLY B 333 -33.46 24.63 7.47
N GLY B 334 -33.23 24.06 6.31
CA GLY B 334 -31.90 23.97 5.76
C GLY B 334 -31.80 22.81 4.79
N ASP B 335 -30.61 22.22 4.72
CA ASP B 335 -30.37 21.11 3.80
C ASP B 335 -31.40 20.02 4.02
N LEU B 336 -31.70 19.27 2.95
CA LEU B 336 -32.76 18.28 3.00
C LEU B 336 -32.55 17.31 4.15
N GLU B 337 -31.37 16.71 4.23
CA GLU B 337 -31.15 15.67 5.22
C GLU B 337 -31.32 16.21 6.64
N ILE B 338 -30.80 17.40 6.90
CA ILE B 338 -30.97 17.98 8.23
C ILE B 338 -32.43 18.25 8.51
N THR B 339 -33.13 18.86 7.55
CA THR B 339 -34.50 19.27 7.80
C THR B 339 -35.35 18.10 8.25
N THR B 340 -35.34 17.02 7.47
CA THR B 340 -36.17 15.87 7.75
C THR B 340 -35.35 14.79 8.44
N HIS B 341 -35.98 13.65 8.68
CA HIS B 341 -35.26 12.49 9.17
C HIS B 341 -34.83 11.64 7.99
N SER B 342 -33.53 11.52 7.81
CA SER B 342 -32.97 10.69 6.75
C SER B 342 -32.44 9.40 7.36
N PHE B 343 -32.47 8.34 6.58
CA PHE B 343 -31.91 7.08 7.03
C PHE B 343 -31.82 6.13 5.86
N ASN B 344 -31.34 4.93 6.13
CA ASN B 344 -31.27 3.86 5.15
C ASN B 344 -32.16 2.71 5.59
N CYS B 345 -32.72 2.01 4.60
CA CYS B 345 -33.56 0.83 4.82
C CYS B 345 -33.10 -0.21 3.81
N GLY B 346 -32.34 -1.19 4.26
CA GLY B 346 -31.85 -2.22 3.37
C GLY B 346 -31.16 -1.67 2.15
N GLY B 347 -30.40 -0.59 2.33
CA GLY B 347 -29.69 0.02 1.23
C GLY B 347 -30.52 0.96 0.39
N GLU B 348 -31.65 1.43 0.89
CA GLU B 348 -32.46 2.42 0.20
C GLU B 348 -32.60 3.66 1.07
N PHE B 349 -32.28 4.81 0.50
CA PHE B 349 -32.23 6.06 1.25
C PHE B 349 -33.63 6.64 1.34
N PHE B 350 -34.03 6.99 2.56
CA PHE B 350 -35.35 7.54 2.81
C PHE B 350 -35.22 8.85 3.56
N TYR B 351 -36.15 9.75 3.27
CA TYR B 351 -36.23 11.04 3.94
C TYR B 351 -37.70 11.26 4.29
N CYS B 352 -37.99 11.27 5.59
CA CYS B 352 -39.33 11.39 6.10
C CYS B 352 -39.48 12.75 6.77
N ASN B 353 -40.44 13.52 6.31
CA ASN B 353 -40.80 14.78 6.94
C ASN B 353 -41.27 14.51 8.35
N THR B 354 -40.59 15.09 9.33
CA THR B 354 -40.85 14.78 10.73
C THR B 354 -41.72 15.81 11.43
N SER B 355 -42.35 16.71 10.68
CA SER B 355 -43.23 17.69 11.31
C SER B 355 -44.30 17.01 12.14
N GLY B 356 -44.69 15.80 11.78
CA GLY B 356 -45.74 15.11 12.50
C GLY B 356 -45.38 14.71 13.91
N LEU B 357 -44.09 14.67 14.24
CA LEU B 357 -43.65 14.22 15.56
C LEU B 357 -43.48 15.37 16.53
N PHE B 358 -42.61 16.31 16.21
CA PHE B 358 -42.21 17.34 17.16
C PHE B 358 -43.28 18.41 17.28
N ASN B 359 -44.38 18.09 17.95
CA ASN B 359 -45.52 18.99 18.04
C ASN B 359 -46.10 18.90 19.43
N ASP B 360 -46.78 19.98 19.83
CA ASP B 360 -47.32 20.03 21.19
C ASP B 360 -48.41 19.00 21.42
N THR B 361 -48.98 18.44 20.35
CA THR B 361 -50.06 17.47 20.45
C THR B 361 -49.99 16.54 19.25
N ILE B 362 -50.27 15.25 19.47
CA ILE B 362 -50.20 14.32 18.36
C ILE B 362 -51.51 13.56 18.14
N SER B 363 -51.87 12.67 19.06
CA SER B 363 -52.98 11.75 18.79
C SER B 363 -53.12 10.72 19.89
N ASN B 364 -54.15 9.87 19.79
CA ASN B 364 -54.15 8.58 20.46
C ASN B 364 -54.05 7.43 19.49
N ALA B 365 -54.09 7.69 18.19
CA ALA B 365 -54.04 6.67 17.15
C ALA B 365 -52.66 6.61 16.53
N THR B 366 -52.47 5.61 15.68
CA THR B 366 -51.23 5.47 14.94
C THR B 366 -50.98 6.71 14.10
N ILE B 367 -49.71 7.00 13.86
CA ILE B 367 -49.29 8.13 13.04
C ILE B 367 -48.47 7.62 11.87
N MET B 368 -48.76 8.13 10.68
CA MET B 368 -48.04 7.81 9.46
C MET B 368 -47.41 9.07 8.90
N LEU B 369 -46.27 8.91 8.23
CA LEU B 369 -45.50 10.04 7.75
C LEU B 369 -45.23 9.91 6.26
N PRO B 370 -45.28 11.02 5.52
CA PRO B 370 -44.86 10.98 4.12
C PRO B 370 -43.37 11.20 3.99
N CYS B 371 -42.72 10.34 3.21
CA CYS B 371 -41.29 10.41 3.00
C CYS B 371 -41.03 10.58 1.51
N ARG B 372 -39.78 10.81 1.17
CA ARG B 372 -39.37 10.91 -0.22
C ARG B 372 -38.05 10.20 -0.40
N ILE B 373 -37.79 9.77 -1.64
CA ILE B 373 -36.69 8.89 -1.96
C ILE B 373 -35.78 9.55 -2.98
N LYS B 374 -34.48 9.50 -2.71
CA LYS B 374 -33.47 10.00 -3.63
C LYS B 374 -32.60 8.85 -4.11
N GLN B 375 -32.04 9.02 -5.31
CA GLN B 375 -31.18 8.01 -5.90
C GLN B 375 -29.73 8.46 -6.02
N ILE B 376 -29.46 9.76 -6.02
CA ILE B 376 -28.11 10.28 -5.95
C ILE B 376 -27.90 10.79 -4.54
N ILE B 377 -26.80 10.38 -3.93
CA ILE B 377 -26.58 10.59 -2.51
C ILE B 377 -25.22 11.24 -2.31
N ASN B 378 -25.19 12.28 -1.49
CA ASN B 378 -23.94 12.87 -1.02
C ASN B 378 -23.73 12.36 0.40
N MET B 379 -23.12 11.17 0.48
CA MET B 379 -22.99 10.50 1.77
C MET B 379 -22.39 11.42 2.81
N TRP B 380 -21.43 12.24 2.42
CA TRP B 380 -20.90 13.28 3.30
C TRP B 380 -20.60 14.50 2.43
N GLN B 381 -20.52 15.66 3.09
CA GLN B 381 -20.68 16.93 2.38
C GLN B 381 -19.75 17.03 1.19
N GLU B 382 -18.49 16.61 1.33
CA GLU B 382 -17.59 16.60 0.19
C GLU B 382 -18.20 15.82 -0.95
N VAL B 383 -18.21 16.41 -2.15
CA VAL B 383 -18.97 15.85 -3.25
C VAL B 383 -18.20 14.79 -4.03
N GLY B 384 -16.88 14.72 -3.88
CA GLY B 384 -16.11 13.75 -4.65
C GLY B 384 -16.59 12.32 -4.48
N LYS B 385 -17.29 12.03 -3.39
CA LYS B 385 -17.78 10.68 -3.11
C LYS B 385 -19.24 10.50 -3.51
N CYS B 386 -19.77 11.36 -4.39
CA CYS B 386 -21.18 11.26 -4.73
C CYS B 386 -21.51 9.87 -5.24
N ILE B 387 -22.57 9.29 -4.69
CA ILE B 387 -22.95 7.92 -5.00
C ILE B 387 -24.32 7.92 -5.67
N TYR B 388 -24.51 6.95 -6.54
CA TYR B 388 -25.82 6.64 -7.11
C TYR B 388 -26.33 5.34 -6.52
N ALA B 389 -27.56 5.36 -6.01
CA ALA B 389 -28.16 4.18 -5.44
C ALA B 389 -28.85 3.38 -6.53
N PRO B 390 -28.49 2.12 -6.76
CA PRO B 390 -29.22 1.34 -7.75
C PRO B 390 -30.59 0.99 -7.25
N PRO B 391 -31.59 0.94 -8.13
CA PRO B 391 -32.93 0.56 -7.69
C PRO B 391 -32.96 -0.88 -7.22
N ILE B 392 -33.88 -1.17 -6.30
CA ILE B 392 -34.05 -2.51 -5.74
C ILE B 392 -35.39 -3.06 -6.19
N LYS B 393 -35.40 -4.32 -6.61
CA LYS B 393 -36.59 -4.92 -7.17
C LYS B 393 -37.68 -5.06 -6.12
N GLY B 394 -38.92 -4.86 -6.55
CA GLY B 394 -40.08 -5.08 -5.72
C GLY B 394 -40.19 -4.13 -4.55
N ASN B 395 -41.35 -4.10 -3.90
CA ASN B 395 -41.53 -3.24 -2.74
C ASN B 395 -40.55 -3.61 -1.66
N ILE B 396 -40.45 -2.74 -0.66
CA ILE B 396 -39.53 -2.93 0.45
C ILE B 396 -40.13 -2.29 1.70
N THR B 397 -39.74 -2.82 2.85
CA THR B 397 -40.26 -2.35 4.12
C THR B 397 -39.25 -2.64 5.21
N CYS B 398 -39.03 -1.66 6.08
CA CYS B 398 -38.14 -1.80 7.22
C CYS B 398 -38.88 -1.42 8.49
N LYS B 399 -38.79 -2.29 9.50
CA LYS B 399 -39.28 -2.01 10.83
C LYS B 399 -38.09 -1.87 11.76
N SER B 400 -38.14 -0.88 12.64
CA SER B 400 -37.04 -0.62 13.55
C SER B 400 -37.60 0.08 14.79
N ASP B 401 -36.72 0.65 15.60
CA ASP B 401 -37.13 1.30 16.83
C ASP B 401 -36.22 2.47 17.12
N ILE B 402 -36.72 3.38 17.93
CA ILE B 402 -36.01 4.57 18.35
C ILE B 402 -35.57 4.36 19.79
N THR B 403 -34.31 4.72 20.08
CA THR B 403 -33.77 4.70 21.41
C THR B 403 -33.37 6.07 21.92
N GLY B 404 -32.98 6.98 21.04
CA GLY B 404 -32.56 8.31 21.46
C GLY B 404 -32.72 9.27 20.31
N LEU B 405 -32.43 10.54 20.60
CA LEU B 405 -32.59 11.58 19.60
C LEU B 405 -31.76 12.79 19.99
N LEU B 406 -31.42 13.59 19.00
CA LEU B 406 -30.60 14.76 19.15
C LEU B 406 -31.47 16.00 19.17
N LEU B 407 -31.20 16.90 20.11
CA LEU B 407 -31.97 18.11 20.27
C LEU B 407 -31.05 19.30 20.34
N LEU B 408 -31.58 20.44 19.89
CA LEU B 408 -30.86 21.70 19.93
C LEU B 408 -31.79 22.78 20.44
N ARG B 409 -31.32 23.58 21.38
CA ARG B 409 -32.15 24.58 22.02
C ARG B 409 -32.25 25.84 21.17
N ASP B 410 -33.32 26.61 21.38
CA ASP B 410 -33.53 27.81 20.58
C ASP B 410 -32.43 28.84 20.83
N GLY B 411 -32.18 29.18 22.08
CA GLY B 411 -31.11 30.11 22.39
C GLY B 411 -31.54 31.53 22.70
N GLY B 412 -32.83 31.80 22.81
CA GLY B 412 -33.31 33.12 23.18
C GLY B 412 -34.27 33.07 24.33
N ASN B 413 -33.92 33.69 25.45
CA ASN B 413 -34.74 33.59 26.65
C ASN B 413 -36.02 34.37 26.42
N THR B 414 -37.08 33.66 26.06
CA THR B 414 -38.38 34.29 25.90
C THR B 414 -38.86 34.78 27.26
N ALA B 415 -39.39 36.00 27.28
CA ALA B 415 -40.06 36.46 28.49
C ALA B 415 -41.14 35.47 28.90
N ASN B 416 -41.82 34.87 27.93
CA ASN B 416 -42.85 33.88 28.23
C ASN B 416 -42.25 32.59 28.79
N ASN B 417 -40.93 32.44 28.73
CA ASN B 417 -40.26 31.27 29.29
C ASN B 417 -40.66 29.99 28.58
N ALA B 418 -41.23 30.11 27.38
CA ALA B 418 -41.62 28.94 26.59
C ALA B 418 -40.35 28.37 25.97
N GLU B 419 -39.58 27.65 26.78
CA GLU B 419 -38.37 27.01 26.28
C GLU B 419 -38.74 25.93 25.28
N ILE B 420 -37.99 25.87 24.18
CA ILE B 420 -38.26 24.93 23.12
C ILE B 420 -36.95 24.28 22.68
N PHE B 421 -37.08 23.10 22.07
CA PHE B 421 -35.97 22.45 21.42
C PHE B 421 -36.44 21.95 20.06
N ARG B 422 -35.49 21.81 19.15
CA ARG B 422 -35.77 21.37 17.79
C ARG B 422 -34.84 20.23 17.43
N PRO B 423 -35.24 19.38 16.49
CA PRO B 423 -34.32 18.35 16.00
C PRO B 423 -33.17 18.97 15.22
N GLY B 424 -32.04 18.29 15.22
CA GLY B 424 -30.86 18.76 14.51
C GLY B 424 -30.01 17.60 14.04
N GLY B 425 -28.69 17.72 14.22
CA GLY B 425 -27.78 16.64 13.92
C GLY B 425 -26.82 17.00 12.80
N GLY B 426 -26.50 16.00 11.98
CA GLY B 426 -25.59 16.16 10.88
C GLY B 426 -24.13 15.95 11.23
N ASP B 427 -23.80 16.01 12.51
CA ASP B 427 -22.43 15.75 12.97
C ASP B 427 -22.33 14.25 13.20
N MET B 428 -21.90 13.53 12.16
CA MET B 428 -21.96 12.08 12.22
C MET B 428 -21.24 11.53 13.44
N ARG B 429 -20.23 12.25 13.93
CA ARG B 429 -19.52 11.79 15.11
C ARG B 429 -20.45 11.60 16.29
N ASP B 430 -21.39 12.53 16.47
CA ASP B 430 -22.29 12.46 17.63
C ASP B 430 -23.04 11.14 17.68
N ASN B 431 -23.40 10.58 16.52
CA ASN B 431 -24.12 9.32 16.52
C ASN B 431 -23.36 8.26 17.28
N TRP B 432 -22.11 8.03 16.90
CA TRP B 432 -21.30 7.03 17.60
C TRP B 432 -21.01 7.47 19.03
N ARG B 433 -20.81 8.78 19.23
CA ARG B 433 -20.61 9.27 20.58
C ARG B 433 -21.72 8.79 21.50
N SER B 434 -22.94 8.79 20.98
CA SER B 434 -24.12 8.45 21.78
C SER B 434 -23.93 7.18 22.57
N GLU B 435 -23.10 6.27 22.07
CA GLU B 435 -22.81 5.00 22.74
C GLU B 435 -21.40 4.96 23.29
N LEU B 436 -20.43 5.44 22.52
CA LEU B 436 -19.04 5.35 22.94
C LEU B 436 -18.78 6.15 24.20
N TYR B 437 -19.69 7.05 24.58
CA TYR B 437 -19.48 7.83 25.80
C TYR B 437 -19.05 6.94 26.96
N LYS B 438 -19.50 5.69 27.00
CA LYS B 438 -19.14 4.82 28.11
C LYS B 438 -17.65 4.53 28.15
N TYR B 439 -17.06 4.19 27.00
CA TYR B 439 -15.72 3.62 26.99
C TYR B 439 -14.67 4.70 27.25
N LYS B 440 -13.41 4.25 27.34
CA LYS B 440 -12.26 5.12 27.52
C LYS B 440 -11.01 4.25 27.45
N VAL B 441 -9.89 4.86 27.08
CA VAL B 441 -8.68 4.12 26.74
C VAL B 441 -7.50 4.67 27.53
N VAL B 442 -6.68 3.77 28.08
CA VAL B 442 -5.46 4.16 28.77
C VAL B 442 -4.34 3.21 28.41
N LYS B 443 -3.11 3.62 28.69
CA LYS B 443 -1.93 2.81 28.53
C LYS B 443 -1.39 2.38 29.89
N ILE B 444 -0.24 1.73 29.90
CA ILE B 444 0.33 1.16 31.12
C ILE B 444 1.79 1.56 31.24
N GLU B 445 2.21 1.86 32.45
CA GLU B 445 3.60 2.24 32.75
C GLU B 445 4.03 1.45 33.98
N PRO B 446 4.38 0.17 33.80
CA PRO B 446 4.47 -0.75 34.95
C PRO B 446 5.70 -0.60 35.81
N LEU B 447 6.48 0.47 35.68
CA LEU B 447 7.74 0.62 36.41
C LEU B 447 7.52 1.53 37.61
N GLY B 448 7.37 0.93 38.79
CA GLY B 448 7.20 1.69 40.01
C GLY B 448 8.47 1.71 40.83
N VAL B 449 8.58 2.75 41.66
CA VAL B 449 9.75 2.94 42.52
C VAL B 449 9.27 3.29 43.91
N ALA B 450 9.94 2.75 44.92
CA ALA B 450 9.54 2.99 46.31
C ALA B 450 10.74 2.79 47.21
N PRO B 451 10.72 3.36 48.41
CA PRO B 451 11.77 3.07 49.38
C PRO B 451 11.55 1.74 50.08
N THR B 452 12.65 1.15 50.54
CA THR B 452 12.60 -0.08 51.30
C THR B 452 13.86 -0.19 52.15
N ARG B 453 13.79 -1.00 53.20
CA ARG B 453 14.94 -1.17 54.09
C ARG B 453 16.01 -2.06 53.46
N CYS B 454 15.63 -2.91 52.50
CA CYS B 454 16.60 -3.82 51.91
C CYS B 454 17.69 -3.05 51.19
N LYS B 455 18.87 -3.66 51.12
CA LYS B 455 19.95 -3.18 50.27
C LYS B 455 20.51 -4.37 49.51
N ARG B 456 20.60 -4.24 48.19
CA ARG B 456 21.07 -5.34 47.37
C ARG B 456 22.47 -5.74 47.80
N ARG B 457 22.67 -7.04 48.01
CA ARG B 457 23.94 -7.56 48.51
C ARG B 457 24.38 -6.82 49.76
N LEU B 475 -6.49 -14.46 33.77
CA LEU B 475 -6.56 -14.00 35.15
C LEU B 475 -7.37 -12.71 35.24
N VAL B 476 -7.38 -12.11 36.43
CA VAL B 476 -8.10 -10.84 36.63
C VAL B 476 -7.10 -9.74 36.29
N PHE B 477 -7.03 -9.42 35.00
CA PHE B 477 -6.02 -8.51 34.49
C PHE B 477 -6.17 -7.11 35.09
N LEU B 478 -5.20 -6.70 35.89
CA LEU B 478 -5.10 -5.38 36.50
C LEU B 478 -6.02 -5.27 37.72
N GLY B 479 -6.66 -6.34 38.17
CA GLY B 479 -7.63 -6.23 39.25
C GLY B 479 -7.03 -5.69 40.53
N ALA B 480 -5.87 -6.23 40.91
CA ALA B 480 -5.28 -5.89 42.21
C ALA B 480 -5.16 -4.39 42.42
N ALA B 481 -5.29 -3.59 41.36
CA ALA B 481 -5.30 -2.15 41.52
C ALA B 481 -6.22 -1.70 42.64
N GLY B 482 -7.19 -2.53 43.01
CA GLY B 482 -8.13 -2.15 44.05
C GLY B 482 -7.55 -2.09 45.44
N SER B 483 -6.29 -2.44 45.64
CA SER B 483 -5.67 -2.45 46.96
C SER B 483 -4.44 -1.54 46.99
N THR B 484 -3.70 -1.60 48.09
CA THR B 484 -2.52 -0.78 48.27
C THR B 484 -1.27 -1.50 47.76
N MET B 485 -0.18 -0.75 47.66
CA MET B 485 1.00 -1.20 46.92
C MET B 485 1.58 -2.47 47.54
N GLY B 486 1.84 -2.45 48.84
CA GLY B 486 2.42 -3.62 49.48
C GLY B 486 1.58 -4.86 49.27
N ALA B 487 0.27 -4.72 49.43
CA ALA B 487 -0.62 -5.86 49.23
C ALA B 487 -0.75 -6.20 47.76
N ALA B 488 -0.94 -5.18 46.90
CA ALA B 488 -1.19 -5.45 45.49
C ALA B 488 0.01 -6.06 44.80
N SER B 489 1.21 -5.95 45.38
CA SER B 489 2.42 -6.37 44.69
C SER B 489 2.44 -7.86 44.38
N MET B 490 1.58 -8.66 45.00
CA MET B 490 1.70 -10.10 44.88
C MET B 490 1.53 -10.57 43.44
N THR B 491 0.54 -10.02 42.73
CA THR B 491 0.13 -10.57 41.45
C THR B 491 0.74 -9.84 40.26
N LEU B 492 1.86 -9.15 40.46
CA LEU B 492 2.45 -8.38 39.38
C LEU B 492 2.72 -9.23 38.14
N THR B 493 2.99 -10.51 38.34
CA THR B 493 3.32 -11.38 37.22
C THR B 493 2.19 -11.45 36.21
N VAL B 494 0.94 -11.38 36.70
CA VAL B 494 -0.20 -11.45 35.78
C VAL B 494 -0.16 -10.28 34.81
N GLN B 495 0.02 -9.07 35.34
CA GLN B 495 0.09 -7.91 34.46
C GLN B 495 1.29 -8.01 33.54
N ALA B 496 2.42 -8.49 34.07
CA ALA B 496 3.61 -8.62 33.24
C ALA B 496 3.36 -9.53 32.04
N ARG B 497 2.80 -10.71 32.29
CA ARG B 497 2.63 -11.68 31.22
C ARG B 497 1.53 -11.26 30.26
N ASN B 498 0.42 -10.74 30.78
CA ASN B 498 -0.72 -10.42 29.93
C ASN B 498 -0.37 -9.32 28.92
N LEU B 499 0.35 -8.31 29.34
CA LEU B 499 0.51 -7.10 28.54
C LEU B 499 1.31 -7.29 27.24
N LEU B 500 1.66 -8.48 26.75
CA LEU B 500 2.55 -8.57 25.59
C LEU B 500 1.83 -8.83 24.27
N SER B 501 1.31 -10.05 24.10
CA SER B 501 0.82 -10.52 22.80
C SER B 501 -0.53 -11.17 22.94
N GLY B 502 -1.39 -10.63 23.80
CA GLY B 502 -2.69 -11.22 23.98
C GLY B 502 -3.56 -11.20 22.75
N ILE B 503 -3.19 -10.41 21.74
CA ILE B 503 -4.04 -10.25 20.56
C ILE B 503 -4.22 -11.58 19.85
N VAL B 504 -3.13 -12.32 19.66
CA VAL B 504 -3.19 -13.60 18.97
C VAL B 504 -2.33 -14.62 19.71
N VAL B 525 -4.47 0.03 3.79
CA VAL B 525 -5.72 0.57 4.29
C VAL B 525 -6.06 -0.06 5.63
N TRP B 526 -5.79 -1.36 5.76
CA TRP B 526 -6.03 -2.09 6.99
C TRP B 526 -4.74 -2.58 7.64
N GLY B 527 -3.91 -3.31 6.91
CA GLY B 527 -2.72 -3.87 7.51
C GLY B 527 -1.89 -2.83 8.22
N ILE B 528 -1.63 -1.71 7.56
CA ILE B 528 -0.79 -0.64 8.09
C ILE B 528 -1.13 -0.39 9.56
N LYS B 529 -2.41 -0.33 9.88
CA LYS B 529 -2.83 0.02 11.24
C LYS B 529 -2.32 -1.01 12.25
N GLN B 530 -2.74 -2.26 12.10
CA GLN B 530 -2.36 -3.28 13.07
C GLN B 530 -0.86 -3.51 13.07
N LEU B 531 -0.21 -3.39 11.92
CA LEU B 531 1.25 -3.52 11.88
C LEU B 531 1.90 -2.45 12.73
N GLN B 532 1.45 -1.20 12.58
CA GLN B 532 1.96 -0.13 13.42
C GLN B 532 1.73 -0.46 14.88
N ALA B 533 0.52 -0.92 15.21
CA ALA B 533 0.20 -1.20 16.60
C ALA B 533 1.15 -2.23 17.19
N ARG B 534 1.28 -3.37 16.51
CA ARG B 534 2.12 -4.44 17.02
C ARG B 534 3.56 -3.98 17.16
N VAL B 535 4.08 -3.32 16.12
CA VAL B 535 5.48 -2.91 16.15
C VAL B 535 5.70 -1.94 17.30
N LEU B 536 4.80 -0.98 17.47
CA LEU B 536 4.98 0.01 18.52
C LEU B 536 4.92 -0.62 19.90
N ALA B 537 3.97 -1.53 20.11
CA ALA B 537 3.90 -2.20 21.40
C ALA B 537 5.17 -2.99 21.67
N VAL B 538 5.66 -3.70 20.66
CA VAL B 538 6.88 -4.48 20.82
C VAL B 538 8.05 -3.58 21.16
N GLU B 539 8.15 -2.45 20.46
CA GLU B 539 9.23 -1.52 20.74
C GLU B 539 9.16 -1.02 22.18
N ARG B 540 7.96 -0.67 22.64
CA ARG B 540 7.81 -0.21 24.01
C ARG B 540 8.27 -1.28 24.99
N TYR B 541 7.81 -2.51 24.76
CA TYR B 541 8.16 -3.58 25.68
C TYR B 541 9.67 -3.83 25.69
N LEU B 542 10.29 -3.81 24.53
CA LEU B 542 11.74 -3.99 24.48
C LEU B 542 12.44 -2.87 25.21
N ARG B 543 11.96 -1.63 25.04
CA ARG B 543 12.55 -0.52 25.78
C ARG B 543 12.51 -0.78 27.26
N ASP B 544 11.36 -1.21 27.76
CA ASP B 544 11.24 -1.44 29.20
C ASP B 544 12.15 -2.57 29.65
N GLN B 545 12.19 -3.66 28.89
CA GLN B 545 13.08 -4.77 29.25
C GLN B 545 14.52 -4.31 29.30
N GLN B 546 14.94 -3.53 28.32
CA GLN B 546 16.31 -3.06 28.28
C GLN B 546 16.61 -2.17 29.47
N LEU B 547 15.67 -1.29 29.81
CA LEU B 547 15.87 -0.44 30.98
C LEU B 547 16.02 -1.30 32.23
N LEU B 548 15.23 -2.36 32.34
CA LEU B 548 15.39 -3.27 33.46
C LEU B 548 16.79 -3.89 33.45
N GLY B 549 17.26 -4.28 32.28
CA GLY B 549 18.56 -4.93 32.19
C GLY B 549 19.69 -4.01 32.61
N ILE B 550 19.68 -2.78 32.10
CA ILE B 550 20.75 -1.84 32.43
C ILE B 550 20.81 -1.63 33.94
N TRP B 551 19.65 -1.58 34.58
CA TRP B 551 19.60 -1.51 36.03
C TRP B 551 19.97 -2.81 36.68
N GLY B 552 20.44 -3.78 35.90
CA GLY B 552 20.89 -5.03 36.47
C GLY B 552 19.80 -5.81 37.16
N CYS B 553 18.55 -5.45 36.94
CA CYS B 553 17.43 -6.09 37.59
C CYS B 553 16.67 -7.03 36.65
N SER B 554 17.29 -7.41 35.53
CA SER B 554 16.67 -8.35 34.61
C SER B 554 16.32 -9.65 35.32
N GLY B 555 15.31 -10.36 34.84
CA GLY B 555 14.91 -11.61 35.49
C GLY B 555 14.50 -11.42 36.93
N LYS B 556 13.79 -10.35 37.23
CA LYS B 556 13.36 -10.08 38.59
C LYS B 556 12.12 -9.20 38.55
N LEU B 557 11.44 -9.11 39.69
CA LEU B 557 10.26 -8.26 39.83
C LEU B 557 10.25 -7.39 41.07
N ILE B 558 11.02 -7.74 42.10
CA ILE B 558 11.10 -6.94 43.32
C ILE B 558 12.57 -6.64 43.61
N CYS B 559 13.34 -6.52 42.54
CA CYS B 559 14.76 -6.24 42.62
C CYS B 559 15.07 -5.13 43.61
N CYS B 560 15.83 -5.47 44.66
CA CYS B 560 16.47 -4.48 45.50
C CYS B 560 17.75 -4.00 44.82
N THR B 561 18.25 -2.84 45.25
CA THR B 561 19.43 -2.26 44.64
C THR B 561 20.29 -1.62 45.72
N ASN B 562 21.26 -0.81 45.30
CA ASN B 562 22.27 -0.25 46.19
C ASN B 562 22.28 1.26 46.19
N VAL B 563 21.15 1.91 45.92
CA VAL B 563 21.03 3.36 45.99
C VAL B 563 20.09 3.69 47.15
N PRO B 564 20.57 4.29 48.23
CA PRO B 564 19.68 4.62 49.34
C PRO B 564 18.65 5.67 48.93
N TRP B 565 17.47 5.56 49.55
CA TRP B 565 16.42 6.52 49.28
C TRP B 565 16.82 7.92 49.76
N ASN B 566 16.38 8.93 49.02
CA ASN B 566 16.69 10.32 49.33
C ASN B 566 15.47 10.99 49.95
N SER B 567 15.70 11.74 51.03
CA SER B 567 14.59 12.37 51.74
C SER B 567 13.89 13.39 50.86
N SER B 568 14.65 14.16 50.08
CA SER B 568 14.07 15.26 49.31
C SER B 568 12.90 14.79 48.46
N TRP B 569 12.98 13.57 47.93
CA TRP B 569 11.94 13.09 47.03
C TRP B 569 10.58 13.05 47.72
N SER B 570 10.54 12.53 48.95
CA SER B 570 9.34 12.57 49.78
C SER B 570 9.70 11.94 51.13
N ASN B 571 8.85 12.22 52.12
CA ASN B 571 9.05 11.73 53.49
C ASN B 571 7.74 11.25 54.07
N ARG B 572 6.96 10.52 53.29
CA ARG B 572 5.70 9.99 53.78
C ARG B 572 5.94 8.85 54.76
N ASN B 573 4.92 8.59 55.58
CA ASN B 573 4.97 7.44 56.48
C ASN B 573 5.05 6.16 55.66
N LEU B 574 6.21 5.48 55.73
CA LEU B 574 6.40 4.29 54.93
C LEU B 574 5.29 3.27 55.17
N SER B 575 4.81 3.19 56.41
CA SER B 575 3.72 2.28 56.71
C SER B 575 2.51 2.59 55.84
N GLU B 576 2.12 3.86 55.79
CA GLU B 576 1.03 4.25 54.91
C GLU B 576 1.37 3.93 53.46
N ILE B 577 2.61 4.22 53.05
CA ILE B 577 3.00 4.02 51.66
C ILE B 577 2.79 2.57 51.25
N TRP B 578 3.14 1.64 52.14
CA TRP B 578 3.06 0.22 51.81
C TRP B 578 1.71 -0.40 52.15
N ASP B 579 0.86 0.28 52.91
CA ASP B 579 -0.41 -0.29 53.33
C ASP B 579 -1.60 0.64 53.18
N ASN B 580 -1.38 1.93 52.94
CA ASN B 580 -2.46 2.90 52.83
C ASN B 580 -2.56 3.53 51.45
N MET B 581 -1.46 3.64 50.73
CA MET B 581 -1.42 4.31 49.43
C MET B 581 -1.70 3.32 48.33
N THR B 582 -2.05 3.86 47.16
CA THR B 582 -2.18 3.08 45.95
C THR B 582 -1.32 3.71 44.85
N TRP B 583 -0.84 2.85 43.95
CA TRP B 583 0.16 3.28 42.97
C TRP B 583 -0.31 4.49 42.19
N LEU B 584 -1.56 4.47 41.73
CA LEU B 584 -2.08 5.60 40.97
C LEU B 584 -1.85 6.91 41.70
N GLN B 585 -1.83 6.85 43.02
CA GLN B 585 -1.57 8.02 43.85
C GLN B 585 -0.11 8.13 44.25
N TRP B 586 0.57 6.99 44.41
CA TRP B 586 1.98 7.02 44.78
C TRP B 586 2.81 7.71 43.71
N ASP B 587 2.53 7.42 42.45
CA ASP B 587 3.40 7.86 41.36
C ASP B 587 3.39 9.38 41.20
N LYS B 588 2.33 10.05 41.67
CA LYS B 588 2.11 11.43 41.29
C LYS B 588 3.31 12.30 41.63
N GLU B 589 3.73 12.29 42.90
CA GLU B 589 4.86 13.13 43.31
C GLU B 589 6.18 12.53 42.87
N ILE B 590 6.28 11.21 42.87
CA ILE B 590 7.53 10.56 42.49
C ILE B 590 7.92 10.94 41.08
N SER B 591 6.93 11.22 40.22
CA SER B 591 7.19 11.62 38.85
C SER B 591 8.31 12.64 38.77
N ASN B 592 8.37 13.53 39.75
CA ASN B 592 9.32 14.64 39.70
C ASN B 592 10.76 14.15 39.55
N TYR B 593 11.17 13.23 40.42
CA TYR B 593 12.58 12.87 40.55
C TYR B 593 12.95 11.61 39.77
N THR B 594 12.14 11.25 38.79
CA THR B 594 12.32 10.00 38.08
C THR B 594 13.68 9.95 37.39
N GLN B 595 14.06 11.04 36.72
CA GLN B 595 15.29 11.03 35.94
C GLN B 595 16.51 10.99 36.85
N ILE B 596 16.47 11.74 37.95
CA ILE B 596 17.54 11.67 38.93
C ILE B 596 17.68 10.24 39.42
N ILE B 597 16.56 9.60 39.72
CA ILE B 597 16.60 8.22 40.20
C ILE B 597 17.22 7.31 39.15
N TYR B 598 16.84 7.49 37.89
CA TYR B 598 17.37 6.63 36.83
C TYR B 598 18.87 6.81 36.70
N GLY B 599 19.34 8.05 36.74
CA GLY B 599 20.77 8.28 36.68
C GLY B 599 21.50 7.64 37.84
N LEU B 600 20.95 7.77 39.05
CA LEU B 600 21.59 7.17 40.22
C LEU B 600 21.67 5.66 40.08
N LEU B 601 20.58 5.04 39.64
CA LEU B 601 20.57 3.59 39.47
C LEU B 601 21.59 3.17 38.43
N GLU B 602 21.64 3.87 37.29
CA GLU B 602 22.57 3.49 36.25
C GLU B 602 24.00 3.60 36.74
N GLU B 603 24.32 4.68 37.47
CA GLU B 603 25.67 4.79 38.02
C GLU B 603 25.95 3.65 38.97
N SER B 604 24.97 3.30 39.80
CA SER B 604 25.17 2.19 40.72
C SER B 604 25.55 0.93 39.97
N GLN B 605 24.80 0.62 38.92
CA GLN B 605 25.11 -0.58 38.14
C GLN B 605 26.50 -0.50 37.54
N ASN B 606 26.83 0.65 36.94
CA ASN B 606 28.11 0.79 36.28
C ASN B 606 29.25 0.58 37.27
N GLN B 607 29.18 1.23 38.43
CA GLN B 607 30.25 1.09 39.40
C GLN B 607 30.32 -0.34 39.93
N GLN B 608 29.18 -0.97 40.16
CA GLN B 608 29.19 -2.35 40.60
C GLN B 608 29.93 -3.23 39.61
N GLU B 609 29.57 -3.12 38.33
CA GLU B 609 30.18 -3.97 37.33
C GLU B 609 31.67 -3.70 37.21
N LYS B 610 32.06 -2.43 37.14
CA LYS B 610 33.47 -2.11 36.96
C LYS B 610 34.29 -2.59 38.15
N ASN B 611 33.79 -2.37 39.38
CA ASN B 611 34.51 -2.82 40.55
C ASN B 611 34.63 -4.34 40.57
N GLU B 612 33.56 -5.05 40.22
CA GLU B 612 33.63 -6.49 40.14
C GLU B 612 34.75 -6.91 39.21
N GLN B 613 34.79 -6.33 38.01
CA GLN B 613 35.82 -6.71 37.04
C GLN B 613 37.20 -6.39 37.59
N ASP B 614 37.36 -5.22 38.21
CA ASP B 614 38.66 -4.83 38.75
C ASP B 614 39.15 -5.85 39.77
N LEU B 615 38.31 -6.15 40.78
CA LEU B 615 38.71 -7.12 41.78
C LEU B 615 38.95 -8.49 41.17
N LEU B 616 38.29 -8.79 40.06
CA LEU B 616 38.54 -10.00 39.30
C LEU B 616 39.33 -9.72 38.03
N ALA B 617 40.05 -8.60 37.98
CA ALA B 617 40.83 -8.28 36.79
C ALA B 617 41.85 -9.36 36.49
N LEU B 618 42.56 -9.84 37.52
CA LEU B 618 43.51 -10.92 37.35
C LEU B 618 42.78 -12.20 36.96
N VAL C 2 -30.53 -21.93 -2.57
CA VAL C 2 -30.08 -22.76 -3.68
C VAL C 2 -31.24 -23.58 -4.22
N GLN C 3 -31.63 -23.30 -5.46
CA GLN C 3 -32.77 -23.97 -6.08
C GLN C 3 -32.35 -24.47 -7.46
N LEU C 4 -32.93 -25.58 -7.87
CA LEU C 4 -32.67 -26.18 -9.16
C LEU C 4 -33.97 -26.22 -9.94
N VAL C 5 -33.96 -25.67 -11.15
CA VAL C 5 -35.16 -25.58 -11.97
C VAL C 5 -34.86 -26.18 -13.33
N GLN C 6 -35.91 -26.64 -13.99
CA GLN C 6 -35.81 -27.20 -15.34
C GLN C 6 -36.86 -26.57 -16.22
N SER C 7 -36.76 -26.86 -17.52
CA SER C 7 -37.75 -26.42 -18.48
C SER C 7 -38.90 -27.43 -18.55
N GLY C 8 -39.94 -27.06 -19.27
CA GLY C 8 -41.13 -27.88 -19.36
C GLY C 8 -40.85 -29.22 -20.00
N PRO C 9 -41.76 -30.16 -19.87
CA PRO C 9 -41.58 -31.47 -20.52
C PRO C 9 -41.44 -31.30 -22.02
N GLU C 10 -41.06 -32.40 -22.68
CA GLU C 10 -40.80 -32.37 -24.12
C GLU C 10 -41.39 -33.60 -24.79
N VAL C 11 -41.82 -33.40 -26.03
CA VAL C 11 -42.25 -34.50 -26.90
C VAL C 11 -41.60 -34.29 -28.25
N LYS C 12 -41.06 -35.37 -28.81
CA LYS C 12 -40.35 -35.25 -30.07
C LYS C 12 -40.48 -36.54 -30.86
N GLU C 13 -40.26 -36.44 -32.16
CA GLU C 13 -40.33 -37.61 -33.02
C GLU C 13 -39.10 -38.47 -32.88
N PRO C 14 -39.20 -39.76 -33.22
CA PRO C 14 -38.01 -40.61 -33.23
C PRO C 14 -36.97 -40.09 -34.20
N GLY C 15 -35.71 -40.26 -33.84
CA GLY C 15 -34.60 -39.90 -34.69
C GLY C 15 -34.15 -38.46 -34.59
N ALA C 16 -34.84 -37.63 -33.80
CA ALA C 16 -34.45 -36.24 -33.63
C ALA C 16 -33.52 -36.12 -32.43
N SER C 17 -33.28 -34.88 -32.01
CA SER C 17 -32.47 -34.59 -30.83
C SER C 17 -33.22 -33.60 -29.95
N VAL C 18 -33.13 -33.78 -28.64
CA VAL C 18 -33.89 -32.99 -27.68
C VAL C 18 -32.93 -32.30 -26.73
N ARG C 19 -33.23 -31.04 -26.42
CA ARG C 19 -32.43 -30.22 -25.53
C ARG C 19 -33.25 -29.90 -24.30
N VAL C 20 -32.57 -29.84 -23.14
CA VAL C 20 -33.21 -29.46 -21.90
C VAL C 20 -32.26 -28.56 -21.12
N SER C 21 -32.84 -27.78 -20.22
CA SER C 21 -32.13 -26.76 -19.48
C SER C 21 -32.18 -27.05 -17.98
N CYS C 22 -31.21 -26.50 -17.26
CA CYS C 22 -31.17 -26.61 -15.81
C CYS C 22 -30.67 -25.28 -15.28
N LYS C 23 -31.55 -24.54 -14.61
CA LYS C 23 -31.23 -23.25 -14.02
C LYS C 23 -30.89 -23.42 -12.55
N ALA C 24 -29.81 -22.78 -12.12
CA ALA C 24 -29.33 -22.87 -10.75
C ALA C 24 -29.19 -21.48 -10.17
N THR C 25 -29.23 -21.41 -8.84
CA THR C 25 -29.16 -20.15 -8.12
C THR C 25 -28.63 -20.40 -6.71
N GLY C 26 -28.44 -19.32 -5.98
CA GLY C 26 -28.21 -19.38 -4.56
C GLY C 26 -26.78 -19.62 -4.12
N TYR C 27 -25.84 -19.76 -5.03
CA TYR C 27 -24.45 -19.98 -4.65
C TYR C 27 -23.59 -19.83 -5.89
N THR C 28 -22.28 -20.00 -5.70
CA THR C 28 -21.33 -19.83 -6.79
C THR C 28 -21.58 -20.88 -7.86
N PHE C 29 -22.09 -20.45 -9.01
CA PHE C 29 -22.45 -21.39 -10.06
C PHE C 29 -21.23 -22.12 -10.61
N THR C 30 -20.03 -21.66 -10.33
CA THR C 30 -18.83 -22.20 -10.93
C THR C 30 -17.93 -22.92 -9.93
N ASP C 31 -18.50 -23.67 -8.99
CA ASP C 31 -17.71 -24.28 -7.93
C ASP C 31 -18.06 -25.74 -7.68
N HIS C 32 -18.98 -26.33 -8.45
CA HIS C 32 -19.45 -27.67 -8.12
C HIS C 32 -19.89 -28.40 -9.37
N PHE C 33 -19.44 -29.64 -9.49
CA PHE C 33 -19.87 -30.49 -10.60
C PHE C 33 -21.39 -30.59 -10.60
N ILE C 34 -21.98 -30.55 -11.79
CA ILE C 34 -23.41 -30.71 -11.97
C ILE C 34 -23.64 -32.06 -12.61
N HIS C 35 -24.43 -32.90 -11.96
CA HIS C 35 -24.69 -34.26 -12.41
C HIS C 35 -26.05 -34.36 -13.09
N TRP C 36 -26.17 -35.31 -14.01
CA TRP C 36 -27.44 -35.57 -14.68
C TRP C 36 -27.84 -37.03 -14.47
N VAL C 37 -29.11 -37.26 -14.17
CA VAL C 37 -29.59 -38.60 -13.93
C VAL C 37 -30.95 -38.79 -14.60
N ARG C 38 -31.07 -39.86 -15.38
CA ARG C 38 -32.30 -40.18 -16.10
C ARG C 38 -33.00 -41.34 -15.41
N GLN C 39 -34.30 -41.20 -15.19
CA GLN C 39 -35.13 -42.23 -14.55
C GLN C 39 -36.30 -42.53 -15.47
N ALA C 40 -36.31 -43.74 -16.02
CA ALA C 40 -37.51 -44.23 -16.69
C ALA C 40 -38.48 -44.78 -15.66
N PRO C 41 -39.76 -44.87 -15.99
CA PRO C 41 -40.74 -45.38 -15.02
C PRO C 41 -40.33 -46.75 -14.49
N GLY C 42 -40.40 -46.90 -13.18
CA GLY C 42 -40.09 -48.17 -12.56
C GLY C 42 -38.66 -48.63 -12.73
N GLN C 43 -37.72 -47.71 -12.87
CA GLN C 43 -36.32 -48.04 -13.04
C GLN C 43 -35.47 -47.29 -12.03
N GLY C 44 -34.32 -47.85 -11.71
CA GLY C 44 -33.41 -47.20 -10.80
C GLY C 44 -32.71 -46.00 -11.41
N LEU C 45 -32.38 -45.04 -10.56
CA LEU C 45 -31.65 -43.87 -11.00
C LEU C 45 -30.32 -44.31 -11.60
N ASP C 46 -30.00 -43.75 -12.76
CA ASP C 46 -28.75 -44.07 -13.46
C ASP C 46 -28.01 -42.78 -13.77
N TRP C 47 -26.70 -42.84 -13.75
CA TRP C 47 -25.90 -41.67 -14.03
C TRP C 47 -25.71 -41.49 -15.52
N MET C 48 -25.82 -40.24 -15.98
CA MET C 48 -25.54 -39.91 -17.37
C MET C 48 -24.22 -39.19 -17.56
N GLY C 49 -23.81 -38.37 -16.61
CA GLY C 49 -22.58 -37.60 -16.74
C GLY C 49 -22.62 -36.33 -15.92
N TRP C 50 -21.44 -35.81 -15.62
CA TRP C 50 -21.29 -34.53 -14.95
C TRP C 50 -20.69 -33.52 -15.90
N ILE C 51 -20.86 -32.25 -15.54
CA ILE C 51 -20.17 -31.15 -16.20
C ILE C 51 -19.65 -30.23 -15.11
N ASN C 52 -18.40 -29.83 -15.23
CA ASN C 52 -17.84 -28.90 -14.26
C ASN C 52 -18.03 -27.48 -14.79
N PRO C 53 -18.79 -26.63 -14.10
CA PRO C 53 -19.03 -25.29 -14.63
C PRO C 53 -17.77 -24.48 -14.81
N PHE C 54 -16.71 -24.82 -14.08
CA PHE C 54 -15.53 -23.97 -14.09
C PHE C 54 -15.02 -23.73 -15.50
N ARG C 55 -14.82 -24.81 -16.27
CA ARG C 55 -14.25 -24.65 -17.61
C ARG C 55 -14.87 -25.61 -18.61
N GLY C 56 -16.14 -25.96 -18.44
CA GLY C 56 -16.82 -26.73 -19.45
C GLY C 56 -16.30 -28.14 -19.65
N GLY C 57 -15.47 -28.64 -18.76
CA GLY C 57 -15.09 -30.04 -18.83
C GLY C 57 -16.30 -30.92 -18.60
N THR C 58 -16.22 -32.15 -19.10
CA THR C 58 -17.35 -33.07 -18.97
C THR C 58 -16.89 -34.50 -18.75
N ASN C 59 -17.82 -35.43 -18.86
CA ASN C 59 -17.53 -36.85 -18.78
C ASN C 59 -18.84 -37.59 -19.03
N TYR C 60 -18.72 -38.81 -19.53
CA TYR C 60 -19.90 -39.60 -19.87
C TYR C 60 -19.54 -41.07 -19.77
N PRO C 61 -20.48 -41.93 -19.40
CA PRO C 61 -20.24 -43.36 -19.51
C PRO C 61 -20.34 -43.79 -20.97
N GLN C 62 -19.67 -44.90 -21.27
CA GLN C 62 -19.65 -45.38 -22.64
C GLN C 62 -21.06 -45.68 -23.15
N LYS C 63 -22.02 -45.88 -22.25
CA LYS C 63 -23.37 -46.17 -22.69
C LYS C 63 -23.92 -45.02 -23.51
N PHE C 64 -23.65 -43.78 -23.11
CA PHE C 64 -24.21 -42.61 -23.75
C PHE C 64 -23.21 -41.84 -24.60
N GLN C 65 -21.95 -42.27 -24.63
CA GLN C 65 -20.94 -41.51 -25.33
C GLN C 65 -21.31 -41.38 -26.80
N GLY C 66 -20.97 -40.24 -27.38
CA GLY C 66 -21.35 -39.95 -28.75
C GLY C 66 -22.81 -39.64 -28.94
N ARG C 67 -23.60 -39.62 -27.87
CA ARG C 67 -25.02 -39.32 -27.93
C ARG C 67 -25.39 -38.08 -27.15
N VAL C 68 -24.55 -37.64 -26.22
CA VAL C 68 -24.89 -36.56 -25.30
C VAL C 68 -24.02 -35.37 -25.61
N THR C 69 -24.50 -34.20 -25.22
CA THR C 69 -23.73 -32.97 -25.28
C THR C 69 -24.11 -32.10 -24.09
N MET C 70 -23.10 -31.61 -23.38
CA MET C 70 -23.31 -30.78 -22.21
C MET C 70 -22.63 -29.44 -22.43
N THR C 71 -23.29 -28.37 -22.02
CA THR C 71 -22.71 -27.04 -22.15
C THR C 71 -23.21 -26.17 -21.01
N ARG C 72 -22.52 -25.05 -20.81
CA ARG C 72 -22.87 -24.13 -19.74
C ARG C 72 -22.91 -22.71 -20.27
N ASP C 73 -23.74 -21.90 -19.63
CA ASP C 73 -23.78 -20.46 -19.87
C ASP C 73 -23.51 -19.77 -18.54
N THR C 74 -22.35 -19.10 -18.46
CA THR C 74 -22.00 -18.38 -17.25
C THR C 74 -22.86 -17.14 -17.08
N SER C 75 -23.29 -16.55 -18.19
CA SER C 75 -24.14 -15.37 -18.10
C SER C 75 -25.37 -15.65 -17.26
N PHE C 76 -26.09 -16.73 -17.58
CA PHE C 76 -27.29 -17.10 -16.87
C PHE C 76 -27.07 -18.30 -15.96
N THR C 77 -25.82 -18.70 -15.75
CA THR C 77 -25.50 -19.75 -14.80
C THR C 77 -26.37 -20.98 -15.03
N THR C 78 -26.53 -21.35 -16.29
CA THR C 78 -27.47 -22.39 -16.66
C THR C 78 -26.79 -23.48 -17.46
N ALA C 79 -27.13 -24.73 -17.16
CA ALA C 79 -26.60 -25.86 -17.89
C ALA C 79 -27.59 -26.28 -18.97
N TYR C 80 -27.04 -26.80 -20.06
CA TYR C 80 -27.82 -27.32 -21.16
C TYR C 80 -27.36 -28.73 -21.46
N MET C 81 -28.32 -29.66 -21.54
CA MET C 81 -28.06 -31.00 -22.02
C MET C 81 -28.77 -31.22 -23.34
N GLU C 82 -28.18 -32.06 -24.18
CA GLU C 82 -28.73 -32.34 -25.49
C GLU C 82 -28.47 -33.79 -25.84
N LEU C 83 -29.52 -34.53 -26.18
CA LEU C 83 -29.40 -35.93 -26.55
C LEU C 83 -29.86 -36.12 -27.98
N ASN C 84 -29.06 -36.83 -28.77
CA ASN C 84 -29.29 -36.98 -30.20
C ASN C 84 -29.71 -38.40 -30.53
N ARG C 85 -30.31 -38.55 -31.71
CA ARG C 85 -30.78 -39.84 -32.19
C ARG C 85 -31.73 -40.47 -31.16
N LEU C 86 -32.83 -39.77 -30.93
CA LEU C 86 -33.81 -40.19 -29.95
C LEU C 86 -34.34 -41.58 -30.26
N ARG C 87 -34.90 -42.22 -29.24
CA ARG C 87 -35.49 -43.55 -29.37
C ARG C 87 -36.17 -43.89 -28.06
N SER C 88 -37.26 -44.65 -28.13
CA SER C 88 -38.19 -44.79 -27.02
C SER C 88 -37.51 -44.81 -25.66
N ASP C 89 -36.44 -45.58 -25.53
CA ASP C 89 -35.72 -45.66 -24.27
C ASP C 89 -35.49 -44.28 -23.68
N ASP C 90 -35.20 -43.31 -24.52
CA ASP C 90 -34.97 -41.95 -24.03
C ASP C 90 -36.12 -41.48 -23.16
N THR C 91 -37.35 -41.82 -23.53
CA THR C 91 -38.53 -41.30 -22.85
C THR C 91 -38.50 -41.61 -21.36
N ALA C 92 -38.41 -40.56 -20.55
CA ALA C 92 -38.18 -40.72 -19.12
C ALA C 92 -38.07 -39.34 -18.50
N VAL C 93 -37.88 -39.32 -17.20
CA VAL C 93 -37.64 -38.08 -16.48
C VAL C 93 -36.13 -37.87 -16.34
N TYR C 94 -35.74 -36.62 -16.15
CA TYR C 94 -34.34 -36.27 -16.02
C TYR C 94 -34.22 -35.23 -14.91
N PHE C 95 -33.18 -35.41 -14.09
CA PHE C 95 -32.93 -34.56 -12.93
C PHE C 95 -31.48 -34.09 -12.99
N CYS C 96 -31.29 -32.79 -12.84
CA CYS C 96 -29.97 -32.21 -12.66
C CYS C 96 -29.76 -31.94 -11.18
N ALA C 97 -28.61 -32.38 -10.65
CA ALA C 97 -28.36 -32.32 -9.23
C ALA C 97 -26.95 -31.81 -8.96
N ARG C 98 -26.74 -31.42 -7.70
CA ARG C 98 -25.49 -30.82 -7.27
C ARG C 98 -25.10 -31.40 -5.93
N GLY C 99 -23.79 -31.37 -5.63
CA GLY C 99 -23.25 -31.99 -4.44
C GLY C 99 -23.01 -31.02 -3.30
N LYS C 100 -23.23 -31.49 -2.07
CA LYS C 100 -23.11 -30.63 -0.90
C LYS C 100 -21.74 -29.99 -0.82
N ASN C 101 -20.69 -30.80 -0.86
CA ASN C 101 -19.33 -30.34 -0.65
C ASN C 101 -18.49 -30.60 -1.89
N SER C 102 -17.57 -29.68 -2.16
CA SER C 102 -16.66 -29.89 -3.28
C SER C 102 -15.80 -31.12 -3.07
N ASP C 103 -15.32 -31.33 -1.85
CA ASP C 103 -14.34 -32.38 -1.60
C ASP C 103 -14.88 -33.75 -1.99
N TYR C 104 -16.03 -34.11 -1.45
CA TYR C 104 -16.62 -35.41 -1.80
C TYR C 104 -17.19 -35.39 -3.22
N ASN C 105 -17.92 -34.32 -3.56
CA ASN C 105 -18.44 -34.17 -4.91
C ASN C 105 -19.12 -35.44 -5.38
N TRP C 106 -19.81 -36.13 -4.49
CA TRP C 106 -20.52 -37.35 -4.88
C TRP C 106 -21.83 -37.54 -4.13
N ASP C 107 -22.34 -36.51 -3.48
CA ASP C 107 -23.64 -36.52 -2.83
C ASP C 107 -24.62 -35.72 -3.67
N PHE C 108 -25.87 -35.71 -3.24
CA PHE C 108 -26.89 -34.96 -3.96
C PHE C 108 -27.90 -34.44 -2.94
N GLN C 109 -27.70 -33.20 -2.52
CA GLN C 109 -28.64 -32.55 -1.61
C GLN C 109 -29.73 -31.82 -2.38
N HIS C 110 -29.38 -31.17 -3.47
CA HIS C 110 -30.27 -30.28 -4.19
C HIS C 110 -30.65 -30.90 -5.52
N TRP C 111 -31.95 -30.97 -5.78
CA TRP C 111 -32.47 -31.59 -6.98
C TRP C 111 -33.49 -30.68 -7.63
N GLY C 112 -33.45 -30.59 -8.95
CA GLY C 112 -34.52 -29.92 -9.67
C GLY C 112 -35.80 -30.73 -9.61
N GLN C 113 -36.91 -30.06 -9.92
CA GLN C 113 -38.19 -30.73 -9.83
C GLN C 113 -38.26 -31.98 -10.71
N GLY C 114 -37.47 -32.03 -11.78
CA GLY C 114 -37.48 -33.17 -12.67
C GLY C 114 -38.34 -32.93 -13.88
N THR C 115 -37.84 -33.28 -15.07
CA THR C 115 -38.57 -32.98 -16.30
C THR C 115 -38.68 -34.23 -17.16
N LEU C 116 -39.84 -34.43 -17.75
CA LEU C 116 -40.12 -35.61 -18.54
C LEU C 116 -40.02 -35.30 -20.03
N VAL C 117 -39.51 -36.27 -20.78
CA VAL C 117 -39.47 -36.19 -22.23
C VAL C 117 -39.97 -37.51 -22.79
N THR C 118 -40.54 -37.44 -24.00
CA THR C 118 -41.09 -38.61 -24.65
C THR C 118 -40.93 -38.50 -26.16
N VAL C 119 -41.00 -39.65 -26.82
CA VAL C 119 -40.87 -39.75 -28.27
C VAL C 119 -42.25 -39.89 -28.89
N SER C 120 -42.50 -39.16 -29.97
CA SER C 120 -43.77 -39.26 -30.69
C SER C 120 -44.94 -38.89 -29.80
N VAL D 3 -21.87 -53.05 -10.05
CA VAL D 3 -23.25 -53.24 -9.60
C VAL D 3 -23.31 -53.27 -8.09
N MET D 4 -24.27 -52.56 -7.52
CA MET D 4 -24.55 -52.60 -6.10
C MET D 4 -25.95 -53.17 -5.91
N SER D 5 -26.08 -54.14 -5.02
CA SER D 5 -27.31 -54.93 -4.91
C SER D 5 -28.10 -54.49 -3.69
N GLN D 6 -29.39 -54.24 -3.90
CA GLN D 6 -30.36 -53.95 -2.86
C GLN D 6 -31.45 -55.01 -2.90
N SER D 7 -31.40 -55.94 -1.97
CA SER D 7 -32.40 -57.00 -1.88
C SER D 7 -32.99 -57.04 -0.47
N PRO D 8 -34.29 -57.35 -0.34
CA PRO D 8 -35.28 -57.65 -1.39
C PRO D 8 -35.81 -56.39 -2.06
N SER D 9 -36.58 -56.55 -3.14
CA SER D 9 -37.16 -55.40 -3.82
C SER D 9 -38.24 -54.73 -3.00
N SER D 10 -38.87 -55.45 -2.07
CA SER D 10 -39.94 -54.89 -1.24
C SER D 10 -40.15 -55.83 -0.07
N LEU D 11 -41.20 -55.57 0.70
CA LEU D 11 -41.55 -56.44 1.81
C LEU D 11 -42.94 -56.08 2.34
N ALA D 12 -43.71 -57.11 2.70
CA ALA D 12 -45.05 -56.91 3.25
C ALA D 12 -44.95 -56.37 4.66
N VAL D 13 -44.47 -55.14 4.78
CA VAL D 13 -44.18 -54.53 6.07
C VAL D 13 -45.46 -54.25 6.82
N SER D 14 -45.34 -53.94 8.12
CA SER D 14 -46.41 -53.39 8.91
C SER D 14 -45.85 -52.25 9.75
N LEU D 15 -46.67 -51.24 10.00
CA LEU D 15 -46.18 -50.08 10.73
C LEU D 15 -45.74 -50.47 12.13
N GLY D 16 -44.75 -49.74 12.63
CA GLY D 16 -44.30 -49.91 13.99
C GLY D 16 -43.27 -50.99 14.21
N GLU D 17 -42.67 -51.53 13.16
CA GLU D 17 -41.70 -52.62 13.28
C GLU D 17 -40.30 -52.14 12.93
N ARG D 18 -39.30 -52.72 13.60
CA ARG D 18 -37.92 -52.47 13.24
C ARG D 18 -37.55 -53.30 12.03
N ILE D 19 -37.03 -52.63 10.99
CA ILE D 19 -36.67 -53.28 9.74
C ILE D 19 -35.25 -52.88 9.36
N THR D 20 -34.63 -53.68 8.51
CA THR D 20 -33.28 -53.40 8.06
C THR D 20 -33.09 -54.05 6.70
N LEU D 21 -32.63 -53.28 5.72
CA LEU D 21 -32.35 -53.78 4.39
C LEU D 21 -30.86 -53.66 4.08
N SER D 22 -30.37 -54.60 3.29
CA SER D 22 -28.94 -54.77 3.05
C SER D 22 -28.58 -54.26 1.67
N CYS D 23 -27.55 -53.43 1.60
CA CYS D 23 -26.90 -53.02 0.37
C CYS D 23 -25.54 -53.72 0.34
N LYS D 24 -25.32 -54.53 -0.69
CA LYS D 24 -24.06 -55.26 -0.85
C LYS D 24 -23.35 -54.73 -2.08
N SER D 25 -22.12 -54.28 -1.89
CA SER D 25 -21.36 -53.66 -2.98
C SER D 25 -20.73 -54.72 -3.87
N SER D 26 -20.06 -54.27 -4.92
CA SER D 26 -19.32 -55.17 -5.79
C SER D 26 -17.98 -54.60 -6.23
N LEU D 27 -17.58 -53.42 -5.75
CA LEU D 27 -16.32 -52.82 -6.18
C LEU D 27 -15.14 -53.62 -5.65
N THR D 28 -14.97 -53.62 -4.33
CA THR D 28 -13.95 -54.44 -3.67
C THR D 28 -12.60 -54.31 -4.36
N LEU D 29 -12.19 -53.07 -4.64
CA LEU D 29 -10.95 -52.84 -5.37
C LEU D 29 -10.37 -51.49 -5.00
N ILE D 30 -9.04 -51.40 -5.09
CA ILE D 30 -8.26 -50.17 -4.89
C ILE D 30 -8.73 -49.38 -3.68
N TYR D 31 -8.18 -48.19 -3.50
CA TYR D 31 -8.54 -47.33 -2.38
C TYR D 31 -8.38 -45.87 -2.76
N GLY D 35 -8.44 -42.62 2.97
CA GLY D 35 -9.83 -42.86 3.33
C GLY D 35 -10.31 -44.25 2.94
N GLU D 36 -11.62 -44.43 2.92
CA GLU D 36 -12.20 -45.72 2.58
C GLU D 36 -13.55 -45.49 1.89
N ASN D 37 -13.94 -46.46 1.08
CA ASN D 37 -15.18 -46.37 0.34
C ASN D 37 -16.34 -46.05 1.28
N TYR D 38 -17.41 -45.49 0.72
CA TYR D 38 -18.53 -45.00 1.50
C TYR D 38 -19.82 -45.37 0.77
N LEU D 39 -20.94 -44.93 1.34
CA LEU D 39 -22.25 -45.26 0.83
C LEU D 39 -23.17 -44.07 1.04
N ALA D 40 -24.27 -44.05 0.29
CA ALA D 40 -25.25 -42.98 0.37
C ALA D 40 -26.65 -43.58 0.26
N TRP D 41 -27.41 -43.48 1.34
CA TRP D 41 -28.82 -43.89 1.32
C TRP D 41 -29.68 -42.69 0.94
N TYR D 42 -30.32 -42.78 -0.22
CA TYR D 42 -31.17 -41.73 -0.76
C TYR D 42 -32.62 -42.18 -0.68
N GLN D 43 -33.49 -41.28 -0.23
CA GLN D 43 -34.91 -41.51 -0.22
C GLN D 43 -35.55 -40.92 -1.48
N GLN D 44 -36.71 -41.46 -1.84
CA GLN D 44 -37.53 -40.90 -2.90
C GLN D 44 -38.93 -41.44 -2.77
N LYS D 45 -39.89 -40.55 -2.59
CA LYS D 45 -41.27 -40.90 -2.77
C LYS D 45 -41.64 -40.82 -4.25
N PRO D 46 -42.60 -41.62 -4.71
CA PRO D 46 -42.96 -41.55 -6.13
C PRO D 46 -43.46 -40.16 -6.51
N GLY D 47 -42.92 -39.64 -7.60
CA GLY D 47 -43.37 -38.37 -8.15
C GLY D 47 -42.67 -37.14 -7.64
N GLN D 48 -41.62 -37.28 -6.83
CA GLN D 48 -40.91 -36.12 -6.30
C GLN D 48 -39.41 -36.37 -6.36
N SER D 49 -38.65 -35.31 -6.12
CA SER D 49 -37.21 -35.44 -6.11
C SER D 49 -36.79 -36.40 -5.01
N PRO D 50 -35.83 -37.29 -5.27
CA PRO D 50 -35.28 -38.10 -4.17
C PRO D 50 -34.71 -37.20 -3.08
N LYS D 51 -34.30 -37.83 -1.99
CA LYS D 51 -33.79 -37.10 -0.84
C LYS D 51 -32.60 -37.84 -0.24
N LEU D 52 -31.74 -37.09 0.43
CA LEU D 52 -30.58 -37.69 1.08
C LEU D 52 -30.94 -38.07 2.52
N LEU D 53 -30.68 -39.33 2.87
CA LEU D 53 -30.90 -39.81 4.22
C LEU D 53 -29.59 -40.10 4.95
N ILE D 54 -28.74 -40.95 4.38
CA ILE D 54 -27.47 -41.27 5.00
C ILE D 54 -26.35 -40.93 4.04
N TYR D 55 -25.29 -40.33 4.57
CA TYR D 55 -24.08 -40.08 3.82
C TYR D 55 -22.92 -40.70 4.59
N SER D 56 -21.76 -40.71 3.96
CA SER D 56 -20.60 -41.38 4.54
C SER D 56 -20.91 -42.87 4.68
N THR D 57 -20.98 -43.37 5.91
CA THR D 57 -21.42 -44.73 6.14
C THR D 57 -22.52 -44.83 7.17
N SER D 58 -22.47 -44.01 8.22
CA SER D 58 -23.51 -44.00 9.23
C SER D 58 -23.87 -42.61 9.74
N THR D 59 -23.34 -41.56 9.13
CA THR D 59 -23.71 -40.19 9.48
C THR D 59 -25.00 -39.83 8.76
N ARG D 60 -26.12 -39.86 9.48
CA ARG D 60 -27.38 -39.57 8.83
C ARG D 60 -27.53 -38.08 8.57
N GLU D 61 -28.40 -37.76 7.63
CA GLU D 61 -28.56 -36.38 7.21
C GLU D 61 -29.26 -35.57 8.30
N SER D 62 -29.04 -34.26 8.25
CA SER D 62 -29.65 -33.35 9.21
C SER D 62 -31.16 -33.37 9.08
N GLY D 63 -31.85 -33.37 10.22
CA GLY D 63 -33.29 -33.31 10.27
C GLY D 63 -33.99 -34.65 10.13
N VAL D 64 -33.27 -35.72 9.89
CA VAL D 64 -33.89 -37.03 9.69
C VAL D 64 -34.18 -37.64 11.06
N PRO D 65 -35.38 -38.18 11.30
CA PRO D 65 -35.62 -38.91 12.54
C PRO D 65 -34.59 -40.01 12.73
N ASP D 66 -34.01 -40.09 13.92
CA ASP D 66 -32.87 -40.98 14.13
C ASP D 66 -33.23 -42.45 13.95
N ARG D 67 -34.52 -42.80 13.99
CA ARG D 67 -34.89 -44.19 13.75
C ARG D 67 -34.34 -44.66 12.41
N PHE D 68 -34.37 -43.79 11.40
CA PHE D 68 -33.57 -44.04 10.21
C PHE D 68 -32.10 -44.05 10.60
N THR D 69 -31.38 -45.05 10.11
CA THR D 69 -29.98 -45.24 10.49
C THR D 69 -29.27 -45.99 9.39
N GLY D 70 -27.96 -45.81 9.35
CA GLY D 70 -27.14 -46.53 8.39
C GLY D 70 -25.94 -47.14 9.09
N SER D 71 -25.55 -48.32 8.61
CA SER D 71 -24.41 -49.00 9.20
C SER D 71 -23.75 -49.89 8.16
N GLY D 72 -22.61 -50.46 8.52
CA GLY D 72 -21.92 -51.42 7.69
C GLY D 72 -20.49 -51.02 7.44
N SER D 73 -19.82 -51.83 6.63
CA SER D 73 -18.43 -51.56 6.27
C SER D 73 -18.05 -52.41 5.07
N GLY D 74 -17.06 -51.91 4.33
CA GLY D 74 -16.31 -52.73 3.40
C GLY D 74 -17.11 -53.12 2.19
N THR D 75 -18.08 -54.00 2.39
CA THR D 75 -19.02 -54.38 1.35
C THR D 75 -20.45 -54.55 1.85
N ASP D 76 -20.66 -54.81 3.13
CA ASP D 76 -22.00 -55.11 3.66
C ASP D 76 -22.48 -53.88 4.42
N PHE D 77 -23.60 -53.32 3.99
CA PHE D 77 -24.13 -52.13 4.63
C PHE D 77 -25.64 -52.30 4.76
N THR D 78 -26.22 -51.49 5.63
CA THR D 78 -27.63 -51.67 5.95
C THR D 78 -28.27 -50.33 6.23
N LEU D 79 -29.38 -50.09 5.53
CA LEU D 79 -30.37 -49.13 5.99
C LEU D 79 -31.20 -49.77 7.09
N THR D 80 -31.54 -48.99 8.12
CA THR D 80 -32.22 -49.54 9.28
C THR D 80 -33.26 -48.53 9.77
N ILE D 81 -34.36 -49.06 10.30
CA ILE D 81 -35.40 -48.25 10.91
C ILE D 81 -35.85 -48.95 12.18
N SER D 82 -35.93 -48.20 13.29
CA SER D 82 -36.41 -48.78 14.53
C SER D 82 -37.90 -49.06 14.48
N SER D 83 -38.68 -48.12 13.95
CA SER D 83 -40.14 -48.25 13.93
C SER D 83 -40.67 -47.47 12.74
N VAL D 84 -41.15 -48.18 11.73
CA VAL D 84 -41.56 -47.55 10.48
C VAL D 84 -42.90 -46.84 10.69
N LYS D 85 -42.95 -45.59 10.30
CA LYS D 85 -44.15 -44.77 10.41
C LYS D 85 -44.83 -44.65 9.05
N ALA D 86 -46.02 -44.06 9.06
CA ALA D 86 -46.84 -44.02 7.85
C ALA D 86 -46.13 -43.29 6.72
N GLU D 87 -45.67 -42.07 6.99
CA GLU D 87 -45.00 -41.30 5.94
C GLU D 87 -43.75 -42.00 5.44
N ASP D 88 -43.18 -42.90 6.23
CA ASP D 88 -41.91 -43.51 5.86
C ASP D 88 -42.04 -44.46 4.68
N LEU D 89 -43.24 -44.94 4.38
CA LEU D 89 -43.42 -45.84 3.25
C LEU D 89 -43.10 -45.09 1.96
N ALA D 90 -41.98 -45.43 1.36
CA ALA D 90 -41.49 -44.79 0.13
C ALA D 90 -40.45 -45.73 -0.48
N VAL D 91 -39.68 -45.21 -1.43
CA VAL D 91 -38.61 -45.99 -2.05
C VAL D 91 -37.27 -45.42 -1.61
N TYR D 92 -36.26 -46.28 -1.59
CA TYR D 92 -34.93 -45.88 -1.15
C TYR D 92 -33.89 -46.63 -1.96
N TYR D 93 -32.72 -46.02 -2.09
CA TYR D 93 -31.62 -46.58 -2.87
C TYR D 93 -30.31 -46.35 -2.13
N CYS D 94 -29.32 -47.18 -2.44
CA CYS D 94 -27.96 -46.95 -2.01
C CYS D 94 -27.08 -46.62 -3.21
N GLN D 95 -26.12 -45.73 -2.98
CA GLN D 95 -25.25 -45.22 -4.04
C GLN D 95 -23.87 -45.01 -3.46
N GLN D 96 -22.89 -45.75 -3.97
CA GLN D 96 -21.49 -45.51 -3.63
C GLN D 96 -20.80 -44.63 -4.65
N TYR D 97 -21.16 -44.81 -5.91
CA TYR D 97 -20.59 -44.06 -7.02
C TYR D 97 -21.69 -43.98 -8.06
N GLU D 98 -21.30 -43.68 -9.30
CA GLU D 98 -22.27 -43.50 -10.38
C GLU D 98 -23.35 -44.58 -10.34
N TYR D 99 -22.99 -45.79 -9.98
CA TYR D 99 -23.95 -46.87 -10.01
C TYR D 99 -24.95 -46.73 -8.86
N PHE D 100 -26.11 -47.33 -9.04
CA PHE D 100 -27.17 -47.31 -8.05
C PHE D 100 -27.75 -48.70 -7.87
N GLY D 101 -28.30 -48.94 -6.70
CA GLY D 101 -28.84 -50.24 -6.39
C GLY D 101 -30.21 -50.47 -7.01
N GLY D 102 -30.76 -51.65 -6.73
CA GLY D 102 -32.09 -51.99 -7.19
C GLY D 102 -33.20 -51.29 -6.44
N GLY D 103 -32.90 -50.66 -5.31
CA GLY D 103 -33.91 -49.94 -4.56
C GLY D 103 -34.81 -50.87 -3.78
N THR D 104 -35.84 -50.29 -3.18
CA THR D 104 -36.82 -51.06 -2.44
C THR D 104 -37.96 -50.15 -2.03
N LYS D 105 -39.18 -50.69 -2.09
CA LYS D 105 -40.38 -49.98 -1.67
C LYS D 105 -41.17 -50.87 -0.71
N LEU D 106 -41.87 -50.23 0.21
CA LEU D 106 -42.55 -50.92 1.31
C LEU D 106 -44.03 -50.54 1.32
N GLU D 107 -44.88 -51.53 1.58
CA GLU D 107 -46.32 -51.35 1.52
C GLU D 107 -47.00 -52.46 2.32
N ILE D 108 -48.32 -52.55 2.20
CA ILE D 108 -49.14 -53.49 2.95
C ILE D 108 -49.99 -54.29 1.98
N LYS D 109 -50.64 -55.32 2.50
CA LYS D 109 -51.51 -56.18 1.70
C LYS D 109 -52.56 -55.38 0.92
N VAL E 2 -8.01 36.17 6.83
CA VAL E 2 -9.43 36.01 7.07
C VAL E 2 -10.12 37.37 7.10
N GLN E 3 -11.00 37.60 6.13
CA GLN E 3 -11.68 38.87 6.00
C GLN E 3 -13.17 38.63 5.83
N LEU E 4 -13.96 39.55 6.35
CA LEU E 4 -15.41 39.48 6.27
C LEU E 4 -15.91 40.70 5.49
N VAL E 5 -16.69 40.46 4.45
CA VAL E 5 -17.17 41.52 3.58
C VAL E 5 -18.68 41.42 3.48
N GLN E 6 -19.31 42.55 3.17
CA GLN E 6 -20.75 42.61 2.99
C GLN E 6 -21.05 43.35 1.69
N SER E 7 -22.34 43.34 1.33
CA SER E 7 -22.81 44.09 0.19
C SER E 7 -23.17 45.52 0.61
N GLY E 8 -23.46 46.35 -0.39
CA GLY E 8 -23.73 47.75 -0.14
C GLY E 8 -24.98 47.93 0.70
N PRO E 9 -25.16 49.13 1.25
CA PRO E 9 -26.38 49.39 2.03
C PRO E 9 -27.62 49.16 1.19
N GLU E 10 -28.77 49.18 1.86
CA GLU E 10 -30.02 48.88 1.20
C GLU E 10 -31.12 49.84 1.66
N VAL E 11 -32.03 50.14 0.75
CA VAL E 11 -33.22 50.91 1.07
C VAL E 11 -34.40 50.21 0.42
N LYS E 12 -35.49 50.06 1.17
CA LYS E 12 -36.63 49.32 0.67
C LYS E 12 -37.91 49.87 1.27
N GLU E 13 -39.02 49.60 0.61
CA GLU E 13 -40.31 50.05 1.09
C GLU E 13 -40.79 49.20 2.25
N PRO E 14 -41.69 49.74 3.08
CA PRO E 14 -42.28 48.92 4.14
C PRO E 14 -43.04 47.73 3.55
N GLY E 15 -43.00 46.62 4.28
CA GLY E 15 -43.74 45.44 3.90
C GLY E 15 -43.03 44.51 2.93
N ALA E 16 -41.85 44.89 2.44
CA ALA E 16 -41.11 44.04 1.52
C ALA E 16 -40.15 43.16 2.31
N SER E 17 -39.23 42.51 1.60
CA SER E 17 -38.19 41.69 2.21
C SER E 17 -36.84 42.06 1.62
N VAL E 18 -35.81 42.08 2.45
CA VAL E 18 -34.50 42.54 2.06
C VAL E 18 -33.48 41.43 2.28
N ARG E 19 -32.57 41.28 1.33
CA ARG E 19 -31.51 40.28 1.38
C ARG E 19 -30.17 40.97 1.48
N VAL E 20 -29.26 40.36 2.24
CA VAL E 20 -27.90 40.84 2.36
C VAL E 20 -26.95 39.66 2.32
N SER E 21 -25.70 39.94 1.97
CA SER E 21 -24.70 38.93 1.74
C SER E 21 -23.54 39.10 2.72
N CYS E 22 -22.79 38.03 2.92
CA CYS E 22 -21.59 38.05 3.73
C CYS E 22 -20.57 37.13 3.07
N LYS E 23 -19.51 37.73 2.55
CA LYS E 23 -18.43 36.99 1.91
C LYS E 23 -17.29 36.77 2.89
N ALA E 24 -16.79 35.54 2.93
CA ALA E 24 -15.74 35.15 3.85
C ALA E 24 -14.58 34.55 3.06
N THR E 25 -13.40 34.62 3.67
CA THR E 25 -12.18 34.12 3.03
C THR E 25 -11.17 33.75 4.12
N GLY E 26 -10.04 33.22 3.68
CA GLY E 26 -8.88 33.06 4.51
C GLY E 26 -8.84 31.81 5.37
N TYR E 27 -9.86 30.97 5.32
CA TYR E 27 -9.85 29.75 6.13
C TYR E 27 -10.97 28.84 5.64
N THR E 28 -11.08 27.69 6.28
CA THR E 28 -12.09 26.71 5.89
C THR E 28 -13.47 27.28 6.13
N PHE E 29 -14.18 27.58 5.05
CA PHE E 29 -15.48 28.23 5.18
C PHE E 29 -16.50 27.33 5.86
N THR E 30 -16.23 26.04 5.99
CA THR E 30 -17.19 25.09 6.51
C THR E 30 -16.82 24.53 7.87
N ASP E 31 -16.27 25.34 8.77
CA ASP E 31 -15.77 24.84 10.04
C ASP E 31 -16.18 25.68 11.23
N HIS E 32 -16.99 26.73 11.04
CA HIS E 32 -17.26 27.65 12.13
C HIS E 32 -18.63 28.28 11.97
N PHE E 33 -19.41 28.28 13.05
CA PHE E 33 -20.69 28.94 13.04
C PHE E 33 -20.53 30.40 12.65
N ILE E 34 -21.45 30.90 11.83
CA ILE E 34 -21.45 32.29 11.42
C ILE E 34 -22.62 32.97 12.11
N HIS E 35 -22.32 34.05 12.83
CA HIS E 35 -23.31 34.75 13.64
C HIS E 35 -23.73 36.04 12.95
N TRP E 36 -24.97 36.46 13.21
CA TRP E 36 -25.47 37.73 12.70
C TRP E 36 -25.93 38.59 13.86
N VAL E 37 -25.58 39.88 13.81
CA VAL E 37 -25.95 40.81 14.87
C VAL E 37 -26.40 42.12 14.26
N ARG E 38 -27.56 42.60 14.69
CA ARG E 38 -28.13 43.85 14.20
C ARG E 38 -27.98 44.93 15.26
N GLN E 39 -27.54 46.11 14.83
CA GLN E 39 -27.36 47.26 15.71
C GLN E 39 -28.13 48.44 15.14
N ALA E 40 -29.19 48.85 15.83
CA ALA E 40 -29.81 50.11 15.51
C ALA E 40 -29.03 51.24 16.16
N PRO E 41 -29.17 52.47 15.67
CA PRO E 41 -28.42 53.59 16.27
C PRO E 41 -28.67 53.69 17.76
N GLY E 42 -27.59 53.84 18.52
CA GLY E 42 -27.69 54.00 19.95
C GLY E 42 -28.32 52.83 20.68
N GLN E 43 -28.12 51.61 20.19
CA GLN E 43 -28.66 50.41 20.81
C GLN E 43 -27.57 49.38 21.00
N GLY E 44 -27.79 48.48 21.95
CA GLY E 44 -26.83 47.42 22.19
C GLY E 44 -26.83 46.37 21.10
N LEU E 45 -25.69 45.71 20.98
CA LEU E 45 -25.58 44.62 20.02
C LEU E 45 -26.49 43.48 20.44
N ASP E 46 -27.36 43.05 19.53
CA ASP E 46 -28.32 41.99 19.80
C ASP E 46 -28.11 40.86 18.80
N TRP E 47 -28.21 39.63 19.30
CA TRP E 47 -28.04 38.47 18.44
C TRP E 47 -29.27 38.25 17.57
N MET E 48 -29.05 37.82 16.34
CA MET E 48 -30.13 37.42 15.46
C MET E 48 -30.18 35.93 15.20
N GLY E 49 -29.04 35.28 15.11
CA GLY E 49 -28.99 33.85 14.81
C GLY E 49 -27.67 33.46 14.20
N TRP E 50 -27.36 32.17 14.29
CA TRP E 50 -26.19 31.60 13.66
C TRP E 50 -26.63 30.64 12.57
N ILE E 51 -25.68 30.36 11.67
CA ILE E 51 -25.83 29.32 10.67
C ILE E 51 -24.53 28.54 10.63
N ASN E 52 -24.62 27.22 10.64
CA ASN E 52 -23.43 26.40 10.53
C ASN E 52 -23.17 26.08 9.07
N PRO E 53 -22.06 26.51 8.50
CA PRO E 53 -21.84 26.26 7.07
C PRO E 53 -21.79 24.79 6.74
N PHE E 54 -21.47 23.93 7.71
CA PHE E 54 -21.24 22.53 7.40
C PHE E 54 -22.43 21.92 6.65
N ARG E 55 -23.64 22.12 7.18
CA ARG E 55 -24.79 21.49 6.55
C ARG E 55 -26.04 22.37 6.63
N GLY E 56 -25.87 23.69 6.59
CA GLY E 56 -27.02 24.56 6.48
C GLY E 56 -27.95 24.56 7.66
N GLY E 57 -27.55 24.00 8.80
CA GLY E 57 -28.35 24.12 10.00
C GLY E 57 -28.39 25.56 10.46
N THR E 58 -29.43 25.89 11.23
CA THR E 58 -29.59 27.26 11.70
C THR E 58 -30.14 27.32 13.11
N ASN E 59 -30.50 28.52 13.54
CA ASN E 59 -31.15 28.76 14.81
C ASN E 59 -31.50 30.23 14.87
N TYR E 60 -32.56 30.55 15.60
CA TYR E 60 -33.01 31.92 15.71
C TYR E 60 -33.71 32.10 17.05
N PRO E 61 -33.68 33.29 17.62
CA PRO E 61 -34.52 33.58 18.78
C PRO E 61 -35.96 33.78 18.37
N GLN E 62 -36.85 33.54 19.33
CA GLN E 62 -38.27 33.67 19.04
C GLN E 62 -38.63 35.07 18.60
N LYS E 63 -37.80 36.06 18.91
CA LYS E 63 -38.10 37.43 18.50
C LYS E 63 -38.17 37.53 16.99
N PHE E 64 -37.27 36.83 16.28
CA PHE E 64 -37.18 36.94 14.83
C PHE E 64 -37.70 35.71 14.11
N GLN E 65 -38.12 34.67 14.83
CA GLN E 65 -38.53 33.45 14.18
C GLN E 65 -39.67 33.71 13.22
N GLY E 66 -39.68 32.98 12.10
CA GLY E 66 -40.66 33.20 11.06
C GLY E 66 -40.44 34.45 10.26
N ARG E 67 -39.40 35.21 10.54
CA ARG E 67 -39.09 36.43 9.82
C ARG E 67 -37.76 36.37 9.09
N VAL E 68 -36.88 35.46 9.47
CA VAL E 68 -35.52 35.42 8.96
C VAL E 68 -35.34 34.17 8.11
N THR E 69 -34.35 34.23 7.23
CA THR E 69 -33.93 33.07 6.45
C THR E 69 -32.44 33.16 6.21
N MET E 70 -31.74 32.07 6.50
CA MET E 70 -30.30 32.00 6.33
C MET E 70 -29.96 30.88 5.36
N THR E 71 -29.00 31.14 4.47
CA THR E 71 -28.57 30.13 3.53
C THR E 71 -27.10 30.32 3.24
N ARG E 72 -26.49 29.29 2.66
CA ARG E 72 -25.07 29.32 2.36
C ARG E 72 -24.83 28.85 0.93
N ASP E 73 -23.77 29.36 0.34
CA ASP E 73 -23.28 28.88 -0.96
C ASP E 73 -21.84 28.41 -0.76
N THR E 74 -21.64 27.10 -0.90
CA THR E 74 -20.29 26.55 -0.76
C THR E 74 -19.42 26.93 -1.94
N SER E 75 -20.02 27.10 -3.11
CA SER E 75 -19.25 27.50 -4.29
C SER E 75 -18.48 28.78 -4.00
N PHE E 76 -19.18 29.81 -3.52
CA PHE E 76 -18.55 31.10 -3.24
C PHE E 76 -18.39 31.32 -1.74
N THR E 77 -18.58 30.28 -0.93
CA THR E 77 -18.31 30.37 0.50
C THR E 77 -18.97 31.59 1.11
N THR E 78 -20.21 31.86 0.71
CA THR E 78 -20.87 33.10 1.08
C THR E 78 -22.20 32.82 1.77
N ALA E 79 -22.46 33.57 2.83
CA ALA E 79 -23.73 33.46 3.54
C ALA E 79 -24.71 34.51 3.01
N TYR E 80 -25.99 34.16 3.07
CA TYR E 80 -27.06 35.05 2.67
C TYR E 80 -28.07 35.10 3.81
N MET E 81 -28.43 36.32 4.21
CA MET E 81 -29.53 36.52 5.14
C MET E 81 -30.66 37.24 4.42
N GLU E 82 -31.88 36.95 4.86
CA GLU E 82 -33.07 37.54 4.25
C GLU E 82 -34.10 37.79 5.33
N LEU E 83 -34.59 39.02 5.42
CA LEU E 83 -35.60 39.39 6.42
C LEU E 83 -36.86 39.85 5.70
N ASN E 84 -38.00 39.31 6.12
CA ASN E 84 -39.27 39.55 5.45
C ASN E 84 -40.17 40.44 6.30
N ARG E 85 -41.18 41.01 5.65
CA ARG E 85 -42.14 41.90 6.30
C ARG E 85 -41.41 43.03 7.02
N LEU E 86 -40.72 43.84 6.22
CA LEU E 86 -39.92 44.92 6.75
C LEU E 86 -40.77 45.89 7.56
N ARG E 87 -40.10 46.65 8.43
CA ARG E 87 -40.75 47.65 9.26
C ARG E 87 -39.68 48.44 9.99
N SER E 88 -39.92 49.74 10.18
CA SER E 88 -38.87 50.69 10.55
C SER E 88 -37.82 50.08 11.47
N ASP E 89 -38.26 49.37 12.50
CA ASP E 89 -37.33 48.74 13.44
C ASP E 89 -36.20 48.06 12.70
N ASP E 90 -36.51 47.42 11.58
CA ASP E 90 -35.48 46.74 10.80
C ASP E 90 -34.32 47.68 10.50
N THR E 91 -34.61 48.95 10.20
CA THR E 91 -33.59 49.89 9.75
C THR E 91 -32.46 49.99 10.75
N ALA E 92 -31.27 49.57 10.34
CA ALA E 92 -30.14 49.46 11.27
C ALA E 92 -28.96 48.88 10.49
N VAL E 93 -27.83 48.75 11.19
CA VAL E 93 -26.66 48.10 10.63
C VAL E 93 -26.68 46.63 11.01
N TYR E 94 -25.98 45.83 10.21
CA TYR E 94 -25.91 44.40 10.43
C TYR E 94 -24.47 43.95 10.20
N PHE E 95 -24.01 43.06 11.07
CA PHE E 95 -22.65 42.56 11.04
C PHE E 95 -22.68 41.04 11.09
N CYS E 96 -21.94 40.40 10.19
CA CYS E 96 -21.73 38.97 10.22
C CYS E 96 -20.35 38.70 10.80
N ALA E 97 -20.29 37.81 11.78
CA ALA E 97 -19.06 37.58 12.53
C ALA E 97 -18.82 36.08 12.70
N ARG E 98 -17.58 35.77 13.09
CA ARG E 98 -17.13 34.39 13.23
C ARG E 98 -16.28 34.27 14.48
N GLY E 99 -16.21 33.05 15.03
CA GLY E 99 -15.55 32.81 16.29
C GLY E 99 -14.14 32.27 16.15
N LYS E 100 -13.27 32.67 17.08
CA LYS E 100 -11.86 32.30 17.01
C LYS E 100 -11.69 30.79 16.97
N ASN E 101 -12.28 30.09 17.94
CA ASN E 101 -12.08 28.67 18.11
C ASN E 101 -13.40 27.94 18.03
N SER E 102 -13.38 26.78 17.38
CA SER E 102 -14.60 25.99 17.25
C SER E 102 -15.14 25.59 18.61
N ASP E 103 -14.26 25.18 19.51
CA ASP E 103 -14.70 24.62 20.79
C ASP E 103 -15.60 25.59 21.53
N TYR E 104 -15.12 26.82 21.74
CA TYR E 104 -15.95 27.81 22.42
C TYR E 104 -17.06 28.32 21.52
N ASN E 105 -16.73 28.63 20.26
CA ASN E 105 -17.73 29.04 19.28
C ASN E 105 -18.64 30.11 19.86
N TRP E 106 -18.09 31.02 20.66
CA TRP E 106 -18.91 32.09 21.22
C TRP E 106 -18.17 33.41 21.33
N ASP E 107 -17.02 33.55 20.69
CA ASP E 107 -16.27 34.80 20.62
C ASP E 107 -16.46 35.41 19.24
N PHE E 108 -15.90 36.60 19.06
CA PHE E 108 -16.01 37.27 17.77
C PHE E 108 -14.72 38.07 17.55
N GLN E 109 -13.79 37.47 16.81
CA GLN E 109 -12.56 38.15 16.46
C GLN E 109 -12.71 38.90 15.15
N HIS E 110 -13.38 38.30 14.17
CA HIS E 110 -13.43 38.80 12.81
C HIS E 110 -14.82 39.35 12.53
N TRP E 111 -14.88 40.58 12.05
CA TRP E 111 -16.14 41.25 11.79
C TRP E 111 -16.10 41.88 10.41
N GLY E 112 -17.20 41.78 9.68
CA GLY E 112 -17.34 42.53 8.45
C GLY E 112 -17.47 44.01 8.73
N GLN E 113 -17.26 44.81 7.68
CA GLN E 113 -17.30 46.25 7.86
C GLN E 113 -18.63 46.72 8.41
N GLY E 114 -19.71 45.97 8.16
CA GLY E 114 -21.03 46.36 8.64
C GLY E 114 -21.84 47.04 7.57
N THR E 115 -23.11 46.68 7.43
CA THR E 115 -23.92 47.21 6.34
C THR E 115 -25.24 47.72 6.87
N LEU E 116 -25.67 48.88 6.36
CA LEU E 116 -26.89 49.52 6.83
C LEU E 116 -28.03 49.28 5.86
N VAL E 117 -29.23 49.12 6.42
CA VAL E 117 -30.45 49.01 5.65
C VAL E 117 -31.49 49.93 6.27
N THR E 118 -32.40 50.41 5.43
CA THR E 118 -33.44 51.32 5.87
C THR E 118 -34.73 51.09 5.08
N VAL E 119 -35.84 51.55 5.65
CA VAL E 119 -37.15 51.42 5.04
C VAL E 119 -37.54 52.76 4.41
N SER E 120 -38.09 52.71 3.20
CA SER E 120 -38.55 53.91 2.51
C SER E 120 -37.42 54.90 2.31
N VAL F 3 -30.70 38.70 30.87
CA VAL F 3 -30.19 40.07 30.81
C VAL F 3 -28.89 40.16 31.57
N MET F 4 -27.91 40.85 30.99
CA MET F 4 -26.67 41.17 31.65
C MET F 4 -26.56 42.68 31.76
N SER F 5 -26.23 43.17 32.96
CA SER F 5 -26.33 44.59 33.26
C SER F 5 -24.94 45.22 33.27
N GLN F 6 -24.80 46.32 32.55
CA GLN F 6 -23.60 47.16 32.55
C GLN F 6 -23.99 48.55 33.04
N SER F 7 -23.64 48.86 34.28
CA SER F 7 -23.92 50.17 34.85
C SER F 7 -22.64 50.76 35.41
N PRO F 8 -22.47 52.09 35.32
CA PRO F 8 -23.36 53.09 34.72
C PRO F 8 -23.25 53.14 33.20
N SER F 9 -24.14 53.88 32.55
CA SER F 9 -24.08 54.02 31.10
C SER F 9 -22.87 54.82 30.64
N SER F 10 -22.32 55.67 31.49
CA SER F 10 -21.17 56.51 31.12
C SER F 10 -20.58 57.06 32.40
N LEU F 11 -19.63 57.98 32.25
CA LEU F 11 -19.03 58.64 33.40
C LEU F 11 -18.19 59.82 32.95
N ALA F 12 -18.26 60.91 33.70
CA ALA F 12 -17.48 62.11 33.40
C ALA F 12 -16.02 61.87 33.71
N VAL F 13 -15.40 60.99 32.92
CA VAL F 13 -14.04 60.55 33.17
C VAL F 13 -13.05 61.67 32.91
N SER F 14 -11.82 61.48 33.36
CA SER F 14 -10.69 62.32 32.99
C SER F 14 -9.51 61.42 32.66
N LEU F 15 -8.68 61.85 31.72
CA LEU F 15 -7.57 61.00 31.30
C LEU F 15 -6.61 60.75 32.45
N GLY F 16 -6.00 59.57 32.44
CA GLY F 16 -4.97 59.25 33.41
C GLY F 16 -5.46 58.67 34.71
N GLU F 17 -6.72 58.26 34.80
CA GLU F 17 -7.29 57.73 36.03
C GLU F 17 -7.57 56.25 35.91
N ARG F 18 -7.42 55.53 37.02
CA ARG F 18 -7.83 54.14 37.07
C ARG F 18 -9.33 54.05 37.25
N ILE F 19 -9.99 53.31 36.35
CA ILE F 19 -11.44 53.17 36.36
C ILE F 19 -11.78 51.69 36.29
N THR F 20 -13.01 51.37 36.70
CA THR F 20 -13.47 49.99 36.67
C THR F 20 -14.99 50.00 36.58
N LEU F 21 -15.54 49.27 35.61
CA LEU F 21 -16.98 49.16 35.44
C LEU F 21 -17.41 47.70 35.64
N SER F 22 -18.62 47.54 36.16
CA SER F 22 -19.13 46.26 36.61
C SER F 22 -20.13 45.71 35.61
N CYS F 23 -19.94 44.45 35.24
CA CYS F 23 -20.91 43.66 34.50
C CYS F 23 -21.49 42.63 35.46
N LYS F 24 -22.80 42.68 35.68
CA LYS F 24 -23.48 41.76 36.58
C LYS F 24 -24.41 40.88 35.75
N SER F 25 -24.22 39.57 35.87
CA SER F 25 -24.97 38.62 35.06
C SER F 25 -26.35 38.37 35.67
N SER F 26 -27.15 37.56 34.98
CA SER F 26 -28.44 37.16 35.51
C SER F 26 -28.75 35.69 35.24
N LEU F 27 -27.84 34.92 34.66
CA LEU F 27 -28.12 33.52 34.36
C LEU F 27 -28.22 32.70 35.64
N THR F 28 -27.11 32.58 36.36
CA THR F 28 -27.09 31.92 37.67
C THR F 28 -27.85 30.59 37.63
N LEU F 29 -27.56 29.77 36.63
CA LEU F 29 -28.27 28.52 36.47
C LEU F 29 -27.39 27.51 35.74
N ILE F 30 -27.63 26.23 36.04
CA ILE F 30 -26.99 25.08 35.39
C ILE F 30 -25.50 25.28 35.22
N TYR F 31 -24.84 24.35 34.52
CA TYR F 31 -23.41 24.42 34.30
C TYR F 31 -23.06 23.75 32.97
N GLY F 35 -16.58 22.79 33.23
CA GLY F 35 -16.17 24.18 33.12
C GLY F 35 -17.08 25.11 33.90
N GLU F 36 -16.96 26.41 33.64
CA GLU F 36 -17.79 27.41 34.31
C GLU F 36 -18.05 28.56 33.36
N ASN F 37 -19.16 29.26 33.62
CA ASN F 37 -19.55 30.37 32.77
C ASN F 37 -18.40 31.36 32.64
N TYR F 38 -18.45 32.16 31.57
CA TYR F 38 -17.38 33.07 31.23
C TYR F 38 -17.98 34.39 30.77
N LEU F 39 -17.11 35.28 30.30
CA LEU F 39 -17.51 36.62 29.91
C LEU F 39 -16.63 37.07 28.76
N ALA F 40 -17.11 38.09 28.04
CA ALA F 40 -16.36 38.64 26.91
C ALA F 40 -16.53 40.15 26.90
N TRP F 41 -15.44 40.87 27.12
CA TRP F 41 -15.43 42.32 27.01
C TRP F 41 -15.06 42.70 25.59
N TYR F 42 -16.00 43.32 24.88
CA TYR F 42 -15.84 43.73 23.50
C TYR F 42 -15.76 45.25 23.44
N GLN F 43 -14.79 45.75 22.68
CA GLN F 43 -14.67 47.18 22.42
C GLN F 43 -15.37 47.53 21.12
N GLN F 44 -15.78 48.80 21.02
CA GLN F 44 -16.29 49.34 19.77
C GLN F 44 -16.23 50.85 19.83
N LYS F 45 -15.51 51.44 18.91
CA LYS F 45 -15.60 52.86 18.66
C LYS F 45 -16.79 53.13 17.74
N PRO F 46 -17.42 54.29 17.85
CA PRO F 46 -18.56 54.58 16.96
C PRO F 46 -18.14 54.54 15.50
N GLY F 47 -18.92 53.83 14.70
CA GLY F 47 -18.73 53.79 13.26
C GLY F 47 -17.79 52.72 12.75
N GLN F 48 -17.33 51.80 13.59
CA GLN F 48 -16.42 50.75 13.15
C GLN F 48 -16.82 49.43 13.79
N SER F 49 -16.22 48.36 13.30
CA SER F 49 -16.50 47.05 13.86
C SER F 49 -16.08 47.01 15.32
N PRO F 50 -16.89 46.41 16.20
CA PRO F 50 -16.43 46.20 17.57
C PRO F 50 -15.14 45.40 17.59
N LYS F 51 -14.56 45.26 18.77
CA LYS F 51 -13.29 44.56 18.92
C LYS F 51 -13.30 43.74 20.19
N LEU F 52 -12.51 42.67 20.19
CA LEU F 52 -12.40 41.82 21.36
C LEU F 52 -11.30 42.32 22.28
N LEU F 53 -11.62 42.52 23.55
CA LEU F 53 -10.66 42.93 24.55
C LEU F 53 -10.37 41.82 25.55
N ILE F 54 -11.39 41.31 26.21
CA ILE F 54 -11.21 40.23 27.19
C ILE F 54 -12.05 39.05 26.77
N TYR F 55 -11.46 37.86 26.89
CA TYR F 55 -12.19 36.62 26.70
C TYR F 55 -12.00 35.77 27.94
N SER F 56 -12.74 34.66 27.99
CA SER F 56 -12.74 33.82 29.19
C SER F 56 -13.26 34.64 30.36
N THR F 57 -12.43 34.90 31.36
CA THR F 57 -12.82 35.79 32.45
C THR F 57 -11.79 36.89 32.70
N SER F 58 -10.51 36.58 32.58
CA SER F 58 -9.47 37.59 32.76
C SER F 58 -8.31 37.44 31.78
N THR F 59 -8.43 36.57 30.78
CA THR F 59 -7.41 36.45 29.74
C THR F 59 -7.65 37.51 28.68
N ARG F 60 -6.88 38.59 28.72
CA ARG F 60 -7.10 39.66 27.77
C ARG F 60 -6.59 39.27 26.39
N GLU F 61 -7.09 39.97 25.38
CA GLU F 61 -6.77 39.62 24.00
C GLU F 61 -5.33 40.02 23.68
N SER F 62 -4.79 39.35 22.67
CA SER F 62 -3.43 39.63 22.24
C SER F 62 -3.31 41.06 21.70
N GLY F 63 -2.22 41.72 22.07
CA GLY F 63 -1.92 43.06 21.59
C GLY F 63 -2.57 44.18 22.37
N VAL F 64 -3.42 43.88 23.34
CA VAL F 64 -4.11 44.92 24.10
C VAL F 64 -3.17 45.43 25.19
N PRO F 65 -3.04 46.75 25.37
CA PRO F 65 -2.30 47.25 26.53
C PRO F 65 -2.83 46.66 27.83
N ASP F 66 -1.92 46.18 28.67
CA ASP F 66 -2.34 45.43 29.85
C ASP F 66 -3.14 46.27 30.82
N ARG F 67 -3.08 47.59 30.72
CA ARG F 67 -3.89 48.42 31.62
C ARG F 67 -5.37 48.03 31.49
N PHE F 68 -5.81 47.74 30.27
CA PHE F 68 -7.08 47.04 30.12
C PHE F 68 -6.99 45.69 30.78
N THR F 69 -8.00 45.34 31.56
CA THR F 69 -7.98 44.11 32.34
C THR F 69 -9.40 43.68 32.62
N GLY F 70 -9.56 42.39 32.86
CA GLY F 70 -10.86 41.84 33.22
C GLY F 70 -10.72 40.94 34.43
N SER F 71 -11.75 40.97 35.27
CA SER F 71 -11.74 40.15 36.47
C SER F 71 -13.18 39.83 36.87
N GLY F 72 -13.30 38.97 37.87
CA GLY F 72 -14.59 38.64 38.45
C GLY F 72 -14.84 37.14 38.44
N SER F 73 -16.03 36.78 38.89
CA SER F 73 -16.43 35.39 38.93
C SER F 73 -17.93 35.29 39.14
N GLY F 74 -18.49 34.17 38.68
CA GLY F 74 -19.80 33.72 39.11
C GLY F 74 -20.92 34.58 38.56
N THR F 75 -21.00 35.81 39.06
CA THR F 75 -21.94 36.80 38.55
C THR F 75 -21.36 38.20 38.48
N ASP F 76 -20.35 38.52 39.28
CA ASP F 76 -19.83 39.88 39.38
C ASP F 76 -18.52 39.92 38.61
N PHE F 77 -18.45 40.78 37.59
CA PHE F 77 -17.24 40.89 36.79
C PHE F 77 -16.96 42.35 36.53
N THR F 78 -15.75 42.65 36.13
CA THR F 78 -15.33 44.03 35.99
C THR F 78 -14.35 44.18 34.85
N LEU F 79 -14.68 45.11 33.96
CA LEU F 79 -13.67 45.72 33.10
C LEU F 79 -12.89 46.75 33.92
N THR F 80 -11.59 46.82 33.70
CA THR F 80 -10.73 47.67 34.50
C THR F 80 -9.66 48.30 33.62
N ILE F 81 -9.29 49.53 33.96
CA ILE F 81 -8.21 50.24 33.30
C ILE F 81 -7.37 50.95 34.36
N SER F 82 -6.06 50.80 34.28
CA SER F 82 -5.18 51.48 35.23
C SER F 82 -5.13 52.97 34.95
N SER F 83 -5.02 53.36 33.68
CA SER F 83 -4.86 54.76 33.33
C SER F 83 -5.45 54.96 31.93
N VAL F 84 -6.58 55.64 31.85
CA VAL F 84 -7.30 55.77 30.59
C VAL F 84 -6.57 56.78 29.71
N LYS F 85 -6.30 56.38 28.46
CA LYS F 85 -5.63 57.23 27.49
C LYS F 85 -6.64 57.78 26.50
N ALA F 86 -6.16 58.71 25.66
CA ALA F 86 -7.07 59.42 24.77
C ALA F 86 -7.80 58.47 23.83
N GLU F 87 -7.05 57.62 23.13
CA GLU F 87 -7.70 56.70 22.19
C GLU F 87 -8.67 55.76 22.89
N ASP F 88 -8.50 55.56 24.19
CA ASP F 88 -9.31 54.58 24.89
C ASP F 88 -10.76 55.00 25.03
N LEU F 89 -11.07 56.29 24.89
CA LEU F 89 -12.45 56.74 24.99
C LEU F 89 -13.26 56.15 23.85
N ALA F 90 -14.12 55.19 24.17
CA ALA F 90 -14.94 54.48 23.20
C ALA F 90 -16.07 53.81 23.96
N VAL F 91 -16.77 52.88 23.32
CA VAL F 91 -17.84 52.15 23.96
C VAL F 91 -17.40 50.71 24.15
N TYR F 92 -17.95 50.05 25.17
CA TYR F 92 -17.58 48.69 25.47
C TYR F 92 -18.80 47.95 26.00
N TYR F 93 -18.81 46.63 25.79
CA TYR F 93 -19.90 45.78 26.21
C TYR F 93 -19.36 44.49 26.79
N CYS F 94 -20.19 43.84 27.61
CA CYS F 94 -19.90 42.50 28.07
C CYS F 94 -20.92 41.53 27.48
N GLN F 95 -20.44 40.32 27.19
CA GLN F 95 -21.25 39.30 26.53
C GLN F 95 -20.86 37.94 27.08
N GLN F 96 -21.79 37.28 27.75
CA GLN F 96 -21.60 35.90 28.17
C GLN F 96 -22.16 34.92 27.16
N TYR F 97 -23.27 35.28 26.54
CA TYR F 97 -23.94 34.47 25.55
C TYR F 97 -24.62 35.45 24.60
N GLU F 98 -25.60 34.96 23.84
CA GLU F 98 -26.29 35.78 22.87
C GLU F 98 -26.60 37.17 23.42
N TYR F 99 -26.97 37.24 24.68
CA TYR F 99 -27.38 38.52 25.24
C TYR F 99 -26.18 39.43 25.40
N PHE F 100 -26.44 40.73 25.44
CA PHE F 100 -25.40 41.73 25.59
C PHE F 100 -25.83 42.75 26.62
N GLY F 101 -24.84 43.39 27.24
CA GLY F 101 -25.11 44.36 28.27
C GLY F 101 -25.56 45.70 27.71
N GLY F 102 -25.79 46.64 28.64
CA GLY F 102 -26.15 47.99 28.27
C GLY F 102 -25.00 48.82 27.74
N GLY F 103 -23.77 48.34 27.87
CA GLY F 103 -22.62 49.06 27.36
C GLY F 103 -22.25 50.25 28.22
N THR F 104 -21.29 51.01 27.72
CA THR F 104 -20.87 52.22 28.41
C THR F 104 -19.90 52.99 27.53
N LYS F 105 -20.03 54.31 27.56
CA LYS F 105 -19.14 55.21 26.83
C LYS F 105 -18.61 56.28 27.77
N LEU F 106 -17.39 56.74 27.49
CA LEU F 106 -16.67 57.64 28.38
C LEU F 106 -16.25 58.89 27.63
N GLU F 107 -16.37 60.04 28.28
CA GLU F 107 -16.11 61.33 27.65
C GLU F 107 -15.85 62.36 28.73
N ILE F 108 -15.80 63.64 28.33
CA ILE F 108 -15.47 64.75 29.22
C ILE F 108 -16.57 65.81 29.11
N LYS F 109 -16.50 66.80 30.00
CA LYS F 109 -17.48 67.89 30.01
C LYS F 109 -17.62 68.55 28.66
N VAL G 2 24.46 -4.93 -28.24
CA VAL G 2 24.81 -3.53 -28.44
C VAL G 2 25.58 -3.36 -29.73
N GLN G 3 25.01 -2.63 -30.68
CA GLN G 3 25.62 -2.43 -31.97
C GLN G 3 25.59 -0.95 -32.32
N LEU G 4 26.61 -0.51 -33.05
CA LEU G 4 26.72 0.87 -33.50
C LEU G 4 26.71 0.88 -35.02
N VAL G 5 25.82 1.68 -35.59
CA VAL G 5 25.64 1.73 -37.03
C VAL G 5 25.74 3.18 -37.48
N GLN G 6 26.12 3.37 -38.74
CA GLN G 6 26.20 4.69 -39.34
C GLN G 6 25.47 4.69 -40.67
N SER G 7 25.36 5.88 -41.26
CA SER G 7 24.80 6.02 -42.59
C SER G 7 25.90 5.88 -43.63
N GLY G 8 25.49 5.84 -44.90
CA GLY G 8 26.41 5.61 -45.98
C GLY G 8 27.42 6.74 -46.10
N PRO G 9 28.50 6.51 -46.84
CA PRO G 9 29.49 7.57 -47.05
C PRO G 9 28.84 8.80 -47.67
N GLU G 10 29.60 9.89 -47.71
CA GLU G 10 29.09 11.15 -48.20
C GLU G 10 30.13 11.85 -49.07
N VAL G 11 29.62 12.58 -50.06
CA VAL G 11 30.44 13.45 -50.90
C VAL G 11 29.73 14.78 -51.01
N LYS G 12 30.48 15.87 -50.86
CA LYS G 12 29.85 17.18 -50.87
C LYS G 12 30.84 18.21 -51.41
N GLU G 13 30.31 19.32 -51.87
CA GLU G 13 31.13 20.39 -52.40
C GLU G 13 31.81 21.16 -51.28
N PRO G 14 32.91 21.84 -51.58
CA PRO G 14 33.53 22.71 -50.57
C PRO G 14 32.57 23.81 -50.14
N GLY G 15 32.66 24.19 -48.87
CA GLY G 15 31.88 25.27 -48.34
C GLY G 15 30.49 24.90 -47.86
N ALA G 16 30.07 23.66 -48.05
CA ALA G 16 28.76 23.22 -47.60
C ALA G 16 28.87 22.64 -46.19
N SER G 17 27.80 21.99 -45.74
CA SER G 17 27.77 21.32 -44.44
C SER G 17 27.24 19.92 -44.63
N VAL G 18 27.81 18.97 -43.89
CA VAL G 18 27.48 17.56 -44.04
C VAL G 18 26.98 17.01 -42.71
N ARG G 19 25.96 16.17 -42.79
CA ARG G 19 25.34 15.55 -41.63
C ARG G 19 25.55 14.05 -41.71
N VAL G 20 25.77 13.44 -40.55
CA VAL G 20 25.91 11.99 -40.46
C VAL G 20 25.17 11.50 -39.22
N SER G 21 24.80 10.23 -39.26
CA SER G 21 23.95 9.62 -38.24
C SER G 21 24.72 8.52 -37.52
N CYS G 22 24.23 8.18 -36.33
CA CYS G 22 24.78 7.08 -35.55
C CYS G 22 23.62 6.42 -34.82
N LYS G 23 23.29 5.21 -35.24
CA LYS G 23 22.21 4.44 -34.62
C LYS G 23 22.77 3.48 -33.59
N ALA G 24 22.14 3.43 -32.43
CA ALA G 24 22.59 2.61 -31.33
C ALA G 24 21.45 1.71 -30.87
N THR G 25 21.81 0.59 -30.25
CA THR G 25 20.84 -0.40 -29.80
C THR G 25 21.44 -1.18 -28.64
N GLY G 26 20.62 -2.08 -28.08
CA GLY G 26 21.09 -3.09 -27.17
C GLY G 26 21.23 -2.68 -25.72
N TYR G 27 20.92 -1.44 -25.38
CA TYR G 27 21.03 -1.00 -23.99
C TYR G 27 20.37 0.36 -23.85
N THR G 28 20.40 0.90 -22.64
CA THR G 28 19.77 2.17 -22.37
C THR G 28 20.47 3.27 -23.16
N PHE G 29 19.78 3.81 -24.16
CA PHE G 29 20.39 4.81 -25.01
C PHE G 29 20.71 6.10 -24.26
N THR G 30 20.18 6.28 -23.06
CA THR G 30 20.29 7.54 -22.34
C THR G 30 21.15 7.42 -21.09
N ASP G 31 22.23 6.64 -21.12
CA ASP G 31 23.02 6.40 -19.92
C ASP G 31 24.52 6.52 -20.14
N HIS G 32 24.97 6.90 -21.33
CA HIS G 32 26.40 6.86 -21.61
C HIS G 32 26.77 7.92 -22.62
N PHE G 33 27.82 8.68 -22.32
CA PHE G 33 28.34 9.65 -23.26
C PHE G 33 28.68 8.97 -24.58
N ILE G 34 28.34 9.62 -25.69
CA ILE G 34 28.66 9.14 -27.02
C ILE G 34 29.76 10.02 -27.58
N HIS G 35 30.87 9.39 -27.98
CA HIS G 35 32.05 10.10 -28.45
C HIS G 35 32.14 10.02 -29.96
N TRP G 36 32.75 11.04 -30.56
CA TRP G 36 32.99 11.07 -32.00
C TRP G 36 34.47 11.22 -32.27
N VAL G 37 34.99 10.45 -33.22
CA VAL G 37 36.40 10.48 -33.56
C VAL G 37 36.57 10.44 -35.07
N ARG G 38 37.35 11.37 -35.60
CA ARG G 38 37.61 11.47 -37.03
C ARG G 38 39.03 10.99 -37.32
N GLN G 39 39.16 10.13 -38.32
CA GLN G 39 40.45 9.59 -38.75
C GLN G 39 40.62 9.88 -40.23
N ALA G 40 41.58 10.74 -40.56
CA ALA G 40 42.02 10.89 -41.92
C ALA G 40 43.01 9.78 -42.26
N PRO G 41 43.18 9.48 -43.54
CA PRO G 41 44.12 8.41 -43.91
C PRO G 41 45.50 8.65 -43.32
N GLY G 42 46.06 7.60 -42.72
CA GLY G 42 47.40 7.69 -42.17
C GLY G 42 47.56 8.69 -41.05
N GLN G 43 46.52 8.91 -40.25
CA GLN G 43 46.57 9.85 -39.15
C GLN G 43 46.07 9.18 -37.87
N GLY G 44 46.49 9.72 -36.74
CA GLY G 44 46.05 9.19 -35.47
C GLY G 44 44.60 9.54 -35.17
N LEU G 45 43.97 8.69 -34.37
CA LEU G 45 42.62 8.94 -33.93
C LEU G 45 42.58 10.22 -33.10
N ASP G 46 41.67 11.12 -33.44
CA ASP G 46 41.54 12.40 -32.76
C ASP G 46 40.11 12.56 -32.26
N TRP G 47 39.97 13.15 -31.08
CA TRP G 47 38.65 13.36 -30.52
C TRP G 47 38.00 14.60 -31.13
N MET G 48 36.70 14.50 -31.38
CA MET G 48 35.92 15.64 -31.83
C MET G 48 34.98 16.18 -30.76
N GLY G 49 34.43 15.34 -29.92
CA GLY G 49 33.48 15.76 -28.91
C GLY G 49 32.56 14.64 -28.48
N TRP G 50 31.98 14.79 -27.29
CA TRP G 50 30.98 13.87 -26.78
C TRP G 50 29.64 14.58 -26.71
N ILE G 51 28.60 13.78 -26.63
CA ILE G 51 27.26 14.25 -26.34
C ILE G 51 26.64 13.30 -25.33
N ASN G 52 26.02 13.85 -24.29
CA ASN G 52 25.36 13.01 -23.32
C ASN G 52 23.90 12.85 -23.72
N PRO G 53 23.43 11.63 -24.00
CA PRO G 53 22.05 11.48 -24.45
C PRO G 53 21.05 11.95 -23.42
N PHE G 54 21.42 11.98 -22.15
CA PHE G 54 20.45 12.25 -21.11
C PHE G 54 19.70 13.54 -21.36
N ARG G 55 20.44 14.63 -21.62
CA ARG G 55 19.78 15.92 -21.79
C ARG G 55 20.47 16.78 -22.84
N GLY G 56 21.04 16.17 -23.88
CA GLY G 56 21.53 16.95 -24.99
C GLY G 56 22.70 17.85 -24.67
N GLY G 57 23.34 17.69 -23.52
CA GLY G 57 24.55 18.44 -23.27
C GLY G 57 25.66 17.98 -24.21
N THR G 58 26.64 18.85 -24.43
CA THR G 58 27.72 18.53 -25.35
C THR G 58 29.06 19.08 -24.88
N ASN G 59 30.05 19.03 -25.76
CA ASN G 59 31.36 19.59 -25.52
C ASN G 59 32.17 19.42 -26.79
N TYR G 60 33.15 20.29 -26.98
CA TYR G 60 33.96 20.25 -28.19
C TYR G 60 35.32 20.86 -27.87
N PRO G 61 36.38 20.40 -28.51
CA PRO G 61 37.65 21.10 -28.41
C PRO G 61 37.61 22.38 -29.22
N GLN G 62 38.45 23.33 -28.83
CA GLN G 62 38.48 24.61 -29.51
C GLN G 62 38.81 24.46 -30.99
N LYS G 63 39.43 23.35 -31.37
CA LYS G 63 39.78 23.16 -32.77
C LYS G 63 38.53 23.15 -33.64
N PHE G 64 37.46 22.53 -33.16
CA PHE G 64 36.24 22.36 -33.95
C PHE G 64 35.10 23.25 -33.49
N GLN G 65 35.30 24.03 -32.42
CA GLN G 65 34.21 24.82 -31.89
C GLN G 65 33.69 25.79 -32.94
N GLY G 66 32.38 26.02 -32.93
CA GLY G 66 31.76 26.84 -33.93
C GLY G 66 31.64 26.19 -35.29
N ARG G 67 32.08 24.94 -35.42
CA ARG G 67 31.99 24.21 -36.67
C ARG G 67 31.12 22.96 -36.57
N VAL G 68 30.88 22.47 -35.36
CA VAL G 68 30.20 21.20 -35.16
C VAL G 68 28.86 21.45 -34.51
N THR G 69 27.96 20.49 -34.71
CA THR G 69 26.68 20.46 -34.03
C THR G 69 26.30 19.02 -33.75
N MET G 70 25.88 18.75 -32.53
CA MET G 70 25.48 17.42 -32.10
C MET G 70 24.06 17.46 -31.58
N THR G 71 23.28 16.45 -31.94
CA THR G 71 21.90 16.39 -31.47
C THR G 71 21.52 14.92 -31.30
N ARG G 72 20.44 14.69 -30.56
CA ARG G 72 19.97 13.35 -30.29
C ARG G 72 18.48 13.25 -30.56
N ASP G 73 18.04 12.06 -30.95
CA ASP G 73 16.62 11.74 -31.06
C ASP G 73 16.35 10.56 -30.13
N THR G 74 15.57 10.81 -29.09
CA THR G 74 15.22 9.75 -28.15
C THR G 74 14.25 8.78 -28.77
N SER G 75 13.39 9.25 -29.69
CA SER G 75 12.45 8.37 -30.35
C SER G 75 13.17 7.21 -31.00
N PHE G 76 14.19 7.51 -31.80
CA PHE G 76 14.95 6.49 -32.51
C PHE G 76 16.33 6.29 -31.89
N THR G 77 16.56 6.85 -30.71
CA THR G 77 17.80 6.60 -29.97
C THR G 77 19.01 6.78 -30.87
N THR G 78 19.01 7.86 -31.66
CA THR G 78 20.03 8.05 -32.67
C THR G 78 20.69 9.41 -32.51
N ALA G 79 22.00 9.44 -32.68
CA ALA G 79 22.76 10.67 -32.64
C ALA G 79 22.95 11.21 -34.05
N TYR G 80 23.03 12.53 -34.13
CA TYR G 80 23.28 13.23 -35.38
C TYR G 80 24.45 14.18 -35.17
N MET G 81 25.42 14.12 -36.07
CA MET G 81 26.48 15.10 -36.11
C MET G 81 26.38 15.90 -37.39
N GLU G 82 26.82 17.16 -37.32
CA GLU G 82 26.75 18.04 -38.48
C GLU G 82 27.97 18.96 -38.45
N LEU G 83 28.72 18.97 -39.55
CA LEU G 83 29.91 19.81 -39.67
C LEU G 83 29.72 20.82 -40.79
N ASN G 84 30.00 22.08 -40.51
CA ASN G 84 29.74 23.17 -41.44
C ASN G 84 31.03 23.72 -42.00
N ARG G 85 30.89 24.45 -43.11
CA ARG G 85 32.02 25.07 -43.79
C ARG G 85 33.09 24.01 -44.12
N LEU G 86 32.67 23.04 -44.93
CA LEU G 86 33.52 21.93 -45.29
C LEU G 86 34.81 22.42 -45.93
N ARG G 87 35.82 21.55 -45.93
CA ARG G 87 37.10 21.83 -46.54
C ARG G 87 37.94 20.56 -46.47
N SER G 88 38.80 20.35 -47.46
CA SER G 88 39.42 19.05 -47.72
C SER G 88 39.76 18.30 -46.44
N ASP G 89 40.35 18.98 -45.47
CA ASP G 89 40.71 18.36 -44.21
C ASP G 89 39.58 17.51 -43.68
N ASP G 90 38.34 17.99 -43.84
CA ASP G 90 37.19 17.24 -43.35
C ASP G 90 37.20 15.83 -43.90
N THR G 91 37.60 15.65 -45.15
CA THR G 91 37.51 14.36 -45.81
C THR G 91 38.25 13.28 -45.04
N ALA G 92 37.52 12.30 -44.54
CA ALA G 92 38.08 11.31 -43.63
C ALA G 92 36.95 10.39 -43.19
N VAL G 93 37.32 9.39 -42.39
CA VAL G 93 36.35 8.50 -41.78
C VAL G 93 35.97 9.03 -40.41
N TYR G 94 34.80 8.63 -39.94
CA TYR G 94 34.29 9.07 -38.67
C TYR G 94 33.65 7.87 -37.96
N PHE G 95 33.90 7.78 -36.66
CA PHE G 95 33.42 6.69 -35.83
C PHE G 95 32.74 7.26 -34.61
N CYS G 96 31.54 6.77 -34.32
CA CYS G 96 30.84 7.08 -33.09
C CYS G 96 30.98 5.89 -32.15
N ALA G 97 31.43 6.15 -30.92
CA ALA G 97 31.75 5.09 -29.98
C ALA G 97 31.15 5.39 -28.61
N ARG G 98 31.16 4.36 -27.76
CA ARG G 98 30.54 4.43 -26.44
C ARG G 98 31.42 3.70 -25.44
N GLY G 99 31.32 4.09 -24.18
CA GLY G 99 32.20 3.59 -23.14
C GLY G 99 31.60 2.45 -22.33
N LYS G 100 32.47 1.52 -21.92
CA LYS G 100 31.99 0.33 -21.21
C LYS G 100 31.20 0.70 -19.96
N ASN G 101 31.78 1.52 -19.10
CA ASN G 101 31.20 1.83 -17.81
C ASN G 101 30.94 3.33 -17.70
N SER G 102 29.85 3.68 -17.02
CA SER G 102 29.55 5.08 -16.80
C SER G 102 30.65 5.76 -15.98
N ASP G 103 31.14 5.07 -14.96
CA ASP G 103 32.05 5.71 -14.01
C ASP G 103 33.30 6.23 -14.70
N TYR G 104 33.98 5.36 -15.45
CA TYR G 104 35.17 5.82 -16.17
C TYR G 104 34.80 6.67 -17.36
N ASN G 105 33.81 6.24 -18.14
CA ASN G 105 33.31 7.03 -19.27
C ASN G 105 34.46 7.52 -20.13
N TRP G 106 35.49 6.70 -20.29
CA TRP G 106 36.62 7.10 -21.12
C TRP G 106 37.24 5.94 -21.89
N ASP G 107 36.57 4.80 -21.95
CA ASP G 107 37.00 3.67 -22.76
C ASP G 107 36.12 3.60 -24.00
N PHE G 108 36.44 2.66 -24.87
CA PHE G 108 35.67 2.49 -26.10
C PHE G 108 35.66 1.01 -26.45
N GLN G 109 34.60 0.32 -26.04
CA GLN G 109 34.42 -1.08 -26.39
C GLN G 109 33.67 -1.24 -27.70
N HIS G 110 32.66 -0.42 -27.92
CA HIS G 110 31.73 -0.58 -29.03
C HIS G 110 31.95 0.52 -30.05
N TRP G 111 32.13 0.14 -31.31
CA TRP G 111 32.45 1.08 -32.37
C TRP G 111 31.55 0.79 -33.56
N GLY G 112 31.04 1.86 -34.17
CA GLY G 112 30.35 1.70 -35.44
C GLY G 112 31.32 1.32 -36.54
N GLN G 113 30.75 0.80 -37.63
CA GLN G 113 31.60 0.32 -38.72
C GLN G 113 32.51 1.42 -39.25
N GLY G 114 32.11 2.69 -39.12
CA GLY G 114 32.91 3.79 -39.61
C GLY G 114 32.44 4.28 -40.96
N THR G 115 32.34 5.60 -41.13
CA THR G 115 31.78 6.14 -42.37
C THR G 115 32.70 7.22 -42.92
N LEU G 116 32.88 7.21 -44.24
CA LEU G 116 33.77 8.14 -44.90
C LEU G 116 33.00 9.28 -45.55
N VAL G 117 33.59 10.46 -45.49
CA VAL G 117 33.06 11.63 -46.18
C VAL G 117 34.21 12.29 -46.94
N THR G 118 33.84 12.96 -48.03
CA THR G 118 34.82 13.63 -48.87
C THR G 118 34.22 14.88 -49.49
N VAL G 119 35.11 15.78 -49.92
CA VAL G 119 34.73 17.05 -50.53
C VAL G 119 34.87 16.93 -52.04
N SER G 120 33.88 17.44 -52.77
CA SER G 120 33.91 17.44 -54.23
C SER G 120 33.99 16.03 -54.79
N VAL H 3 49.94 16.10 -25.28
CA VAL H 3 50.46 15.14 -26.25
C VAL H 3 50.95 13.89 -25.53
N MET H 4 50.64 12.73 -26.08
CA MET H 4 51.18 11.46 -25.62
C MET H 4 51.98 10.85 -26.75
N SER H 5 53.19 10.40 -26.44
CA SER H 5 54.16 9.99 -27.45
C SER H 5 54.26 8.48 -27.52
N GLN H 6 54.14 7.95 -28.74
CA GLN H 6 54.36 6.54 -29.04
C GLN H 6 55.52 6.44 -30.03
N SER H 7 56.67 5.99 -29.56
CA SER H 7 57.83 5.80 -30.41
C SER H 7 58.40 4.41 -30.20
N PRO H 8 58.93 3.78 -31.27
CA PRO H 8 59.03 4.25 -32.66
C PRO H 8 57.72 4.10 -33.42
N SER H 9 57.63 4.68 -34.61
CA SER H 9 56.44 4.54 -35.42
C SER H 9 56.24 3.13 -35.95
N SER H 10 57.29 2.34 -36.03
CA SER H 10 57.21 0.97 -36.54
C SER H 10 58.49 0.24 -36.14
N LEU H 11 58.66 -0.97 -36.66
CA LEU H 11 59.87 -1.73 -36.42
C LEU H 11 59.90 -2.94 -37.35
N ALA H 12 61.10 -3.24 -37.86
CA ALA H 12 61.29 -4.38 -38.74
C ALA H 12 61.23 -5.67 -37.93
N VAL H 13 60.03 -5.97 -37.43
CA VAL H 13 59.81 -7.08 -36.51
C VAL H 13 59.99 -8.41 -37.24
N SER H 14 60.08 -9.49 -36.47
CA SER H 14 59.98 -10.84 -36.98
C SER H 14 59.08 -11.64 -36.05
N LEU H 15 58.35 -12.59 -36.61
CA LEU H 15 57.41 -13.35 -35.79
C LEU H 15 58.14 -14.11 -34.71
N GLY H 16 57.45 -14.30 -33.58
CA GLY H 16 57.95 -15.12 -32.50
C GLY H 16 58.86 -14.43 -31.51
N GLU H 17 59.02 -13.11 -31.60
CA GLU H 17 59.92 -12.37 -30.73
C GLU H 17 59.14 -11.58 -29.68
N ARG H 18 59.71 -11.48 -28.49
CA ARG H 18 59.14 -10.60 -27.47
C ARG H 18 59.49 -9.16 -27.79
N ILE H 19 58.47 -8.30 -27.82
CA ILE H 19 58.64 -6.88 -28.15
C ILE H 19 57.91 -6.05 -27.11
N THR H 20 58.30 -4.78 -27.03
CA THR H 20 57.67 -3.86 -26.09
C THR H 20 57.85 -2.45 -26.62
N LEU H 21 56.75 -1.70 -26.69
CA LEU H 21 56.78 -0.31 -27.12
C LEU H 21 56.33 0.60 -25.98
N SER H 22 56.88 1.80 -25.98
CA SER H 22 56.74 2.73 -24.87
C SER H 22 55.78 3.85 -25.24
N CYS H 23 54.82 4.10 -24.35
CA CYS H 23 53.96 5.27 -24.39
C CYS H 23 54.39 6.19 -23.26
N LYS H 24 54.80 7.41 -23.61
CA LYS H 24 55.24 8.40 -22.63
C LYS H 24 54.25 9.55 -22.62
N SER H 25 53.70 9.84 -21.44
CA SER H 25 52.66 10.85 -21.32
C SER H 25 53.28 12.24 -21.24
N SER H 26 52.41 13.25 -21.18
CA SER H 26 52.86 14.62 -21.00
C SER H 26 51.98 15.41 -20.05
N LEU H 27 50.98 14.80 -19.43
CA LEU H 27 50.09 15.55 -18.56
C LEU H 27 50.81 15.96 -17.28
N THR H 28 51.22 14.98 -16.47
CA THR H 28 52.02 15.22 -15.28
C THR H 28 51.48 16.39 -14.46
N LEU H 29 50.17 16.38 -14.21
CA LEU H 29 49.54 17.48 -13.50
C LEU H 29 48.29 16.98 -12.77
N ILE H 30 47.98 17.65 -11.67
CA ILE H 30 46.77 17.46 -10.87
C ILE H 30 46.47 15.97 -10.66
N TYR H 31 45.32 15.68 -10.06
CA TYR H 31 44.92 14.31 -9.78
C TYR H 31 43.40 14.19 -9.80
N GLY H 35 42.18 8.40 -6.87
CA GLY H 35 42.70 7.54 -7.92
C GLY H 35 43.96 8.10 -8.56
N GLU H 36 44.33 7.54 -9.71
CA GLU H 36 45.51 7.98 -10.43
C GLU H 36 45.29 7.81 -11.91
N ASN H 37 46.01 8.61 -12.70
CA ASN H 37 45.88 8.57 -14.14
C ASN H 37 46.07 7.14 -14.65
N TYR H 38 45.53 6.90 -15.84
CA TYR H 38 45.49 5.56 -16.41
C TYR H 38 45.83 5.65 -17.89
N LEU H 39 45.72 4.50 -18.57
CA LEU H 39 46.09 4.40 -19.97
C LEU H 39 45.17 3.39 -20.64
N ALA H 40 45.11 3.46 -21.97
CA ALA H 40 44.29 2.55 -22.75
C ALA H 40 45.04 2.19 -24.02
N TRP H 41 45.40 0.92 -24.15
CA TRP H 41 46.00 0.41 -25.38
C TRP H 41 44.90 -0.11 -26.28
N TYR H 42 44.72 0.55 -27.42
CA TYR H 42 43.69 0.22 -28.40
C TYR H 42 44.35 -0.38 -29.63
N GLN H 43 43.79 -1.48 -30.11
CA GLN H 43 44.23 -2.09 -31.36
C GLN H 43 43.39 -1.60 -32.52
N GLN H 44 43.97 -1.66 -33.72
CA GLN H 44 43.24 -1.39 -34.94
C GLN H 44 44.01 -1.99 -36.10
N LYS H 45 43.39 -2.91 -36.80
CA LYS H 45 43.87 -3.32 -38.10
C LYS H 45 43.37 -2.31 -39.14
N PRO H 46 44.12 -2.12 -40.23
CA PRO H 46 43.65 -1.18 -41.25
C PRO H 46 42.31 -1.59 -41.84
N GLY H 47 41.40 -0.63 -41.90
CA GLY H 47 40.11 -0.84 -42.54
C GLY H 47 38.99 -1.35 -41.65
N GLN H 48 39.21 -1.45 -40.34
CA GLN H 48 38.19 -1.94 -39.44
C GLN H 48 38.17 -1.09 -38.17
N SER H 49 37.14 -1.29 -37.37
CA SER H 49 37.04 -0.56 -36.13
C SER H 49 38.23 -0.91 -35.24
N PRO H 50 38.84 0.06 -34.57
CA PRO H 50 39.85 -0.28 -33.57
C PRO H 50 39.28 -1.19 -32.50
N LYS H 51 40.15 -1.65 -31.61
CA LYS H 51 39.74 -2.58 -30.57
C LYS H 51 40.45 -2.25 -29.27
N LEU H 52 39.81 -2.62 -28.16
CA LEU H 52 40.40 -2.39 -26.85
C LEU H 52 41.26 -3.58 -26.45
N LEU H 53 42.50 -3.32 -26.08
CA LEU H 53 43.42 -4.34 -25.60
C LEU H 53 43.71 -4.19 -24.11
N ILE H 54 44.20 -3.03 -23.69
CA ILE H 54 44.49 -2.80 -22.28
C ILE H 54 43.69 -1.61 -21.80
N TYR H 55 43.14 -1.75 -20.60
CA TYR H 55 42.49 -0.65 -19.91
C TYR H 55 43.12 -0.49 -18.55
N SER H 56 42.74 0.57 -17.85
CA SER H 56 43.37 0.89 -16.58
C SER H 56 44.87 1.13 -16.81
N THR H 57 45.73 0.29 -16.26
CA THR H 57 47.15 0.37 -16.55
C THR H 57 47.73 -0.96 -16.99
N SER H 58 47.30 -2.07 -16.40
CA SER H 58 47.77 -3.39 -16.80
C SER H 58 46.66 -4.44 -16.82
N THR H 59 45.40 -4.06 -16.65
CA THR H 59 44.29 -5.00 -16.75
C THR H 59 43.93 -5.17 -18.22
N ARG H 60 44.36 -6.26 -18.83
CA ARG H 60 44.10 -6.46 -20.24
C ARG H 60 42.63 -6.83 -20.46
N GLU H 61 42.15 -6.59 -21.67
CA GLU H 61 40.76 -6.81 -21.98
C GLU H 61 40.45 -8.30 -22.03
N SER H 62 39.17 -8.62 -21.83
CA SER H 62 38.72 -10.00 -21.84
C SER H 62 38.93 -10.62 -23.22
N GLY H 63 39.37 -11.87 -23.23
CA GLY H 63 39.55 -12.62 -24.45
C GLY H 63 40.86 -12.38 -25.17
N VAL H 64 41.69 -11.47 -24.70
CA VAL H 64 42.96 -11.17 -25.37
C VAL H 64 44.00 -12.20 -24.95
N PRO H 65 44.77 -12.77 -25.88
CA PRO H 65 45.89 -13.62 -25.48
C PRO H 65 46.81 -12.90 -24.51
N ASP H 66 47.17 -13.56 -23.42
CA ASP H 66 47.89 -12.87 -22.35
C ASP H 66 49.27 -12.39 -22.79
N ARG H 67 49.80 -12.92 -23.88
CA ARG H 67 51.09 -12.42 -24.36
C ARG H 67 51.03 -10.92 -24.57
N PHE H 68 49.91 -10.42 -25.09
CA PHE H 68 49.64 -8.99 -25.00
C PHE H 68 49.54 -8.59 -23.54
N THR H 69 50.22 -7.50 -23.19
CA THR H 69 50.30 -7.08 -21.80
C THR H 69 50.54 -5.58 -21.76
N GLY H 70 50.17 -4.97 -20.65
CA GLY H 70 50.41 -3.57 -20.43
C GLY H 70 51.02 -3.35 -19.06
N SER H 71 51.90 -2.36 -18.99
CA SER H 71 52.55 -2.05 -17.71
C SER H 71 52.97 -0.59 -17.70
N GLY H 72 53.44 -0.14 -16.54
CA GLY H 72 53.98 1.19 -16.39
C GLY H 72 53.27 1.95 -15.28
N SER H 73 53.72 3.18 -15.10
CA SER H 73 53.13 4.05 -14.09
C SER H 73 53.49 5.50 -14.38
N GLY H 74 52.64 6.40 -13.90
CA GLY H 74 52.99 7.80 -13.73
C GLY H 74 53.11 8.53 -15.05
N THR H 75 54.15 8.21 -15.80
CA THR H 75 54.33 8.72 -17.15
C THR H 75 54.85 7.70 -18.14
N ASP H 76 55.53 6.65 -17.68
CA ASP H 76 56.18 5.69 -18.57
C ASP H 76 55.35 4.43 -18.57
N PHE H 77 54.86 4.04 -19.75
CA PHE H 77 54.04 2.84 -19.86
C PHE H 77 54.46 2.08 -21.10
N THR H 78 54.05 0.82 -21.15
CA THR H 78 54.54 -0.06 -22.21
C THR H 78 53.47 -1.06 -22.59
N LEU H 79 53.21 -1.11 -23.89
CA LEU H 79 52.61 -2.28 -24.49
C LEU H 79 53.68 -3.34 -24.67
N THR H 80 53.32 -4.60 -24.43
CA THR H 80 54.29 -5.68 -24.45
C THR H 80 53.67 -6.92 -25.06
N ILE H 81 54.49 -7.70 -25.77
CA ILE H 81 54.09 -8.97 -26.33
C ILE H 81 55.21 -9.97 -26.10
N SER H 82 54.87 -11.15 -25.61
CA SER H 82 55.88 -12.19 -25.40
C SER H 82 56.35 -12.77 -26.74
N SER H 83 55.42 -13.02 -27.65
CA SER H 83 55.75 -13.67 -28.91
C SER H 83 54.73 -13.23 -29.96
N VAL H 84 55.16 -12.40 -30.90
CA VAL H 84 54.25 -11.81 -31.87
C VAL H 84 53.86 -12.86 -32.90
N LYS H 85 52.56 -13.01 -33.11
CA LYS H 85 52.02 -13.96 -34.08
C LYS H 85 51.58 -13.23 -35.33
N ALA H 86 51.22 -14.01 -36.36
CA ALA H 86 50.93 -13.44 -37.67
C ALA H 86 49.79 -12.44 -37.59
N GLU H 87 48.65 -12.85 -37.03
CA GLU H 87 47.50 -11.97 -36.96
C GLU H 87 47.81 -10.71 -36.16
N ASP H 88 48.81 -10.78 -35.28
CA ASP H 88 49.07 -9.65 -34.39
C ASP H 88 49.62 -8.43 -35.12
N LEU H 89 50.17 -8.59 -36.32
CA LEU H 89 50.69 -7.46 -37.07
C LEU H 89 49.54 -6.52 -37.42
N ALA H 90 49.49 -5.38 -36.74
CA ALA H 90 48.45 -4.39 -36.92
C ALA H 90 48.95 -3.07 -36.36
N VAL H 91 48.06 -2.11 -36.17
CA VAL H 91 48.43 -0.83 -35.58
C VAL H 91 47.84 -0.75 -34.19
N TYR H 92 48.48 0.03 -33.33
CA TYR H 92 48.05 0.18 -31.95
C TYR H 92 48.32 1.59 -31.48
N TYR H 93 47.53 2.04 -30.51
CA TYR H 93 47.65 3.38 -29.96
C TYR H 93 47.46 3.33 -28.46
N CYS H 94 47.98 4.35 -27.77
CA CYS H 94 47.69 4.56 -26.37
C CYS H 94 46.86 5.83 -26.22
N GLN H 95 45.98 5.80 -25.23
CA GLN H 95 45.03 6.89 -25.00
C GLN H 95 44.79 7.01 -23.51
N GLN H 96 45.19 8.14 -22.93
CA GLN H 96 44.86 8.46 -21.55
C GLN H 96 43.61 9.30 -21.44
N TYR H 97 43.42 10.20 -22.40
CA TYR H 97 42.30 11.10 -22.46
C TYR H 97 42.05 11.39 -23.92
N GLU H 98 41.32 12.47 -24.20
CA GLU H 98 40.96 12.81 -25.57
C GLU H 98 42.14 12.64 -26.51
N TYR H 99 43.34 12.96 -26.04
CA TYR H 99 44.49 12.90 -26.92
C TYR H 99 44.88 11.45 -27.20
N PHE H 100 45.58 11.25 -28.31
CA PHE H 100 46.02 9.93 -28.73
C PHE H 100 47.46 9.99 -29.17
N GLY H 101 48.14 8.86 -29.07
CA GLY H 101 49.55 8.80 -29.42
C GLY H 101 49.79 8.74 -30.91
N GLY H 102 51.06 8.66 -31.27
CA GLY H 102 51.45 8.53 -32.66
C GLY H 102 51.22 7.16 -33.25
N GLY H 103 50.89 6.17 -32.42
CA GLY H 103 50.61 4.84 -32.91
C GLY H 103 51.88 4.10 -33.31
N THR H 104 51.66 2.91 -33.86
CA THR H 104 52.77 2.11 -34.34
C THR H 104 52.23 0.91 -35.09
N LYS H 105 52.90 0.56 -36.20
CA LYS H 105 52.56 -0.60 -37.01
C LYS H 105 53.81 -1.44 -37.23
N LEU H 106 53.61 -2.75 -37.35
CA LEU H 106 54.70 -3.71 -37.41
C LEU H 106 54.58 -4.56 -38.68
N GLU H 107 55.71 -4.84 -39.30
CA GLU H 107 55.74 -5.55 -40.57
C GLU H 107 57.15 -6.13 -40.78
N ILE H 108 57.40 -6.63 -41.99
CA ILE H 108 58.65 -7.31 -42.34
C ILE H 108 59.22 -6.65 -43.59
N LYS H 109 60.46 -7.03 -43.92
CA LYS H 109 61.14 -6.49 -45.09
C LYS H 109 60.32 -6.65 -46.37
N ASN I 3 47.80 -16.48 32.67
CA ASN I 3 47.62 -16.34 31.20
C ASN I 3 46.59 -15.27 30.88
N LEU I 4 46.19 -15.20 29.62
CA LEU I 4 45.11 -14.33 29.17
C LEU I 4 43.87 -15.14 28.90
N TRP I 5 42.77 -14.44 28.68
CA TRP I 5 41.48 -15.10 28.50
C TRP I 5 40.62 -14.29 27.54
N VAL I 6 39.95 -14.99 26.64
CA VAL I 6 38.96 -14.35 25.79
C VAL I 6 37.97 -13.62 26.68
N THR I 7 37.64 -12.39 26.31
CA THR I 7 36.69 -11.62 27.08
C THR I 7 35.90 -10.74 26.14
N VAL I 8 34.61 -10.59 26.43
CA VAL I 8 33.68 -9.86 25.57
C VAL I 8 33.35 -8.55 26.23
N TYR I 9 33.16 -7.52 25.41
CA TYR I 9 32.66 -6.23 25.86
C TYR I 9 31.53 -5.82 24.94
N TYR I 10 30.43 -5.39 25.52
CA TYR I 10 29.24 -5.06 24.75
C TYR I 10 29.02 -3.56 24.77
N GLY I 11 28.97 -2.96 23.58
CA GLY I 11 28.83 -1.53 23.44
C GLY I 11 30.06 -0.79 22.96
N VAL I 12 31.08 -1.51 22.51
CA VAL I 12 32.30 -0.80 22.12
C VAL I 12 31.98 0.18 21.00
N PRO I 13 32.57 1.37 20.99
CA PRO I 13 32.30 2.34 19.92
C PRO I 13 33.09 2.07 18.64
N VAL I 14 32.55 1.19 17.80
CA VAL I 14 33.07 0.98 16.46
C VAL I 14 31.91 1.00 15.48
N TRP I 15 32.23 1.26 14.22
CA TRP I 15 31.24 1.46 13.19
C TRP I 15 31.75 0.89 11.87
N LYS I 16 30.83 0.83 10.91
CA LYS I 16 31.19 0.47 9.54
C LYS I 16 30.19 1.10 8.61
N GLU I 17 30.69 1.75 7.56
CA GLU I 17 29.82 2.31 6.54
C GLU I 17 28.99 1.19 5.89
N ALA I 18 27.80 1.56 5.44
CA ALA I 18 26.92 0.61 4.77
C ALA I 18 25.67 1.34 4.32
N LYS I 19 24.97 0.75 3.36
CA LYS I 19 23.72 1.33 2.89
C LYS I 19 22.68 1.29 3.99
N THR I 20 21.76 2.25 3.94
CA THR I 20 20.65 2.31 4.88
C THR I 20 19.54 3.12 4.23
N THR I 21 18.56 3.52 5.03
CA THR I 21 17.46 4.34 4.52
C THR I 21 17.08 5.35 5.61
N LEU I 22 17.59 6.57 5.47
CA LEU I 22 17.21 7.63 6.38
C LEU I 22 15.74 7.96 6.22
N PHE I 23 15.25 8.92 7.00
CA PHE I 23 13.86 9.30 6.91
C PHE I 23 13.71 10.80 7.08
N CYS I 24 12.61 11.32 6.55
CA CYS I 24 12.36 12.75 6.55
C CYS I 24 12.14 13.26 7.96
N ALA I 25 12.31 14.56 8.12
CA ALA I 25 12.01 15.27 9.37
C ALA I 25 11.74 16.72 9.02
N SER I 26 10.54 17.19 9.35
CA SER I 26 10.11 18.56 9.08
C SER I 26 9.77 19.26 10.40
N ASP I 27 9.37 20.52 10.28
CA ASP I 27 9.03 21.32 11.44
C ASP I 27 8.02 20.60 12.33
N VAL I 35 -0.41 25.72 5.68
CA VAL I 35 -0.57 24.40 6.27
C VAL I 35 -1.10 23.40 5.26
N HIS I 36 -0.64 23.52 4.01
CA HIS I 36 -1.07 22.64 2.94
C HIS I 36 0.07 22.16 2.06
N ASN I 37 1.31 22.53 2.34
CA ASN I 37 2.41 22.15 1.47
C ASN I 37 2.49 20.62 1.36
N VAL I 38 3.30 20.16 0.42
CA VAL I 38 3.33 18.74 0.07
C VAL I 38 4.08 17.93 1.13
N TRP I 39 5.36 18.22 1.32
CA TRP I 39 6.22 17.31 2.08
C TRP I 39 5.81 17.26 3.54
N ALA I 40 5.66 18.41 4.18
CA ALA I 40 5.30 18.42 5.59
C ALA I 40 3.94 17.75 5.81
N THR I 41 2.97 18.09 4.98
CA THR I 41 1.65 17.48 5.10
C THR I 41 1.74 15.99 4.77
N HIS I 42 1.10 15.17 5.62
CA HIS I 42 0.99 13.74 5.35
C HIS I 42 2.35 13.07 5.23
N ALA I 43 3.35 13.59 5.93
CA ALA I 43 4.69 13.00 5.88
C ALA I 43 5.60 13.76 6.82
N CYS I 44 6.73 13.12 7.16
CA CYS I 44 7.81 13.75 7.92
C CYS I 44 7.40 13.95 9.38
N VAL I 45 8.32 13.64 10.29
CA VAL I 45 8.08 13.78 11.72
C VAL I 45 8.64 15.13 12.17
N PRO I 46 8.22 15.66 13.31
CA PRO I 46 8.78 16.93 13.78
C PRO I 46 10.29 16.83 13.97
N THR I 47 10.98 17.89 13.57
CA THR I 47 12.44 17.92 13.66
C THR I 47 12.88 18.04 15.11
N ASP I 48 14.06 17.53 15.39
CA ASP I 48 14.69 17.75 16.67
C ASP I 48 15.02 19.23 16.81
N PRO I 49 14.59 19.90 17.89
CA PRO I 49 14.88 21.34 17.99
C PRO I 49 16.37 21.66 17.92
N ASN I 50 17.22 20.82 18.49
CA ASN I 50 18.65 21.10 18.53
C ASN I 50 19.44 19.89 18.08
N PRO I 51 20.61 20.10 17.48
CA PRO I 51 21.47 18.97 17.14
C PRO I 51 22.27 18.53 18.35
N GLN I 52 22.19 17.24 18.68
CA GLN I 52 22.96 16.72 19.80
C GLN I 52 24.38 16.46 19.35
N GLU I 53 25.00 17.46 18.72
CA GLU I 53 26.29 17.24 18.09
C GLU I 53 27.34 16.91 19.13
N VAL I 54 28.30 16.09 18.74
CA VAL I 54 29.36 15.63 19.61
C VAL I 54 30.67 15.66 18.83
N VAL I 55 31.73 16.14 19.47
CA VAL I 55 33.04 16.23 18.85
C VAL I 55 33.86 15.03 19.25
N LEU I 56 34.58 14.46 18.27
CA LEU I 56 35.33 13.23 18.45
C LEU I 56 36.78 13.49 18.05
N GLU I 57 37.58 13.99 19.00
CA GLU I 57 38.98 14.16 18.71
C GLU I 57 39.68 12.81 18.71
N ASN I 58 40.97 12.83 18.39
CA ASN I 58 41.76 11.61 18.29
C ASN I 58 41.13 10.63 17.31
N VAL I 59 40.27 11.13 16.43
CA VAL I 59 39.51 10.32 15.50
C VAL I 59 39.77 10.86 14.10
N THR I 60 40.40 10.05 13.26
CA THR I 60 40.60 10.38 11.85
C THR I 60 39.70 9.47 11.02
N GLU I 61 39.32 9.96 9.85
CA GLU I 61 38.36 9.25 9.02
C GLU I 61 38.59 9.64 7.57
N ASN I 62 37.68 9.21 6.69
CA ASN I 62 37.74 9.60 5.29
C ASN I 62 36.32 9.64 4.74
N PHE I 63 36.17 10.34 3.62
CA PHE I 63 34.87 10.48 2.99
C PHE I 63 35.03 10.40 1.48
N ASN I 64 33.94 10.02 0.82
CA ASN I 64 33.85 10.04 -0.64
C ASN I 64 32.47 10.63 -0.97
N MET I 65 32.43 11.95 -1.13
CA MET I 65 31.16 12.60 -1.40
C MET I 65 30.57 12.12 -2.72
N TRP I 66 31.40 11.93 -3.74
CA TRP I 66 30.88 11.52 -5.04
C TRP I 66 30.14 10.20 -4.94
N LYS I 67 30.84 9.14 -4.58
CA LYS I 67 30.21 7.83 -4.40
C LYS I 67 29.54 7.83 -3.04
N ASN I 68 28.29 8.27 -3.02
CA ASN I 68 27.51 8.41 -1.80
C ASN I 68 26.11 7.87 -2.01
N ASP I 69 25.48 7.46 -0.92
CA ASP I 69 24.14 6.89 -0.97
C ASP I 69 23.04 7.86 -0.60
N MET I 70 23.31 8.83 0.27
CA MET I 70 22.26 9.74 0.70
C MET I 70 21.69 10.52 -0.47
N VAL I 71 22.56 11.08 -1.30
CA VAL I 71 22.10 11.88 -2.43
C VAL I 71 21.15 11.06 -3.29
N ASP I 72 21.66 9.97 -3.84
CA ASP I 72 20.80 9.08 -4.62
C ASP I 72 19.57 8.68 -3.84
N GLN I 73 19.72 8.32 -2.56
CA GLN I 73 18.56 7.87 -1.79
C GLN I 73 17.44 8.91 -1.86
N MET I 74 17.76 10.16 -1.58
CA MET I 74 16.74 11.19 -1.56
C MET I 74 16.29 11.60 -2.94
N GLN I 75 17.07 11.26 -3.97
CA GLN I 75 16.66 11.58 -5.33
C GLN I 75 15.27 11.01 -5.62
N GLU I 76 15.16 9.69 -5.63
CA GLU I 76 13.88 9.08 -5.92
C GLU I 76 12.83 9.45 -4.88
N ASP I 77 13.25 9.80 -3.67
CA ASP I 77 12.29 10.24 -2.67
C ASP I 77 11.61 11.54 -3.11
N VAL I 78 12.41 12.51 -3.55
CA VAL I 78 11.83 13.73 -4.08
C VAL I 78 10.95 13.43 -5.27
N ILE I 79 11.42 12.57 -6.17
CA ILE I 79 10.63 12.24 -7.34
C ILE I 79 9.28 11.68 -6.92
N SER I 80 9.28 10.76 -5.97
CA SER I 80 8.06 10.06 -5.59
C SER I 80 7.09 11.01 -4.89
N ILE I 81 7.60 11.84 -3.98
CA ILE I 81 6.70 12.79 -3.32
C ILE I 81 6.09 13.72 -4.35
N TRP I 82 6.90 14.19 -5.29
CA TRP I 82 6.39 15.04 -6.36
C TRP I 82 5.27 14.35 -7.12
N ASP I 83 5.52 13.14 -7.59
CA ASP I 83 4.53 12.45 -8.40
C ASP I 83 3.26 12.19 -7.61
N GLN I 84 3.40 11.71 -6.39
CA GLN I 84 2.22 11.41 -5.58
C GLN I 84 1.40 12.66 -5.36
N SER I 85 2.06 13.77 -5.01
CA SER I 85 1.34 15.02 -4.83
C SER I 85 0.58 15.37 -6.10
N LEU I 86 1.18 15.11 -7.26
CA LEU I 86 0.49 15.39 -8.51
C LEU I 86 -0.57 14.37 -8.87
N LYS I 87 -0.62 13.23 -8.16
CA LYS I 87 -1.51 12.16 -8.55
C LYS I 87 -2.97 12.58 -8.61
N PRO I 88 -3.54 13.21 -7.58
CA PRO I 88 -5.00 13.42 -7.56
C PRO I 88 -5.48 14.54 -8.47
N CYS I 89 -4.59 15.35 -9.01
CA CYS I 89 -5.04 16.50 -9.78
C CYS I 89 -5.65 16.04 -11.11
N VAL I 90 -6.30 16.98 -11.78
CA VAL I 90 -7.10 16.69 -12.95
C VAL I 90 -6.20 16.48 -14.15
N LYS I 91 -6.49 15.44 -14.93
CA LYS I 91 -5.80 15.23 -16.19
C LYS I 91 -6.40 16.10 -17.27
N LEU I 92 -5.53 16.72 -18.09
CA LEU I 92 -5.94 17.64 -19.13
C LEU I 92 -6.11 16.96 -20.49
N THR I 93 -6.44 15.68 -20.50
CA THR I 93 -6.45 14.88 -21.72
C THR I 93 -7.28 15.50 -22.84
N PRO I 94 -8.54 15.87 -22.60
CA PRO I 94 -9.40 16.25 -23.74
C PRO I 94 -8.91 17.46 -24.50
N LEU I 95 -8.00 18.24 -23.93
CA LEU I 95 -7.58 19.49 -24.57
C LEU I 95 -6.79 19.25 -25.86
N CYS I 96 -6.37 18.03 -26.13
CA CYS I 96 -5.58 17.77 -27.33
C CYS I 96 -6.47 17.87 -28.56
N VAL I 97 -6.93 19.08 -28.85
CA VAL I 97 -7.85 19.32 -29.96
C VAL I 97 -7.30 20.45 -30.80
N THR I 98 -7.75 20.48 -32.06
CA THR I 98 -7.31 21.50 -33.00
C THR I 98 -7.31 22.87 -32.33
N LEU I 99 -6.35 23.70 -32.71
CA LEU I 99 -6.13 25.01 -32.09
C LEU I 99 -6.07 26.05 -33.20
N HIS I 100 -7.18 26.74 -33.44
CA HIS I 100 -7.20 27.80 -34.45
C HIS I 100 -6.67 29.07 -33.80
N CYS I 101 -5.50 29.52 -34.23
CA CYS I 101 -4.75 30.53 -33.49
C CYS I 101 -4.50 31.76 -34.34
N THR I 102 -4.23 32.87 -33.63
CA THR I 102 -3.91 34.15 -34.24
C THR I 102 -2.89 34.85 -33.34
N ASN I 103 -2.56 36.08 -33.72
CA ASN I 103 -1.57 36.86 -32.98
C ASN I 103 -2.21 37.54 -31.79
N VAL I 104 -1.47 37.60 -30.69
CA VAL I 104 -1.98 38.11 -29.42
C VAL I 104 -2.15 39.62 -29.48
N THR I 105 -2.78 40.18 -28.45
CA THR I 105 -2.86 41.62 -28.25
C THR I 105 -4.00 42.24 -29.02
N ILE I 106 -4.46 43.39 -28.56
CA ILE I 106 -5.49 44.15 -29.25
C ILE I 106 -5.04 45.60 -29.39
N SER I 107 -3.98 45.98 -28.68
CA SER I 107 -3.47 47.34 -28.73
C SER I 107 -2.00 47.37 -28.35
N MET I 118 4.64 41.67 -34.08
CA MET I 118 3.56 40.69 -33.97
C MET I 118 3.71 39.90 -32.67
N ARG I 119 4.80 40.12 -31.95
CA ARG I 119 5.01 39.57 -30.61
C ARG I 119 4.78 38.07 -30.60
N GLU I 120 5.66 37.36 -31.32
CA GLU I 120 5.55 35.90 -31.43
C GLU I 120 5.95 35.20 -30.14
N GLU I 121 6.17 35.96 -29.07
CA GLU I 121 6.42 35.34 -27.77
C GLU I 121 5.21 34.57 -27.27
N MET I 122 4.01 35.04 -27.61
CA MET I 122 2.78 34.37 -27.23
C MET I 122 1.78 34.46 -28.37
N LYS I 123 0.97 33.42 -28.52
CA LYS I 123 -0.07 33.37 -29.53
C LYS I 123 -1.42 33.19 -28.87
N ASN I 124 -2.43 33.86 -29.41
CA ASN I 124 -3.79 33.67 -28.97
C ASN I 124 -4.42 32.52 -29.75
N CYS I 125 -5.40 31.85 -29.15
CA CYS I 125 -5.99 30.69 -29.80
C CYS I 125 -7.44 30.55 -29.38
N SER I 126 -8.18 29.80 -30.19
CA SER I 126 -9.56 29.45 -29.90
C SER I 126 -9.82 28.07 -30.47
N PHE I 127 -10.87 27.43 -29.96
CA PHE I 127 -11.05 26.01 -30.27
C PHE I 127 -12.40 25.54 -29.73
N ASN I 128 -12.96 24.55 -30.42
CA ASN I 128 -14.10 23.83 -29.88
C ASN I 128 -13.67 23.01 -28.66
N THR I 129 -14.65 22.66 -27.84
CA THR I 129 -14.36 21.83 -26.68
C THR I 129 -15.67 21.39 -26.04
N THR I 130 -15.54 20.58 -25.00
CA THR I 130 -16.67 19.92 -24.37
C THR I 130 -17.14 20.66 -23.13
N THR I 131 -18.45 20.81 -23.02
CA THR I 131 -19.08 21.42 -21.85
C THR I 131 -19.24 20.36 -20.77
N VAL I 132 -20.07 20.65 -19.77
CA VAL I 132 -20.46 19.63 -18.81
C VAL I 132 -21.22 18.51 -19.51
N ILE I 133 -22.08 18.87 -20.46
CA ILE I 133 -22.87 17.88 -21.17
C ILE I 133 -22.08 17.33 -22.35
N ARG I 134 -22.19 16.02 -22.57
CA ARG I 134 -21.41 15.38 -23.63
C ARG I 134 -21.74 16.00 -24.98
N ASP I 135 -23.02 16.15 -25.29
CA ASP I 135 -23.41 16.56 -26.63
C ASP I 135 -23.47 18.08 -26.79
N LYS I 136 -23.13 18.84 -25.76
CA LYS I 136 -23.03 20.29 -25.86
C LYS I 136 -21.56 20.66 -26.02
N ILE I 137 -21.24 21.33 -27.13
CA ILE I 137 -19.87 21.73 -27.45
C ILE I 137 -19.85 23.24 -27.55
N GLN I 138 -18.80 23.85 -27.03
CA GLN I 138 -18.68 25.30 -27.04
C GLN I 138 -17.30 25.70 -27.52
N LYS I 139 -17.23 26.87 -28.15
CA LYS I 139 -15.95 27.47 -28.50
C LYS I 139 -15.36 28.16 -27.28
N GLU I 140 -14.04 28.29 -27.29
CA GLU I 140 -13.35 28.86 -26.13
C GLU I 140 -11.95 29.29 -26.55
N TYR I 141 -11.51 30.43 -26.03
CA TYR I 141 -10.22 31.00 -26.37
C TYR I 141 -9.27 30.94 -25.17
N ALA I 142 -7.99 31.10 -25.47
CA ALA I 142 -6.94 31.11 -24.47
C ALA I 142 -5.64 31.58 -25.11
N LEU I 143 -4.81 32.23 -24.32
CA LEU I 143 -3.51 32.70 -24.76
C LEU I 143 -2.43 31.75 -24.26
N PHE I 144 -1.41 31.52 -25.10
CA PHE I 144 -0.34 30.61 -24.74
C PHE I 144 0.99 31.23 -25.09
N TYR I 145 2.03 30.78 -24.41
CA TYR I 145 3.38 31.08 -24.85
C TYR I 145 3.71 30.21 -26.05
N LYS I 146 4.44 30.77 -27.01
CA LYS I 146 4.66 30.06 -28.26
C LYS I 146 5.33 28.72 -28.04
N LEU I 147 5.97 28.52 -26.88
CA LEU I 147 6.71 27.29 -26.65
C LEU I 147 5.83 26.06 -26.76
N ASP I 148 4.84 25.92 -25.88
CA ASP I 148 4.08 24.68 -25.82
C ASP I 148 3.24 24.45 -27.07
N ILE I 149 2.94 25.48 -27.84
CA ILE I 149 2.16 25.32 -29.05
C ILE I 149 3.06 24.84 -30.19
N VAL I 150 2.48 24.08 -31.10
CA VAL I 150 3.20 23.60 -32.27
C VAL I 150 2.27 23.59 -33.46
N PRO I 151 2.80 23.75 -34.67
CA PRO I 151 1.97 23.57 -35.86
C PRO I 151 1.32 22.19 -35.84
N ILE I 152 0.06 22.14 -36.26
CA ILE I 152 -0.66 20.87 -36.31
C ILE I 152 0.11 19.87 -37.14
N GLU I 153 0.59 20.30 -38.30
CA GLU I 153 1.43 19.48 -39.16
C GLU I 153 2.20 20.42 -40.08
N GLY I 154 3.01 19.84 -40.95
CA GLY I 154 3.58 20.59 -42.04
C GLY I 154 2.58 20.69 -43.17
N LYS I 155 1.41 21.24 -42.87
CA LYS I 155 0.27 21.25 -43.77
C LYS I 155 -0.32 22.65 -43.78
N ASN I 156 -1.33 22.84 -44.64
CA ASN I 156 -2.02 24.12 -44.73
C ASN I 156 -2.79 24.40 -43.45
N THR I 157 -3.55 25.49 -43.43
CA THR I 157 -4.21 25.96 -42.21
C THR I 157 -3.17 26.36 -41.16
N ASN I 158 -2.39 27.38 -41.51
CA ASN I 158 -1.36 27.87 -40.61
C ASN I 158 -1.95 28.25 -39.26
N THR I 159 -3.22 28.64 -39.23
CA THR I 159 -3.89 28.84 -37.95
C THR I 159 -3.94 27.57 -37.11
N GLY I 160 -3.81 26.41 -37.75
CA GLY I 160 -3.88 25.14 -37.05
C GLY I 160 -2.68 24.87 -36.18
N TYR I 161 -2.93 24.43 -34.94
CA TYR I 161 -1.86 24.10 -34.03
C TYR I 161 -2.37 23.07 -33.03
N ARG I 162 -1.42 22.48 -32.31
CA ARG I 162 -1.70 21.49 -31.28
C ARG I 162 -0.71 21.67 -30.14
N LEU I 163 -1.10 21.21 -28.97
CA LEU I 163 -0.17 21.22 -27.84
C LEU I 163 1.00 20.30 -28.14
N ILE I 164 2.16 20.66 -27.60
CA ILE I 164 3.39 19.93 -27.91
C ILE I 164 3.28 18.47 -27.50
N ASN I 165 2.81 18.23 -26.28
CA ASN I 165 2.90 16.89 -25.71
C ASN I 165 2.01 15.89 -26.43
N CYS I 166 0.91 16.35 -27.02
CA CYS I 166 -0.14 15.42 -27.46
C CYS I 166 0.42 14.33 -28.36
N ASN I 167 1.24 14.69 -29.34
CA ASN I 167 1.83 13.67 -30.19
C ASN I 167 2.84 12.82 -29.43
N THR I 168 3.18 13.20 -28.20
CA THR I 168 4.11 12.44 -27.37
C THR I 168 3.41 11.78 -26.20
N SER I 169 2.65 12.52 -25.41
CA SER I 169 1.96 11.96 -24.26
C SER I 169 1.07 13.05 -23.67
N THR I 170 0.31 12.66 -22.65
CA THR I 170 -0.56 13.59 -21.95
C THR I 170 0.20 14.27 -20.82
N CYS I 171 -0.47 15.22 -20.17
CA CYS I 171 0.09 15.93 -19.04
C CYS I 171 -1.02 16.15 -18.02
N THR I 172 -0.71 16.89 -16.95
CA THR I 172 -1.65 17.08 -15.86
C THR I 172 -1.60 18.52 -15.38
N GLN I 173 -2.76 19.06 -15.04
CA GLN I 173 -2.84 20.37 -14.41
C GLN I 173 -2.68 20.19 -12.91
N ALA I 174 -1.60 20.73 -12.36
CA ALA I 174 -1.34 20.58 -10.94
C ALA I 174 -2.49 21.15 -10.13
N CYS I 175 -2.77 20.52 -9.00
CA CYS I 175 -3.81 21.01 -8.11
C CYS I 175 -3.46 22.45 -7.71
N PRO I 176 -4.35 23.42 -7.92
CA PRO I 176 -3.94 24.81 -7.71
C PRO I 176 -3.42 25.07 -6.31
N LYS I 177 -3.97 24.41 -5.30
CA LYS I 177 -3.64 24.77 -3.92
C LYS I 177 -2.19 24.45 -3.61
N VAL I 178 -1.68 23.32 -4.09
CA VAL I 178 -0.32 22.91 -3.72
C VAL I 178 0.69 23.95 -4.20
N THR I 179 1.81 24.02 -3.50
CA THR I 179 2.89 24.94 -3.83
C THR I 179 4.22 24.21 -3.73
N PHE I 180 5.26 24.85 -4.25
CA PHE I 180 6.58 24.23 -4.40
C PHE I 180 7.65 24.90 -3.55
N ASP I 181 7.27 25.77 -2.63
CA ASP I 181 8.25 26.43 -1.79
C ASP I 181 9.11 25.39 -1.09
N PRO I 182 10.37 25.22 -1.48
CA PRO I 182 11.19 24.16 -0.87
C PRO I 182 11.38 24.32 0.63
N ILE I 183 10.83 23.39 1.39
CA ILE I 183 10.95 23.40 2.85
C ILE I 183 12.36 22.94 3.20
N PRO I 184 12.99 23.50 4.24
CA PRO I 184 14.33 23.03 4.62
C PRO I 184 14.28 21.66 5.29
N ILE I 185 14.16 20.61 4.47
CA ILE I 185 13.96 19.28 5.03
C ILE I 185 15.19 18.83 5.80
N HIS I 186 14.94 18.03 6.84
CA HIS I 186 16.00 17.37 7.57
C HIS I 186 15.92 15.87 7.34
N TYR I 187 17.06 15.21 7.47
CA TYR I 187 17.12 13.75 7.38
C TYR I 187 17.66 13.20 8.68
N CYS I 188 17.01 12.14 9.16
CA CYS I 188 17.40 11.50 10.41
C CYS I 188 17.65 10.02 10.14
N ALA I 189 18.67 9.48 10.79
CA ALA I 189 19.04 8.09 10.62
C ALA I 189 18.34 7.21 11.64
N PRO I 190 18.20 5.93 11.36
CA PRO I 190 17.59 5.01 12.31
C PRO I 190 18.58 4.55 13.37
N ALA I 191 18.02 4.07 14.48
CA ALA I 191 18.85 3.63 15.60
C ALA I 191 19.87 2.61 15.13
N GLY I 192 21.00 2.57 15.84
CA GLY I 192 22.11 1.74 15.42
C GLY I 192 22.91 2.33 14.28
N TYR I 193 22.64 3.57 13.90
CA TYR I 193 23.37 4.23 12.83
C TYR I 193 23.68 5.66 13.24
N ALA I 194 24.77 6.18 12.70
CA ALA I 194 25.26 7.50 13.07
C ALA I 194 25.61 8.28 11.82
N ILE I 195 25.42 9.60 11.93
CA ILE I 195 25.66 10.55 10.86
C ILE I 195 26.84 11.41 11.26
N LEU I 196 27.84 11.48 10.39
CA LEU I 196 29.11 12.13 10.69
C LEU I 196 29.31 13.34 9.80
N LYS I 197 29.90 14.39 10.35
CA LYS I 197 30.23 15.60 9.63
C LYS I 197 31.72 15.86 9.72
N CYS I 198 32.36 16.10 8.58
CA CYS I 198 33.75 16.54 8.57
C CYS I 198 33.78 18.04 8.84
N ASN I 199 34.32 18.41 10.00
CA ASN I 199 34.30 19.81 10.40
C ASN I 199 35.18 20.68 9.53
N ASN I 200 36.31 20.14 9.07
CA ASN I 200 37.22 20.88 8.20
C ASN I 200 36.44 21.57 7.10
N LYS I 201 36.63 22.88 6.98
CA LYS I 201 35.87 23.66 6.02
C LYS I 201 36.55 23.76 4.66
N THR I 202 37.65 23.06 4.45
CA THR I 202 38.35 23.04 3.18
C THR I 202 38.55 21.62 2.69
N PHE I 203 37.54 20.78 2.88
CA PHE I 203 37.61 19.39 2.44
C PHE I 203 37.24 19.30 0.98
N ASN I 204 38.10 18.64 0.18
CA ASN I 204 37.86 18.55 -1.25
C ASN I 204 36.58 17.79 -1.57
N GLY I 205 36.07 17.00 -0.62
CA GLY I 205 34.90 16.18 -0.85
C GLY I 205 35.22 14.71 -1.05
N LYS I 206 36.47 14.37 -1.36
CA LYS I 206 36.91 12.99 -1.43
C LYS I 206 38.30 12.92 -0.83
N GLY I 207 38.40 12.37 0.38
CA GLY I 207 39.69 12.24 1.03
C GLY I 207 39.58 12.13 2.53
N PRO I 208 40.73 12.12 3.21
CA PRO I 208 40.73 12.02 4.66
C PRO I 208 40.22 13.29 5.33
N CYS I 209 39.76 13.11 6.57
CA CYS I 209 39.32 14.20 7.42
C CYS I 209 39.80 13.93 8.84
N ASN I 210 40.05 15.00 9.58
CA ASN I 210 40.61 14.90 10.93
C ASN I 210 39.74 15.50 12.02
N ASN I 211 39.02 16.59 11.76
CA ASN I 211 38.10 17.16 12.73
C ASN I 211 36.70 16.71 12.35
N VAL I 212 36.15 15.77 13.12
CA VAL I 212 34.90 15.11 12.81
C VAL I 212 33.95 15.25 13.99
N SER I 213 32.68 15.48 13.70
CA SER I 213 31.63 15.49 14.70
C SER I 213 30.52 14.53 14.26
N THR I 214 29.56 14.32 15.14
CA THR I 214 28.48 13.38 14.88
C THR I 214 27.17 13.97 15.35
N VAL I 215 26.14 13.85 14.51
CA VAL I 215 24.81 14.37 14.83
C VAL I 215 23.79 13.29 14.49
N GLN I 216 22.55 13.54 14.90
CA GLN I 216 21.47 12.58 14.68
C GLN I 216 20.62 12.92 13.48
N CYS I 217 20.46 14.20 13.14
CA CYS I 217 19.64 14.61 12.02
C CYS I 217 20.37 15.64 11.18
N THR I 218 20.13 15.60 9.88
CA THR I 218 20.75 16.53 8.96
C THR I 218 20.12 17.91 9.10
N HIS I 219 20.93 18.94 8.87
CA HIS I 219 20.42 20.30 8.93
C HIS I 219 19.39 20.51 7.83
N GLY I 220 18.43 21.39 8.07
CA GLY I 220 17.38 21.64 7.10
C GLY I 220 17.92 21.98 5.73
N ILE I 221 17.73 21.09 4.76
CA ILE I 221 18.16 21.31 3.39
C ILE I 221 16.92 21.50 2.54
N LYS I 222 16.92 22.55 1.72
CA LYS I 222 15.74 22.78 0.90
C LYS I 222 15.84 21.96 -0.39
N PRO I 223 14.78 21.25 -0.77
CA PRO I 223 14.81 20.51 -2.04
C PRO I 223 14.61 21.45 -3.23
N VAL I 224 15.69 22.10 -3.62
CA VAL I 224 15.64 23.12 -4.67
C VAL I 224 16.13 22.52 -5.98
N VAL I 225 15.64 23.08 -7.08
CA VAL I 225 16.00 22.63 -8.42
C VAL I 225 16.47 23.83 -9.22
N SER I 226 17.57 23.66 -9.95
CA SER I 226 18.08 24.73 -10.80
C SER I 226 19.14 24.15 -11.72
N THR I 227 19.45 24.92 -12.76
CA THR I 227 20.48 24.58 -13.73
C THR I 227 21.43 25.77 -13.86
N GLN I 228 22.73 25.50 -13.79
CA GLN I 228 23.79 26.48 -13.89
C GLN I 228 23.86 27.38 -12.67
N LEU I 229 22.95 27.23 -11.70
CA LEU I 229 22.93 28.08 -10.53
C LEU I 229 22.51 27.26 -9.32
N LEU I 230 22.94 27.72 -8.14
CA LEU I 230 22.60 27.11 -6.87
C LEU I 230 21.89 28.19 -6.05
N LEU I 231 20.59 28.33 -6.24
CA LEU I 231 19.85 29.38 -5.57
C LEU I 231 19.74 29.08 -4.08
N ASN I 232 20.04 30.07 -3.26
CA ASN I 232 20.06 29.89 -1.81
C ASN I 232 21.05 28.76 -1.53
N GLY I 233 20.77 27.89 -0.58
CA GLY I 233 21.73 26.85 -0.20
C GLY I 233 22.61 27.31 0.97
N SER I 234 23.89 27.54 0.70
CA SER I 234 24.78 28.05 1.72
C SER I 234 26.13 28.36 1.11
N LEU I 235 26.87 29.27 1.76
CA LEU I 235 28.22 29.61 1.36
C LEU I 235 29.23 28.73 2.06
N ALA I 236 30.47 28.83 1.63
CA ALA I 236 31.61 28.21 2.31
C ALA I 236 32.34 29.32 3.07
N GLU I 237 32.11 29.38 4.38
CA GLU I 237 32.57 30.52 5.15
C GLU I 237 34.07 30.72 5.03
N GLU I 238 34.82 29.65 4.75
CA GLU I 238 36.28 29.77 4.70
C GLU I 238 36.72 30.55 3.47
N GLU I 239 36.44 30.03 2.29
CA GLU I 239 36.88 30.66 1.05
C GLU I 239 36.03 30.11 -0.10
N ILE I 240 36.43 30.41 -1.33
CA ILE I 240 35.84 29.77 -2.49
C ILE I 240 36.28 28.32 -2.53
N VAL I 241 35.34 27.42 -2.78
CA VAL I 241 35.59 25.99 -2.76
C VAL I 241 35.43 25.45 -4.17
N ILE I 242 36.32 24.54 -4.56
CA ILE I 242 36.25 23.85 -5.84
C ILE I 242 36.34 22.36 -5.56
N ARG I 243 35.44 21.57 -6.16
CA ARG I 243 35.54 20.14 -5.99
C ARG I 243 34.98 19.41 -7.20
N SER I 244 35.60 18.27 -7.50
CA SER I 244 35.22 17.42 -8.62
C SER I 244 35.67 16.00 -8.32
N LYS I 245 34.97 15.03 -8.92
CA LYS I 245 35.44 13.66 -8.80
C LYS I 245 36.86 13.55 -9.31
N ASN I 246 37.15 14.15 -10.45
CA ASN I 246 38.52 14.28 -10.93
C ASN I 246 38.56 15.40 -11.95
N LEU I 247 39.11 16.55 -11.58
CA LEU I 247 39.15 17.67 -12.50
C LEU I 247 39.97 17.37 -13.74
N ALA I 248 40.83 16.35 -13.69
CA ALA I 248 41.55 15.98 -14.90
C ALA I 248 40.62 15.49 -15.98
N ASP I 249 39.60 14.73 -15.61
CA ASP I 249 38.68 14.12 -16.57
C ASP I 249 37.65 15.16 -16.96
N ASN I 250 37.84 15.79 -18.11
CA ASN I 250 37.00 16.92 -18.49
C ASN I 250 35.53 16.57 -18.33
N ALA I 251 35.16 15.34 -18.70
CA ALA I 251 33.76 14.96 -18.68
C ALA I 251 33.17 15.12 -17.28
N LYS I 252 33.88 14.65 -16.26
CA LYS I 252 33.35 14.72 -14.91
C LYS I 252 33.03 16.14 -14.52
N ILE I 253 31.86 16.33 -13.89
CA ILE I 253 31.38 17.67 -13.58
C ILE I 253 32.29 18.31 -12.52
N ILE I 254 32.32 19.64 -12.55
CA ILE I 254 33.01 20.43 -11.54
C ILE I 254 31.97 21.26 -10.82
N ILE I 255 32.12 21.43 -9.51
CA ILE I 255 31.23 22.29 -8.74
C ILE I 255 32.07 23.29 -7.98
N VAL I 256 31.65 24.55 -8.01
CA VAL I 256 32.37 25.61 -7.32
C VAL I 256 31.39 26.34 -6.42
N GLN I 257 31.72 26.44 -5.14
CA GLN I 257 30.89 27.10 -4.15
C GLN I 257 31.51 28.44 -3.76
N LEU I 258 30.69 29.47 -3.75
CA LEU I 258 31.11 30.82 -3.41
C LEU I 258 31.10 31.01 -1.90
N ASN I 259 31.93 31.94 -1.44
CA ASN I 259 31.92 32.35 -0.04
C ASN I 259 31.37 33.76 0.13
N LYS I 260 30.64 34.25 -0.86
CA LYS I 260 30.02 35.58 -0.78
C LYS I 260 28.78 35.55 -1.65
N SER I 261 27.63 35.34 -1.03
CA SER I 261 26.39 35.17 -1.79
C SER I 261 26.10 36.41 -2.60
N VAL I 262 25.64 36.20 -3.83
CA VAL I 262 25.40 37.30 -4.77
C VAL I 262 23.90 37.44 -4.97
N GLU I 263 23.37 38.61 -4.66
CA GLU I 263 21.95 38.83 -4.83
C GLU I 263 21.58 38.81 -6.30
N ILE I 264 20.30 38.52 -6.56
CA ILE I 264 19.75 38.54 -7.91
C ILE I 264 18.24 38.59 -7.77
N VAL I 265 17.57 39.14 -8.79
CA VAL I 265 16.12 39.21 -8.78
C VAL I 265 15.61 38.90 -10.17
N CYS I 266 14.35 38.46 -10.23
CA CYS I 266 13.69 38.25 -11.51
C CYS I 266 12.21 38.51 -11.32
N THR I 267 11.53 38.83 -12.41
CA THR I 267 10.12 39.16 -12.32
C THR I 267 9.45 39.00 -13.68
N ARG I 268 8.12 38.86 -13.61
CA ARG I 268 7.24 38.84 -14.77
C ARG I 268 6.40 40.11 -14.75
N PRO I 269 6.80 41.15 -15.47
CA PRO I 269 6.05 42.43 -15.43
C PRO I 269 4.78 42.37 -16.26
N ASN I 270 3.80 41.61 -15.77
CA ASN I 270 2.54 41.49 -16.45
C ASN I 270 1.44 41.25 -15.43
N ASN I 271 0.22 41.64 -15.78
CA ASN I 271 -0.93 41.50 -14.92
C ASN I 271 -1.81 40.40 -15.50
N ASN I 272 -1.79 39.22 -14.87
CA ASN I 272 -2.41 38.03 -15.43
C ASN I 272 -3.53 37.54 -14.54
N THR I 273 -4.39 36.71 -15.13
CA THR I 273 -5.51 36.12 -14.42
C THR I 273 -6.04 34.95 -15.24
N ARG I 274 -6.69 34.03 -14.54
CA ARG I 274 -7.06 32.76 -15.14
C ARG I 274 -8.56 32.69 -15.37
N ARG I 275 -8.92 32.13 -16.53
CA ARG I 275 -10.30 31.86 -16.91
C ARG I 275 -10.54 30.37 -16.71
N SER I 276 -11.44 30.03 -15.80
CA SER I 276 -11.74 28.63 -15.54
C SER I 276 -12.74 28.11 -16.55
N ILE I 277 -12.46 26.93 -17.09
CA ILE I 277 -13.28 26.32 -18.13
C ILE I 277 -13.62 24.92 -17.65
N ARG I 278 -14.90 24.64 -17.45
CA ARG I 278 -15.32 23.30 -17.04
C ARG I 278 -15.21 22.40 -18.25
N ILE I 279 -14.06 21.73 -18.40
CA ILE I 279 -13.90 20.83 -19.53
C ILE I 279 -14.83 19.64 -19.41
N GLY I 280 -14.96 19.09 -18.20
CA GLY I 280 -15.81 17.96 -17.94
C GLY I 280 -16.62 18.16 -16.69
N PRO I 281 -17.36 17.13 -16.30
CA PRO I 281 -18.23 17.23 -15.12
C PRO I 281 -17.44 17.24 -13.82
N GLY I 282 -16.97 18.40 -13.42
CA GLY I 282 -16.19 18.56 -12.23
C GLY I 282 -14.71 18.75 -12.46
N GLN I 283 -14.29 18.97 -13.70
CA GLN I 283 -12.88 19.05 -14.06
C GLN I 283 -12.67 20.36 -14.81
N THR I 284 -11.87 21.25 -14.23
CA THR I 284 -11.79 22.62 -14.71
C THR I 284 -10.37 22.96 -15.10
N PHE I 285 -10.17 23.35 -16.35
CA PHE I 285 -8.92 23.88 -16.82
C PHE I 285 -8.83 25.37 -16.48
N TYR I 286 -7.60 25.89 -16.46
CA TYR I 286 -7.34 27.28 -16.09
C TYR I 286 -6.57 27.98 -17.20
N ALA I 287 -7.29 28.53 -18.16
CA ALA I 287 -6.63 29.21 -19.28
C ALA I 287 -6.04 30.53 -18.83
N THR I 288 -4.92 30.89 -19.43
CA THR I 288 -4.23 32.14 -19.14
C THR I 288 -4.94 33.30 -19.80
N ASP I 289 -4.86 34.47 -19.15
CA ASP I 289 -5.34 35.69 -19.78
C ASP I 289 -4.62 36.87 -19.15
N ILE I 290 -4.60 37.98 -19.89
CA ILE I 290 -3.84 39.16 -19.53
C ILE I 290 -4.80 40.34 -19.42
N ILE I 291 -4.41 41.31 -18.61
CA ILE I 291 -5.20 42.52 -18.43
C ILE I 291 -4.63 43.62 -19.31
N GLY I 292 -3.40 44.02 -19.05
CA GLY I 292 -2.75 45.13 -19.73
C GLY I 292 -1.92 44.70 -20.91
N ASP I 293 -0.86 45.45 -21.17
CA ASP I 293 0.07 45.10 -22.23
C ASP I 293 0.89 43.88 -21.84
N ILE I 294 1.81 43.49 -22.71
CA ILE I 294 2.61 42.28 -22.51
C ILE I 294 4.08 42.66 -22.58
N ARG I 295 4.81 42.35 -21.52
CA ARG I 295 6.25 42.61 -21.44
C ARG I 295 6.95 41.35 -20.95
N GLN I 296 7.86 40.83 -21.77
CA GLN I 296 8.56 39.60 -21.42
C GLN I 296 9.29 39.75 -20.09
N ALA I 297 9.25 38.68 -19.29
CA ALA I 297 9.89 38.68 -17.98
C ALA I 297 11.38 38.96 -18.13
N TYR I 298 12.03 39.23 -17.00
CA TYR I 298 13.45 39.56 -17.04
C TYR I 298 14.01 39.47 -15.63
N CYS I 299 15.27 39.91 -15.47
CA CYS I 299 15.98 39.79 -14.21
C CYS I 299 16.84 41.04 -14.00
N ASN I 300 17.48 41.07 -12.83
CA ASN I 300 18.44 42.11 -12.46
C ASN I 300 19.52 41.49 -11.59
N ILE I 301 20.76 41.93 -11.81
CA ILE I 301 21.89 41.45 -11.02
C ILE I 301 22.96 42.53 -11.03
N SER I 302 23.68 42.65 -9.92
CA SER I 302 24.73 43.67 -9.76
C SER I 302 26.05 43.10 -10.27
N GLY I 303 26.26 43.20 -11.57
CA GLY I 303 27.48 42.67 -12.15
C GLY I 303 28.73 43.22 -11.50
N ARG I 304 28.65 44.45 -11.00
CA ARG I 304 29.74 45.01 -10.21
C ARG I 304 30.13 44.03 -9.11
N ASN I 305 29.13 43.51 -8.41
CA ASN I 305 29.39 42.44 -7.43
C ASN I 305 30.00 41.22 -8.12
N TRP I 306 29.45 40.87 -9.28
CA TRP I 306 29.81 39.61 -9.92
C TRP I 306 31.30 39.54 -10.21
N SER I 307 31.87 40.64 -10.70
CA SER I 307 33.24 40.60 -11.18
C SER I 307 34.21 40.17 -10.09
N GLU I 308 33.97 40.58 -8.86
CA GLU I 308 34.90 40.27 -7.79
C GLU I 308 35.01 38.76 -7.58
N ALA I 309 33.87 38.10 -7.39
CA ALA I 309 33.89 36.65 -7.23
C ALA I 309 34.46 35.99 -8.47
N VAL I 310 34.14 36.54 -9.65
CA VAL I 310 34.67 35.94 -10.87
C VAL I 310 36.19 35.95 -10.84
N ASN I 311 36.78 37.09 -10.51
CA ASN I 311 38.24 37.19 -10.50
C ASN I 311 38.82 36.26 -9.46
N GLN I 312 38.20 36.21 -8.27
CA GLN I 312 38.73 35.34 -7.22
C GLN I 312 38.73 33.89 -7.67
N VAL I 313 37.61 33.43 -8.23
CA VAL I 313 37.53 32.05 -8.67
C VAL I 313 38.48 31.81 -9.83
N LYS I 314 38.69 32.83 -10.68
CA LYS I 314 39.67 32.69 -11.75
C LYS I 314 41.05 32.44 -11.18
N LYS I 315 41.42 33.16 -10.13
CA LYS I 315 42.71 32.93 -9.49
C LYS I 315 42.77 31.53 -8.89
N LYS I 316 41.69 31.10 -8.26
CA LYS I 316 41.65 29.74 -7.70
C LYS I 316 41.86 28.71 -8.79
N LEU I 317 41.22 28.90 -9.94
CA LEU I 317 41.41 27.97 -11.06
C LEU I 317 42.85 27.99 -11.54
N LYS I 318 43.41 29.19 -11.70
CA LYS I 318 44.81 29.29 -12.09
C LYS I 318 45.68 28.51 -11.13
N GLU I 319 45.33 28.51 -9.85
CA GLU I 319 46.10 27.74 -8.88
C GLU I 319 46.22 26.29 -9.30
N HIS I 320 45.12 25.70 -9.78
CA HIS I 320 45.17 24.34 -10.30
C HIS I 320 45.72 24.27 -11.72
N PHE I 321 45.79 25.40 -12.42
CA PHE I 321 46.28 25.45 -13.80
C PHE I 321 47.24 26.61 -13.93
N PRO I 322 48.49 26.44 -13.46
CA PRO I 322 49.41 27.58 -13.39
C PRO I 322 49.90 28.08 -14.73
N HIS I 323 49.46 27.52 -15.85
CA HIS I 323 49.95 27.92 -17.16
C HIS I 323 48.83 28.01 -18.17
N LYS I 324 47.69 28.56 -17.76
CA LYS I 324 46.54 28.69 -18.64
C LYS I 324 45.80 29.98 -18.30
N ASN I 325 44.98 30.43 -19.23
CA ASN I 325 44.05 31.52 -18.94
C ASN I 325 42.72 30.95 -18.46
N ILE I 326 41.81 31.84 -18.09
CA ILE I 326 40.52 31.48 -17.54
C ILE I 326 39.45 32.34 -18.17
N SER I 327 38.32 31.72 -18.53
CA SER I 327 37.23 32.43 -19.16
C SER I 327 35.96 31.59 -19.04
N PHE I 328 34.86 32.18 -19.44
CA PHE I 328 33.57 31.50 -19.46
C PHE I 328 32.79 31.94 -20.69
N GLN I 329 32.12 31.00 -21.33
CA GLN I 329 31.26 31.26 -22.47
C GLN I 329 29.85 30.76 -22.15
N SER I 330 28.91 31.12 -23.00
CA SER I 330 27.55 30.66 -22.80
C SER I 330 27.51 29.13 -22.84
N SER I 331 26.36 28.58 -22.46
CA SER I 331 26.17 27.15 -22.57
C SER I 331 26.46 26.68 -23.97
N SER I 332 27.10 25.52 -24.09
CA SER I 332 27.56 25.05 -25.39
C SER I 332 26.41 24.84 -26.36
N GLY I 333 25.22 24.48 -25.89
CA GLY I 333 24.10 24.28 -26.76
C GLY I 333 23.44 22.93 -26.57
N GLY I 334 22.12 22.90 -26.63
CA GLY I 334 21.38 21.67 -26.41
C GLY I 334 19.97 21.97 -25.93
N ASP I 335 19.46 21.10 -25.08
CA ASP I 335 18.10 21.23 -24.59
C ASP I 335 17.91 22.57 -23.89
N LEU I 336 16.71 23.11 -24.00
CA LEU I 336 16.44 24.45 -23.48
C LEU I 336 16.94 24.60 -22.05
N GLU I 337 16.49 23.73 -21.16
CA GLU I 337 16.81 23.89 -19.75
C GLU I 337 18.32 23.90 -19.53
N ILE I 338 19.05 22.99 -20.19
CA ILE I 338 20.49 22.98 -20.04
C ILE I 338 21.09 24.27 -20.58
N THR I 339 20.66 24.68 -21.77
CA THR I 339 21.28 25.82 -22.42
C THR I 339 21.24 27.05 -21.52
N THR I 340 20.05 27.39 -21.04
CA THR I 340 19.86 28.58 -20.23
C THR I 340 19.82 28.19 -18.76
N HIS I 341 19.60 29.19 -17.91
CA HIS I 341 19.37 28.93 -16.50
C HIS I 341 17.88 28.80 -16.26
N SER I 342 17.44 27.61 -15.87
CA SER I 342 16.05 27.38 -15.54
C SER I 342 15.88 27.34 -14.04
N PHE I 343 14.70 27.71 -13.59
CA PHE I 343 14.40 27.62 -12.16
C PHE I 343 12.92 27.84 -11.96
N ASN I 344 12.49 27.80 -10.70
CA ASN I 344 11.13 28.08 -10.32
C ASN I 344 11.09 29.32 -9.43
N CYS I 345 10.00 30.06 -9.54
CA CYS I 345 9.75 31.26 -8.74
C CYS I 345 8.31 31.18 -8.27
N GLY I 346 8.12 30.80 -7.00
CA GLY I 346 6.77 30.70 -6.47
C GLY I 346 5.87 29.83 -7.31
N GLY I 347 6.42 28.75 -7.85
CA GLY I 347 5.63 27.87 -8.69
C GLY I 347 5.48 28.32 -10.11
N GLU I 348 6.35 29.19 -10.61
CA GLU I 348 6.34 29.58 -12.01
C GLU I 348 7.70 29.30 -12.61
N PHE I 349 7.71 28.59 -13.73
CA PHE I 349 8.95 28.13 -14.34
C PHE I 349 9.54 29.23 -15.21
N PHE I 350 10.82 29.53 -15.00
CA PHE I 350 11.49 30.59 -15.72
C PHE I 350 12.76 30.03 -16.36
N TYR I 351 13.08 30.59 -17.52
CA TYR I 351 14.29 30.23 -18.25
C TYR I 351 14.94 31.53 -18.71
N CYS I 352 16.10 31.82 -18.15
CA CYS I 352 16.82 33.05 -18.44
C CYS I 352 18.06 32.73 -19.23
N ASN I 353 18.17 33.33 -20.41
CA ASN I 353 19.38 33.24 -21.21
C ASN I 353 20.54 33.82 -20.43
N THR I 354 21.57 33.02 -20.18
CA THR I 354 22.66 33.41 -19.31
C THR I 354 23.89 33.89 -20.07
N SER I 355 23.78 34.15 -21.37
CA SER I 355 24.93 34.64 -22.12
C SER I 355 25.50 35.90 -21.48
N GLY I 356 24.66 36.68 -20.81
CA GLY I 356 25.12 37.92 -20.22
C GLY I 356 26.08 37.76 -19.08
N LEU I 357 26.13 36.57 -18.47
CA LEU I 357 26.99 36.36 -17.31
C LEU I 357 28.36 35.82 -17.69
N PHE I 358 28.40 34.67 -18.34
CA PHE I 358 29.65 33.97 -18.55
C PHE I 358 30.43 34.58 -19.70
N ASN I 359 31.01 35.75 -19.47
CA ASN I 359 31.71 36.50 -20.49
C ASN I 359 32.95 37.11 -19.91
N ASP I 360 33.92 37.38 -20.77
CA ASP I 360 35.20 37.90 -20.31
C ASP I 360 35.07 39.27 -19.69
N THR I 361 33.99 39.99 -19.97
CA THR I 361 33.77 41.34 -19.47
C THR I 361 32.28 41.55 -19.29
N ILE I 362 31.90 42.29 -18.24
CA ILE I 362 30.48 42.53 -18.02
C ILE I 362 30.15 44.02 -17.94
N SER I 363 30.57 44.69 -16.88
CA SER I 363 30.07 46.04 -16.62
C SER I 363 30.55 46.57 -15.28
N ASN I 364 30.22 47.83 -14.97
CA ASN I 364 30.18 48.29 -13.60
C ASN I 364 28.76 48.58 -13.12
N ALA I 365 27.77 48.49 -14.00
CA ALA I 365 26.39 48.77 -13.67
C ALA I 365 25.61 47.48 -13.52
N THR I 366 24.37 47.62 -13.05
CA THR I 366 23.48 46.48 -12.93
C THR I 366 23.32 45.79 -14.27
N ILE I 367 23.01 44.50 -14.23
CA ILE I 367 22.79 43.70 -15.43
C ILE I 367 21.41 43.07 -15.34
N MET I 368 20.68 43.12 -16.45
CA MET I 368 19.35 42.53 -16.56
C MET I 368 19.37 41.48 -17.66
N LEU I 369 18.53 40.46 -17.51
CA LEU I 369 18.53 39.33 -18.42
C LEU I 369 17.14 39.11 -19.00
N PRO I 370 17.05 38.74 -20.27
CA PRO I 370 15.75 38.34 -20.81
C PRO I 370 15.52 36.86 -20.59
N CYS I 371 14.32 36.54 -20.08
CA CYS I 371 13.95 35.17 -19.79
C CYS I 371 12.71 34.83 -20.58
N ARG I 372 12.36 33.55 -20.59
CA ARG I 372 11.14 33.10 -21.23
C ARG I 372 10.43 32.11 -20.32
N ILE I 373 9.13 32.00 -20.52
CA ILE I 373 8.25 31.26 -19.62
C ILE I 373 7.56 30.14 -20.38
N LYS I 374 7.53 28.96 -19.80
CA LYS I 374 6.83 27.82 -20.35
C LYS I 374 5.70 27.41 -19.40
N GLN I 375 4.71 26.72 -19.96
CA GLN I 375 3.57 26.25 -19.19
C GLN I 375 3.46 24.73 -19.14
N ILE I 376 4.02 24.04 -20.12
CA ILE I 376 4.12 22.58 -20.08
C ILE I 376 5.56 22.23 -19.73
N ILE I 377 5.71 21.40 -18.72
CA ILE I 377 7.01 21.15 -18.12
C ILE I 377 7.29 19.67 -18.10
N ASN I 378 8.49 19.28 -18.55
CA ASN I 378 8.98 17.93 -18.39
C ASN I 378 9.91 17.94 -17.19
N MET I 379 9.33 17.77 -16.01
CA MET I 379 10.10 17.92 -14.78
C MET I 379 11.35 17.06 -14.81
N TRP I 380 11.26 15.86 -15.37
CA TRP I 380 12.43 15.03 -15.61
C TRP I 380 12.22 14.30 -16.92
N GLN I 381 13.33 13.85 -17.50
CA GLN I 381 13.35 13.54 -18.93
C GLN I 381 12.23 12.60 -19.33
N GLU I 382 11.95 11.58 -18.52
CA GLU I 382 10.82 10.71 -18.79
C GLU I 382 9.56 11.53 -18.93
N VAL I 383 8.81 11.29 -20.00
CA VAL I 383 7.70 12.18 -20.34
C VAL I 383 6.39 11.80 -19.65
N GLY I 384 6.31 10.59 -19.08
CA GLY I 384 5.07 10.19 -18.44
C GLY I 384 4.58 11.14 -17.37
N LYS I 385 5.48 11.94 -16.80
CA LYS I 385 5.15 12.86 -15.72
C LYS I 385 4.92 14.29 -16.24
N CYS I 386 4.70 14.46 -17.53
CA CYS I 386 4.58 15.81 -18.07
C CYS I 386 3.52 16.59 -17.33
N ILE I 387 3.88 17.81 -16.91
CA ILE I 387 3.01 18.63 -16.09
C ILE I 387 2.66 19.89 -16.85
N TYR I 388 1.46 20.39 -16.57
CA TYR I 388 1.04 21.71 -17.04
C TYR I 388 0.98 22.66 -15.85
N ALA I 389 1.65 23.81 -15.98
CA ALA I 389 1.67 24.79 -14.91
C ALA I 389 0.46 25.69 -15.05
N PRO I 390 -0.40 25.79 -14.03
CA PRO I 390 -1.53 26.70 -14.12
C PRO I 390 -1.05 28.14 -14.02
N PRO I 391 -1.68 29.06 -14.74
CA PRO I 391 -1.28 30.46 -14.63
C PRO I 391 -1.56 31.00 -13.24
N ILE I 392 -0.76 31.99 -12.83
CA ILE I 392 -0.89 32.62 -11.54
C ILE I 392 -1.34 34.07 -11.74
N LYS I 393 -2.30 34.49 -10.93
CA LYS I 393 -2.89 35.81 -11.10
C LYS I 393 -1.88 36.91 -10.80
N GLY I 394 -1.98 38.00 -11.56
CA GLY I 394 -1.18 39.18 -11.33
C GLY I 394 0.31 38.98 -11.56
N ASN I 395 1.06 40.08 -11.61
CA ASN I 395 2.50 39.98 -11.78
C ASN I 395 3.11 39.21 -10.62
N ILE I 396 4.37 38.83 -10.78
CA ILE I 396 5.09 38.08 -9.78
C ILE I 396 6.56 38.46 -9.84
N THR I 397 7.24 38.31 -8.73
CA THR I 397 8.64 38.67 -8.62
C THR I 397 9.29 37.85 -7.52
N CYS I 398 10.47 37.31 -7.82
CA CYS I 398 11.25 36.55 -6.86
C CYS I 398 12.65 37.13 -6.76
N LYS I 399 13.08 37.39 -5.53
CA LYS I 399 14.45 37.77 -5.23
C LYS I 399 15.14 36.62 -4.51
N SER I 400 16.40 36.37 -4.86
CA SER I 400 17.14 35.27 -4.26
C SER I 400 18.62 35.60 -4.39
N ASP I 401 19.47 34.59 -4.16
CA ASP I 401 20.90 34.78 -4.21
C ASP I 401 21.57 33.52 -4.73
N ILE I 402 22.79 33.70 -5.21
CA ILE I 402 23.61 32.63 -5.74
C ILE I 402 24.69 32.32 -4.72
N THR I 403 24.91 31.03 -4.46
CA THR I 403 25.98 30.57 -3.61
C THR I 403 27.00 29.71 -4.32
N GLY I 404 26.61 28.99 -5.36
CA GLY I 404 27.54 28.16 -6.09
C GLY I 404 27.03 27.93 -7.49
N LEU I 405 27.84 27.23 -8.29
CA LEU I 405 27.50 26.99 -9.67
C LEU I 405 28.30 25.81 -10.19
N LEU I 406 27.77 25.19 -11.24
CA LEU I 406 28.35 24.02 -11.85
C LEU I 406 29.10 24.42 -13.10
N LEU I 407 30.29 23.86 -13.28
CA LEU I 407 31.13 24.18 -14.41
C LEU I 407 31.63 22.90 -15.06
N LEU I 408 31.87 22.98 -16.35
CA LEU I 408 32.39 21.87 -17.14
C LEU I 408 33.50 22.39 -18.04
N ARG I 409 34.63 21.68 -18.06
CA ARG I 409 35.79 22.14 -18.81
C ARG I 409 35.66 21.77 -20.28
N ASP I 410 36.38 22.50 -21.12
CA ASP I 410 36.29 22.27 -22.57
C ASP I 410 36.81 20.88 -22.93
N GLY I 411 38.03 20.54 -22.51
CA GLY I 411 38.58 19.23 -22.77
C GLY I 411 39.58 19.14 -23.89
N GLY I 412 40.03 20.27 -24.45
CA GLY I 412 41.05 20.24 -25.48
C GLY I 412 42.17 21.21 -25.16
N ASN I 413 43.39 20.69 -24.99
CA ASN I 413 44.50 21.53 -24.56
C ASN I 413 44.86 22.45 -25.71
N THR I 414 44.37 23.68 -25.65
CA THR I 414 44.74 24.68 -26.64
C THR I 414 46.22 24.99 -26.51
N ALA I 415 46.92 25.06 -27.63
CA ALA I 415 48.28 25.56 -27.60
C ALA I 415 48.33 26.93 -26.94
N ASN I 416 47.30 27.75 -27.15
CA ASN I 416 47.24 29.06 -26.52
C ASN I 416 47.00 28.97 -25.03
N ASN I 417 46.68 27.78 -24.51
CA ASN I 417 46.49 27.57 -23.08
C ASN I 417 45.32 28.37 -22.54
N ALA I 418 44.44 28.84 -23.41
CA ALA I 418 43.26 29.59 -23.00
C ALA I 418 42.24 28.60 -22.45
N GLU I 419 42.49 28.15 -21.23
CA GLU I 419 41.57 27.22 -20.58
C GLU I 419 40.24 27.92 -20.33
N ILE I 420 39.15 27.21 -20.60
CA ILE I 420 37.81 27.77 -20.45
C ILE I 420 36.93 26.76 -19.74
N PHE I 421 35.85 27.28 -19.14
CA PHE I 421 34.81 26.44 -18.58
C PHE I 421 33.47 27.02 -19.01
N ARG I 422 32.46 26.16 -19.05
CA ARG I 422 31.13 26.54 -19.47
C ARG I 422 30.12 26.04 -18.44
N PRO I 423 28.97 26.68 -18.36
CA PRO I 423 27.91 26.17 -17.49
C PRO I 423 27.36 24.86 -18.02
N GLY I 424 26.88 24.02 -17.12
CA GLY I 424 26.30 22.75 -17.48
C GLY I 424 25.20 22.34 -16.53
N GLY I 425 25.20 21.07 -16.12
CA GLY I 425 24.27 20.59 -15.11
C GLY I 425 23.32 19.55 -15.67
N GLY I 426 22.10 19.56 -15.16
CA GLY I 426 21.08 18.63 -15.55
C GLY I 426 21.06 17.34 -14.75
N ASP I 427 22.15 17.03 -14.05
CA ASP I 427 22.20 15.85 -13.20
C ASP I 427 21.67 16.28 -11.84
N MET I 428 20.37 16.12 -11.65
CA MET I 428 19.73 16.68 -10.47
C MET I 428 20.41 16.23 -9.19
N ARG I 429 21.01 15.04 -9.19
CA ARG I 429 21.71 14.55 -8.01
C ARG I 429 22.79 15.53 -7.56
N ASP I 430 23.52 16.10 -8.52
CA ASP I 430 24.62 17.00 -8.17
C ASP I 430 24.15 18.16 -7.30
N ASN I 431 22.94 18.66 -7.55
CA ASN I 431 22.45 19.79 -6.76
C ASN I 431 22.49 19.45 -5.28
N TRP I 432 21.86 18.34 -4.90
CA TRP I 432 21.86 17.95 -3.49
C TRP I 432 23.25 17.57 -3.04
N ARG I 433 24.02 16.92 -3.92
CA ARG I 433 25.40 16.59 -3.58
C ARG I 433 26.13 17.83 -3.08
N SER I 434 25.89 18.96 -3.74
CA SER I 434 26.61 20.20 -3.44
C SER I 434 26.64 20.49 -1.94
N GLU I 435 25.64 20.02 -1.20
CA GLU I 435 25.59 20.21 0.25
C GLU I 435 25.81 18.92 1.00
N LEU I 436 25.21 17.83 0.53
CA LEU I 436 25.32 16.57 1.25
C LEU I 436 26.76 16.08 1.34
N TYR I 437 27.65 16.62 0.51
CA TYR I 437 29.05 16.18 0.56
C TYR I 437 29.57 16.12 1.99
N LYS I 438 29.06 16.97 2.88
CA LYS I 438 29.55 16.97 4.26
C LYS I 438 29.21 15.67 4.98
N TYR I 439 27.97 15.22 4.87
CA TYR I 439 27.48 14.15 5.73
C TYR I 439 28.07 12.80 5.31
N LYS I 440 27.75 11.78 6.11
CA LYS I 440 28.15 10.40 5.86
C LYS I 440 27.48 9.53 6.92
N VAL I 441 27.26 8.26 6.59
CA VAL I 441 26.44 7.38 7.40
C VAL I 441 27.19 6.10 7.71
N VAL I 442 27.11 5.65 8.97
CA VAL I 442 27.69 4.38 9.36
C VAL I 442 26.75 3.65 10.32
N LYS I 443 27.01 2.37 10.51
CA LYS I 443 26.29 1.53 11.45
C LYS I 443 27.20 1.22 12.64
N ILE I 444 26.71 0.38 13.54
CA ILE I 444 27.41 0.08 14.79
C ILE I 444 27.47 -1.44 15.00
N GLU I 445 28.60 -1.91 15.51
CA GLU I 445 28.81 -3.34 15.81
C GLU I 445 29.41 -3.43 17.19
N PRO I 446 28.58 -3.32 18.23
CA PRO I 446 29.10 -3.05 19.58
C PRO I 446 29.72 -4.24 20.29
N LEU I 447 30.05 -5.33 19.60
CA LEU I 447 30.56 -6.54 20.23
C LEU I 447 32.07 -6.61 20.03
N GLY I 448 32.83 -6.24 21.05
CA GLY I 448 34.26 -6.30 21.00
C GLY I 448 34.80 -7.47 21.80
N VAL I 449 35.99 -7.93 21.41
CA VAL I 449 36.63 -9.07 22.05
C VAL I 449 38.09 -8.71 22.31
N ALA I 450 38.60 -9.14 23.46
CA ALA I 450 39.97 -8.81 23.83
C ALA I 450 40.47 -9.84 24.83
N PRO I 451 41.77 -9.98 24.97
CA PRO I 451 42.32 -10.85 26.03
C PRO I 451 42.30 -10.16 27.38
N THR I 452 42.24 -10.99 28.43
CA THR I 452 42.32 -10.49 29.80
C THR I 452 42.82 -11.62 30.69
N ARG I 453 43.35 -11.23 31.85
CA ARG I 453 43.86 -12.23 32.79
C ARG I 453 42.73 -12.94 33.53
N CYS I 454 41.56 -12.32 33.62
CA CYS I 454 40.46 -12.91 34.37
C CYS I 454 40.03 -14.23 33.73
N LYS I 455 39.49 -15.12 34.55
CA LYS I 455 38.82 -16.32 34.07
C LYS I 455 37.51 -16.45 34.82
N ARG I 456 36.42 -16.61 34.07
CA ARG I 456 35.11 -16.68 34.70
C ARG I 456 35.06 -17.85 35.68
N ARG I 457 34.60 -17.57 36.89
CA ARG I 457 34.58 -18.57 37.96
C ARG I 457 35.95 -19.20 38.15
N LEU I 475 23.27 11.99 26.59
CA LEU I 475 24.69 11.91 26.89
C LEU I 475 25.52 12.23 25.64
N VAL I 476 26.83 12.06 25.75
CA VAL I 476 27.74 12.29 24.60
C VAL I 476 27.81 10.96 23.86
N PHE I 477 26.84 10.75 22.98
CA PHE I 477 26.67 9.48 22.30
C PHE I 477 27.88 9.15 21.44
N LEU I 478 28.62 8.11 21.82
CA LEU I 478 29.77 7.59 21.09
C LEU I 478 31.02 8.44 21.32
N GLY I 479 30.98 9.43 22.21
CA GLY I 479 32.12 10.32 22.36
C GLY I 479 33.38 9.59 22.77
N ALA I 480 33.29 8.70 23.75
CA ALA I 480 34.47 8.06 24.30
C ALA I 480 35.35 7.44 23.23
N ALA I 481 34.83 7.25 22.02
CA ALA I 481 35.65 6.75 20.93
C ALA I 481 36.97 7.50 20.84
N GLY I 482 37.05 8.70 21.39
CA GLY I 482 38.28 9.48 21.31
C GLY I 482 39.42 8.96 22.15
N SER I 483 39.24 7.88 22.90
CA SER I 483 40.29 7.34 23.78
C SER I 483 40.56 5.87 23.44
N THR I 484 41.37 5.24 24.29
CA THR I 484 41.74 3.85 24.10
C THR I 484 40.76 2.91 24.82
N MET I 485 40.86 1.63 24.49
CA MET I 485 39.82 0.67 24.86
C MET I 485 39.65 0.59 26.37
N GLY I 486 40.76 0.37 27.09
CA GLY I 486 40.65 0.25 28.54
C GLY I 486 40.00 1.45 29.15
N ALA I 487 40.42 2.65 28.72
CA ALA I 487 39.83 3.87 29.25
C ALA I 487 38.41 4.07 28.75
N ALA I 488 38.20 3.88 27.45
CA ALA I 488 36.89 4.16 26.87
C ALA I 488 35.80 3.23 27.41
N SER I 489 36.18 2.09 27.98
CA SER I 489 35.19 1.08 28.35
C SER I 489 34.20 1.58 29.38
N MET I 490 34.50 2.67 30.08
CA MET I 490 33.68 3.06 31.23
C MET I 490 32.24 3.34 30.82
N THR I 491 32.04 4.06 29.72
CA THR I 491 30.74 4.61 29.38
C THR I 491 29.96 3.75 28.39
N LEU I 492 30.28 2.46 28.30
CA LEU I 492 29.63 1.61 27.31
C LEU I 492 28.11 1.63 27.46
N THR I 493 27.63 1.83 28.68
CA THR I 493 26.18 1.80 28.91
C THR I 493 25.47 2.87 28.11
N VAL I 494 26.11 4.02 27.90
CA VAL I 494 25.47 5.09 27.14
C VAL I 494 25.19 4.62 25.71
N GLN I 495 26.20 4.04 25.07
CA GLN I 495 25.99 3.54 23.71
C GLN I 495 24.95 2.43 23.71
N ALA I 496 25.00 1.56 24.72
CA ALA I 496 24.04 0.46 24.77
C ALA I 496 22.61 0.98 24.82
N ARG I 497 22.34 1.93 25.71
CA ARG I 497 20.97 2.39 25.90
C ARG I 497 20.51 3.27 24.75
N ASN I 498 21.40 4.13 24.25
CA ASN I 498 21.00 5.07 23.20
C ASN I 498 20.58 4.34 21.93
N LEU I 499 21.31 3.31 21.55
CA LEU I 499 21.17 2.73 20.22
C LEU I 499 19.83 2.00 19.99
N LEU I 500 18.77 2.09 20.79
CA LEU I 500 17.61 1.24 20.58
C LEU I 500 16.44 1.94 19.89
N SER I 501 15.80 2.88 20.60
CA SER I 501 14.51 3.43 20.21
C SER I 501 14.48 4.95 20.33
N GLY I 502 15.63 5.59 20.14
CA GLY I 502 15.68 7.03 20.32
C GLY I 502 14.79 7.81 19.39
N ILE I 503 14.29 7.17 18.32
CA ILE I 503 13.50 7.90 17.33
C ILE I 503 12.27 8.50 17.98
N VAL I 504 11.58 7.73 18.81
CA VAL I 504 10.38 8.20 19.48
C VAL I 504 10.39 7.78 20.94
N VAL I 525 3.97 4.28 0.48
CA VAL I 525 4.85 5.29 -0.09
C VAL I 525 5.76 5.85 0.98
N TRP I 526 5.21 6.05 2.17
CA TRP I 526 5.96 6.56 3.31
C TRP I 526 6.10 5.53 4.42
N GLY I 527 4.98 4.99 4.91
CA GLY I 527 5.04 4.08 6.04
C GLY I 527 6.03 2.96 5.82
N ILE I 528 5.96 2.32 4.66
CA ILE I 528 6.80 1.17 4.33
C ILE I 528 8.24 1.43 4.76
N LYS I 529 8.75 2.63 4.46
CA LYS I 529 10.15 2.93 4.74
C LYS I 529 10.46 2.83 6.23
N GLN I 530 9.79 3.67 7.03
CA GLN I 530 10.09 3.69 8.46
C GLN I 530 9.75 2.36 9.13
N LEU I 531 8.71 1.69 8.64
CA LEU I 531 8.39 0.37 9.19
C LEU I 531 9.53 -0.60 8.96
N GLN I 532 10.06 -0.63 7.74
CA GLN I 532 11.23 -1.45 7.46
C GLN I 532 12.37 -1.08 8.39
N ALA I 533 12.61 0.22 8.55
CA ALA I 533 13.74 0.66 9.37
C ALA I 533 13.60 0.14 10.79
N ARG I 534 12.45 0.39 11.40
CA ARG I 534 12.25 -0.01 12.80
C ARG I 534 12.36 -1.51 12.94
N VAL I 535 11.71 -2.26 12.05
CA VAL I 535 11.71 -3.71 12.17
C VAL I 535 13.13 -4.23 12.04
N LEU I 536 13.88 -3.71 11.08
CA LEU I 536 15.23 -4.20 10.86
C LEU I 536 16.13 -3.88 12.04
N ALA I 537 16.02 -2.68 12.59
CA ALA I 537 16.82 -2.34 13.75
C ALA I 537 16.48 -3.26 14.92
N VAL I 538 15.19 -3.50 15.13
CA VAL I 538 14.78 -4.36 16.23
C VAL I 538 15.33 -5.77 16.02
N GLU I 539 15.25 -6.27 14.80
CA GLU I 539 15.77 -7.60 14.52
C GLU I 539 17.25 -7.66 14.83
N ARG I 540 18.00 -6.65 14.40
CA ARG I 540 19.45 -6.64 14.67
C ARG I 540 19.71 -6.65 16.17
N TYR I 541 18.99 -5.82 16.91
CA TYR I 541 19.22 -5.74 18.35
C TYR I 541 18.88 -7.07 19.02
N LEU I 542 17.79 -7.70 18.61
CA LEU I 542 17.44 -8.99 19.18
C LEU I 542 18.51 -10.02 18.86
N ARG I 543 19.02 -10.00 17.64
CA ARG I 543 20.08 -10.93 17.28
C ARG I 543 21.26 -10.77 18.23
N ASP I 544 21.67 -9.53 18.45
CA ASP I 544 22.82 -9.30 19.32
C ASP I 544 22.53 -9.75 20.75
N GLN I 545 21.34 -9.43 21.26
CA GLN I 545 20.98 -9.86 22.61
C GLN I 545 21.04 -11.36 22.71
N GLN I 546 20.48 -12.06 21.73
CA GLN I 546 20.46 -13.51 21.76
C GLN I 546 21.86 -14.07 21.72
N LEU I 547 22.73 -13.49 20.89
CA LEU I 547 24.11 -13.93 20.86
C LEU I 547 24.77 -13.76 22.22
N LEU I 548 24.48 -12.64 22.88
CA LEU I 548 25.00 -12.45 24.24
C LEU I 548 24.48 -13.53 25.17
N GLY I 549 23.19 -13.87 25.03
CA GLY I 549 22.60 -14.85 25.93
C GLY I 549 23.22 -16.23 25.75
N ILE I 550 23.37 -16.68 24.50
CA ILE I 550 23.94 -17.99 24.26
C ILE I 550 25.33 -18.07 24.87
N TRP I 551 26.09 -17.00 24.78
CA TRP I 551 27.38 -16.92 25.45
C TRP I 551 27.26 -16.81 26.93
N GLY I 552 26.05 -16.94 27.47
CA GLY I 552 25.86 -16.92 28.90
C GLY I 552 26.26 -15.62 29.54
N CYS I 553 26.43 -14.56 28.74
CA CYS I 553 26.87 -13.27 29.25
C CYS I 553 25.73 -12.27 29.29
N SER I 554 24.48 -12.73 29.23
CA SER I 554 23.33 -11.84 29.33
C SER I 554 23.38 -11.06 30.62
N GLY I 555 22.77 -9.87 30.63
CA GLY I 555 22.80 -9.04 31.83
C GLY I 555 24.19 -8.69 32.28
N LYS I 556 25.09 -8.39 31.35
CA LYS I 556 26.46 -8.05 31.68
C LYS I 556 27.04 -7.19 30.57
N LEU I 557 28.18 -6.56 30.86
CA LEU I 557 28.88 -5.75 29.87
C LEU I 557 30.37 -6.01 29.80
N ILE I 558 30.98 -6.58 30.83
CA ILE I 558 32.41 -6.90 30.82
C ILE I 558 32.57 -8.37 31.17
N CYS I 559 31.59 -9.17 30.76
CA CYS I 559 31.57 -10.60 31.04
C CYS I 559 32.92 -11.25 30.76
N CYS I 560 33.53 -11.81 31.79
CA CYS I 560 34.63 -12.73 31.62
C CYS I 560 34.07 -14.12 31.28
N THR I 561 34.93 -14.98 30.72
CA THR I 561 34.50 -16.31 30.33
C THR I 561 35.61 -17.31 30.63
N ASN I 562 35.48 -18.51 30.07
CA ASN I 562 36.35 -19.63 30.39
C ASN I 562 37.09 -20.17 29.17
N VAL I 563 37.31 -19.35 28.14
CA VAL I 563 38.09 -19.74 26.98
C VAL I 563 39.39 -18.94 27.00
N PRO I 564 40.54 -19.57 27.21
CA PRO I 564 41.80 -18.82 27.23
C PRO I 564 42.10 -18.22 25.87
N TRP I 565 42.76 -17.08 25.88
CA TRP I 565 43.15 -16.42 24.64
C TRP I 565 44.17 -17.27 23.89
N ASN I 566 44.09 -17.23 22.56
CA ASN I 566 44.98 -18.00 21.70
C ASN I 566 46.03 -17.07 21.10
N SER I 567 47.28 -17.51 21.11
CA SER I 567 48.37 -16.68 20.59
C SER I 567 48.21 -16.39 19.11
N SER I 568 47.77 -17.39 18.34
CA SER I 568 47.73 -17.25 16.89
C SER I 568 46.95 -16.01 16.48
N TRP I 569 45.89 -15.68 17.22
CA TRP I 569 45.05 -14.56 16.83
C TRP I 569 45.83 -13.27 16.78
N SER I 570 46.65 -13.02 17.80
CA SER I 570 47.57 -11.89 17.82
C SER I 570 48.39 -11.95 19.10
N ASN I 571 49.52 -11.24 19.10
CA ASN I 571 50.43 -11.23 20.24
C ASN I 571 50.93 -9.82 20.52
N ARG I 572 50.01 -8.85 20.48
CA ARG I 572 50.39 -7.48 20.75
C ARG I 572 50.66 -7.29 22.23
N ASN I 573 51.38 -6.21 22.55
CA ASN I 573 51.60 -5.83 23.94
C ASN I 573 50.26 -5.49 24.59
N LEU I 574 49.82 -6.34 25.52
CA LEU I 574 48.52 -6.14 26.15
C LEU I 574 48.42 -4.74 26.74
N SER I 575 49.52 -4.22 27.28
CA SER I 575 49.51 -2.87 27.82
C SER I 575 49.09 -1.87 26.76
N GLU I 576 49.72 -1.94 25.59
CA GLU I 576 49.32 -1.08 24.48
C GLU I 576 47.87 -1.32 24.12
N ILE I 577 47.46 -2.59 24.07
CA ILE I 577 46.11 -2.92 23.65
C ILE I 577 45.09 -2.23 24.55
N TRP I 578 45.36 -2.21 25.86
CA TRP I 578 44.40 -1.64 26.80
C TRP I 578 44.61 -0.16 27.05
N ASP I 579 45.73 0.42 26.61
CA ASP I 579 46.00 1.82 26.89
C ASP I 579 46.51 2.61 25.70
N ASN I 580 46.90 1.95 24.60
CA ASN I 580 47.43 2.62 23.44
C ASN I 580 46.58 2.46 22.19
N MET I 581 45.81 1.39 22.10
CA MET I 581 45.02 1.09 20.92
C MET I 581 43.62 1.67 21.06
N THR I 582 42.93 1.78 19.94
CA THR I 582 41.52 2.14 19.92
C THR I 582 40.75 1.08 19.14
N TRP I 583 39.47 0.90 19.52
CA TRP I 583 38.68 -0.21 19.00
C TRP I 583 38.67 -0.22 17.48
N LEU I 584 38.44 0.95 16.87
CA LEU I 584 38.40 1.03 15.42
C LEU I 584 39.63 0.37 14.80
N GLN I 585 40.75 0.41 15.51
CA GLN I 585 41.97 -0.23 15.07
C GLN I 585 42.14 -1.63 15.64
N TRP I 586 41.62 -1.86 16.85
CA TRP I 586 41.74 -3.18 17.45
C TRP I 586 41.01 -4.24 16.62
N ASP I 587 39.83 -3.89 16.13
CA ASP I 587 38.97 -4.89 15.50
C ASP I 587 39.56 -5.41 14.19
N LYS I 588 40.45 -4.65 13.56
CA LYS I 588 40.82 -4.94 12.18
C LYS I 588 41.35 -6.35 12.04
N GLU I 589 42.38 -6.71 12.82
CA GLU I 589 42.96 -8.04 12.70
C GLU I 589 42.09 -9.09 13.37
N ILE I 590 41.44 -8.72 14.47
CA ILE I 590 40.61 -9.68 15.19
C ILE I 590 39.51 -10.21 14.29
N SER I 591 39.05 -9.40 13.34
CA SER I 591 38.02 -9.81 12.40
C SER I 591 38.27 -11.22 11.88
N ASN I 592 39.54 -11.57 11.68
CA ASN I 592 39.87 -12.84 11.06
C ASN I 592 39.28 -14.01 11.84
N TYR I 593 39.52 -14.07 13.14
CA TYR I 593 39.25 -15.25 13.94
C TYR I 593 37.92 -15.17 14.68
N THR I 594 37.02 -14.31 14.21
CA THR I 594 35.78 -14.06 14.94
C THR I 594 34.95 -15.34 15.05
N GLN I 595 34.84 -16.09 13.96
CA GLN I 595 33.97 -17.26 13.96
C GLN I 595 34.55 -18.37 14.83
N ILE I 596 35.87 -18.56 14.76
CA ILE I 596 36.52 -19.52 15.65
C ILE I 596 36.22 -19.14 17.09
N ILE I 597 36.34 -17.85 17.40
CA ILE I 597 36.09 -17.40 18.76
C ILE I 597 34.66 -17.69 19.17
N TYR I 598 33.71 -17.43 18.28
CA TYR I 598 32.31 -17.65 18.60
C TYR I 598 32.04 -19.11 18.87
N GLY I 599 32.60 -19.99 18.03
CA GLY I 599 32.44 -21.41 18.26
C GLY I 599 33.02 -21.85 19.60
N LEU I 600 34.21 -21.36 19.92
CA LEU I 600 34.84 -21.71 21.19
C LEU I 600 33.99 -21.27 22.36
N LEU I 601 33.48 -20.04 22.31
CA LEU I 601 32.64 -19.54 23.38
C LEU I 601 31.38 -20.37 23.52
N GLU I 602 30.73 -20.69 22.40
CA GLU I 602 29.50 -21.46 22.46
C GLU I 602 29.76 -22.82 23.08
N GLU I 603 30.85 -23.48 22.67
CA GLU I 603 31.17 -24.77 23.28
C GLU I 603 31.41 -24.61 24.76
N SER I 604 32.10 -23.54 25.15
CA SER I 604 32.34 -23.31 26.57
C SER I 604 31.02 -23.26 27.33
N GLN I 605 30.07 -22.48 26.82
CA GLN I 605 28.78 -22.36 27.50
C GLN I 605 28.08 -23.71 27.56
N ASN I 606 28.07 -24.43 26.44
CA ASN I 606 27.38 -25.71 26.40
C ASN I 606 27.95 -26.67 27.42
N GLN I 607 29.27 -26.81 27.45
CA GLN I 607 29.89 -27.74 28.39
C GLN I 607 29.64 -27.30 29.82
N GLN I 608 29.72 -25.99 30.08
CA GLN I 608 29.45 -25.52 31.43
C GLN I 608 28.05 -25.94 31.87
N GLU I 609 27.05 -25.67 31.02
CA GLU I 609 25.68 -25.98 31.39
C GLU I 609 25.49 -27.47 31.59
N LYS I 610 25.97 -28.28 30.65
CA LYS I 610 25.75 -29.71 30.75
C LYS I 610 26.43 -30.28 31.99
N ASN I 611 27.65 -29.85 32.27
CA ASN I 611 28.35 -30.34 33.46
C ASN I 611 27.62 -29.93 34.72
N GLU I 612 27.14 -28.68 34.77
CA GLU I 612 26.37 -28.25 35.92
C GLU I 612 25.18 -29.17 36.15
N GLN I 613 24.42 -29.44 35.09
CA GLN I 613 23.26 -30.30 35.24
C GLN I 613 23.67 -31.70 35.69
N ASP I 614 24.73 -32.23 35.11
CA ASP I 614 25.18 -33.57 35.47
C ASP I 614 25.51 -33.64 36.96
N LEU I 615 26.36 -32.73 37.43
CA LEU I 615 26.71 -32.74 38.85
C LEU I 615 25.48 -32.50 39.73
N LEU I 616 24.47 -31.82 39.19
CA LEU I 616 23.19 -31.66 39.87
C LEU I 616 22.12 -32.54 39.26
N ALA I 617 22.51 -33.60 38.54
CA ALA I 617 21.52 -34.48 37.93
C ALA I 617 20.59 -35.06 38.97
N LEU I 618 21.13 -35.54 40.09
CA LEU I 618 20.31 -36.04 41.18
C LEU I 618 19.48 -34.91 41.77
#